data_9JKA
#
_entry.id   9JKA
#
_cell.length_a   1.00
_cell.length_b   1.00
_cell.length_c   1.00
_cell.angle_alpha   90.00
_cell.angle_beta   90.00
_cell.angle_gamma   90.00
#
_symmetry.space_group_name_H-M   'P 1'
#
_entity_poly.entity_id   1
_entity_poly.type   'polypeptide(L)'
_entity_poly.pdbx_seq_one_letter_code
;GPSRATMDTESQYSGYSYKSGHSRSSRKHRDRRDRHRSKSRDGGRGDKSVTIQAPGEPLLDNESTRGDERDDNWGETTTV
VTGTSEHSISHDDLTRIAKDMEDSVPLDCSRHLGVAAGATLALLSFLTPLAFLLLPPLLWREELEPCGTACEGLFISVAF
KLLILLLGSWALFFRRPKASLPRVFVLRALLMVLVFLLVVSYWLFYGVRILDARERSYQGVVQFAVSLVDALLFVHYLAV
VLLELRQLQPQFTLKVVRSTDGASRFYNVGHLSIQRVAVWILEKYYHDFPVYNPALLNLPKSVLAKKVSGFKVYSLGEEN
STNNSTGQSRAVIAAAARRRDNSHNEYYYEEAEHERRVRKRRARLVVAVEEAFTHIKRLQEEEQKNPREVMDPREAAQAI
FASMARAMQKYLRTTKQQPYHTMESILQHLEFCITHDMTPKAFLERYLAAGPTIQYHKERWLAKQWTLVSEEPVTNGLKD
GIVFLLKRQDFSLVVSTKKVPFFKLSEEFVDPKSHKFVMRLQSETSV
;
_entity_poly.pdbx_strand_id   A,B,C,D,E,F
#
# COMPACT_ATOMS: atom_id res chain seq x y z
N VAL A 115 53.25 -20.34 31.27
CA VAL A 115 53.58 -18.95 31.02
C VAL A 115 54.71 -18.54 31.95
N ALA A 116 54.96 -19.36 32.98
CA ALA A 116 56.06 -19.09 33.89
C ALA A 116 57.40 -19.44 33.26
N ALA A 117 57.41 -20.40 32.34
CA ALA A 117 58.63 -20.77 31.64
C ALA A 117 59.08 -19.66 30.69
N GLY A 118 58.12 -18.94 30.12
CA GLY A 118 58.47 -17.80 29.27
C GLY A 118 59.09 -16.66 30.06
N ALA A 119 58.57 -16.39 31.26
CA ALA A 119 59.17 -15.37 32.11
C ALA A 119 60.53 -15.82 32.63
N THR A 120 60.70 -17.12 32.87
CA THR A 120 62.00 -17.65 33.28
C THR A 120 63.03 -17.51 32.17
N LEU A 121 62.64 -17.82 30.93
CA LEU A 121 63.52 -17.65 29.78
C LEU A 121 63.84 -16.18 29.53
N ALA A 122 62.87 -15.29 29.76
CA ALA A 122 63.10 -13.86 29.57
C ALA A 122 64.08 -13.32 30.60
N LEU A 123 63.91 -13.71 31.87
CA LEU A 123 64.81 -13.24 32.92
C LEU A 123 66.21 -13.82 32.75
N LEU A 124 66.29 -15.10 32.37
CA LEU A 124 67.59 -15.74 32.14
C LEU A 124 68.30 -15.12 30.94
N SER A 125 67.56 -14.83 29.87
CA SER A 125 68.15 -14.23 28.68
C SER A 125 68.56 -12.79 28.93
N PHE A 126 67.87 -12.09 29.83
CA PHE A 126 68.32 -10.73 30.14
C PHE A 126 69.54 -10.73 31.05
N LEU A 127 69.61 -11.67 31.99
CA LEU A 127 70.72 -11.69 32.94
C LEU A 127 71.96 -12.40 32.41
N THR A 128 71.83 -13.21 31.36
CA THR A 128 72.98 -13.93 30.83
C THR A 128 74.10 -13.07 30.23
N PRO A 129 73.86 -11.98 29.46
CA PRO A 129 75.01 -11.16 29.06
C PRO A 129 75.67 -10.43 30.20
N LEU A 130 74.89 -9.98 31.18
CA LEU A 130 75.46 -9.34 32.36
C LEU A 130 76.27 -10.31 33.19
N ALA A 131 75.84 -11.58 33.25
CA ALA A 131 76.64 -12.60 33.91
C ALA A 131 77.93 -12.87 33.14
N PHE A 132 77.85 -12.92 31.81
CA PHE A 132 79.04 -13.18 30.99
C PHE A 132 80.04 -12.03 31.07
N LEU A 133 79.56 -10.81 31.31
CA LEU A 133 80.48 -9.70 31.50
C LEU A 133 81.00 -9.55 32.92
N LEU A 134 80.22 -9.95 33.93
CA LEU A 134 80.59 -9.67 35.30
C LEU A 134 81.22 -10.85 36.03
N LEU A 135 81.19 -12.06 35.48
CA LEU A 135 81.92 -13.13 36.16
C LEU A 135 83.45 -13.07 36.06
N PRO A 136 84.11 -12.69 34.96
CA PRO A 136 85.60 -12.61 34.97
C PRO A 136 86.16 -11.52 35.87
N PRO A 137 85.57 -10.31 36.01
CA PRO A 137 86.11 -9.40 37.04
C PRO A 137 85.83 -9.83 38.47
N LEU A 138 84.82 -10.68 38.71
CA LEU A 138 84.55 -11.10 40.08
C LEU A 138 85.32 -12.37 40.46
N LEU A 139 85.68 -13.21 39.50
CA LEU A 139 86.31 -14.47 39.86
C LEU A 139 87.82 -14.46 39.67
N TRP A 140 88.32 -14.13 38.46
CA TRP A 140 89.75 -13.99 38.24
C TRP A 140 90.02 -12.56 37.76
N ARG A 141 90.20 -11.65 38.70
CA ARG A 141 90.45 -10.26 38.31
C ARG A 141 91.93 -10.01 38.01
N GLU A 142 92.83 -10.47 38.90
CA GLU A 142 94.25 -10.24 38.68
C GLU A 142 94.82 -11.15 37.60
N GLU A 143 94.21 -12.32 37.39
CA GLU A 143 94.58 -13.18 36.28
C GLU A 143 94.17 -12.59 34.94
N LEU A 144 93.13 -11.74 34.94
CA LEU A 144 92.53 -11.24 33.71
C LEU A 144 93.47 -10.26 33.00
N GLU A 145 93.57 -10.40 31.68
CA GLU A 145 94.40 -9.51 30.90
C GLU A 145 93.72 -8.14 30.76
N PRO A 146 94.45 -7.05 30.88
CA PRO A 146 93.87 -5.74 30.59
C PRO A 146 93.71 -5.54 29.09
N CYS A 147 92.60 -4.91 28.70
CA CYS A 147 92.31 -4.65 27.30
C CYS A 147 91.93 -3.18 27.13
N GLY A 148 92.05 -2.70 25.90
CA GLY A 148 91.93 -1.29 25.63
C GLY A 148 90.53 -0.74 25.60
N THR A 149 90.34 0.33 24.82
CA THR A 149 89.05 1.02 24.75
C THR A 149 88.02 0.27 23.91
N ALA A 150 88.45 -0.74 23.14
CA ALA A 150 87.51 -1.54 22.38
C ALA A 150 86.56 -2.31 23.30
N CYS A 151 87.08 -2.79 24.43
CA CYS A 151 86.25 -3.48 25.42
C CYS A 151 85.19 -2.55 26.00
N GLU A 152 85.57 -1.32 26.35
CA GLU A 152 84.62 -0.39 26.95
C GLU A 152 83.59 0.11 25.94
N GLY A 153 84.00 0.30 24.69
CA GLY A 153 83.03 0.60 23.65
C GLY A 153 82.04 -0.53 23.43
N LEU A 154 82.52 -1.77 23.54
CA LEU A 154 81.59 -2.89 23.46
C LEU A 154 80.71 -3.00 24.71
N PHE A 155 81.19 -2.52 25.87
CA PHE A 155 80.31 -2.43 27.04
C PHE A 155 79.17 -1.44 26.80
N ILE A 156 79.48 -0.31 26.15
CA ILE A 156 78.46 0.67 25.79
C ILE A 156 77.46 0.06 24.81
N SER A 157 77.96 -0.72 23.84
CA SER A 157 77.07 -1.38 22.89
C SER A 157 76.18 -2.42 23.57
N VAL A 158 76.74 -3.18 24.52
CA VAL A 158 75.94 -4.13 25.29
C VAL A 158 74.85 -3.44 26.08
N ALA A 159 75.19 -2.30 26.71
CA ALA A 159 74.21 -1.57 27.53
C ALA A 159 73.05 -1.03 26.68
N PHE A 160 73.37 -0.39 25.55
CA PHE A 160 72.31 0.18 24.73
C PHE A 160 71.51 -0.89 24.00
N LYS A 161 72.15 -1.97 23.56
CA LYS A 161 71.41 -3.03 22.88
C LYS A 161 70.55 -3.83 23.86
N LEU A 162 70.97 -3.94 25.12
CA LEU A 162 70.11 -4.57 26.12
C LEU A 162 68.93 -3.66 26.47
N LEU A 163 69.13 -2.34 26.43
CA LEU A 163 67.99 -1.44 26.62
C LEU A 163 67.00 -1.54 25.45
N ILE A 164 67.52 -1.69 24.23
CA ILE A 164 66.67 -1.91 23.05
C ILE A 164 65.90 -3.21 23.16
N LEU A 165 66.57 -4.28 23.62
CA LEU A 165 65.93 -5.58 23.78
C LEU A 165 64.85 -5.54 24.85
N LEU A 166 65.12 -4.81 25.96
CA LEU A 166 64.14 -4.70 27.03
C LEU A 166 62.92 -3.89 26.59
N LEU A 167 63.13 -2.80 25.84
CA LEU A 167 62.00 -2.00 25.39
C LEU A 167 61.19 -2.72 24.32
N GLY A 168 61.84 -3.50 23.45
CA GLY A 168 61.10 -4.25 22.46
C GLY A 168 60.31 -5.40 23.06
N SER A 169 60.91 -6.12 24.01
CA SER A 169 60.19 -7.18 24.69
C SER A 169 59.08 -6.64 25.58
N TRP A 170 59.23 -5.41 26.08
CA TRP A 170 58.12 -4.76 26.76
C TRP A 170 57.01 -4.42 25.78
N ALA A 171 57.37 -3.89 24.60
CA ALA A 171 56.37 -3.38 23.68
C ALA A 171 55.56 -4.49 23.05
N LEU A 172 56.15 -5.65 22.82
CA LEU A 172 55.42 -6.69 22.12
C LEU A 172 55.15 -7.96 22.91
N PHE A 173 55.91 -8.26 23.95
CA PHE A 173 55.82 -9.58 24.55
C PHE A 173 55.57 -9.57 26.05
N PHE A 174 55.54 -8.42 26.70
CA PHE A 174 55.16 -8.36 28.11
C PHE A 174 53.69 -7.99 28.24
N ARG A 175 52.85 -8.90 27.75
CA ARG A 175 51.41 -8.71 27.76
C ARG A 175 50.74 -10.05 28.05
N ARG A 176 49.51 -9.97 28.54
CA ARG A 176 48.75 -11.16 28.88
C ARG A 176 48.33 -11.90 27.61
N PRO A 177 48.21 -13.23 27.66
CA PRO A 177 47.72 -13.99 26.51
C PRO A 177 46.27 -13.66 26.23
N LYS A 178 45.97 -13.39 24.96
CA LYS A 178 44.63 -12.96 24.58
C LYS A 178 43.70 -14.15 24.40
N ALA A 179 44.23 -15.36 24.37
CA ALA A 179 43.43 -16.54 24.12
C ALA A 179 44.08 -17.77 24.73
N SER A 180 43.25 -18.78 24.96
CA SER A 180 43.70 -20.10 25.36
C SER A 180 43.46 -21.06 24.20
N LEU A 181 44.49 -21.43 23.53
CA LEU A 181 44.40 -22.28 22.36
C LEU A 181 44.25 -23.75 22.78
N PRO A 182 43.50 -24.53 22.00
CA PRO A 182 43.30 -25.94 22.39
C PRO A 182 44.54 -26.79 22.25
N ARG A 183 45.43 -26.46 21.33
CA ARG A 183 46.72 -27.13 21.22
C ARG A 183 47.83 -26.11 21.42
N VAL A 184 49.06 -26.56 21.22
CA VAL A 184 50.23 -25.74 21.48
C VAL A 184 50.34 -24.66 20.41
N PHE A 185 50.72 -23.46 20.83
CA PHE A 185 51.10 -22.41 19.90
C PHE A 185 52.40 -22.87 19.24
N VAL A 186 52.37 -23.19 17.94
CA VAL A 186 53.51 -23.85 17.33
C VAL A 186 54.69 -22.89 17.18
N LEU A 187 54.43 -21.67 16.71
CA LEU A 187 55.51 -20.74 16.48
C LEU A 187 56.06 -20.17 17.78
N ARG A 188 55.20 -19.98 18.79
CA ARG A 188 55.69 -19.47 20.07
C ARG A 188 56.49 -20.54 20.81
N ALA A 189 56.08 -21.81 20.70
CA ALA A 189 56.90 -22.89 21.26
C ALA A 189 58.20 -23.04 20.50
N LEU A 190 58.19 -22.81 19.18
CA LEU A 190 59.43 -22.78 18.41
C LEU A 190 60.36 -21.68 18.89
N LEU A 191 59.81 -20.50 19.17
CA LEU A 191 60.61 -19.40 19.68
C LEU A 191 61.15 -19.68 21.08
N MET A 192 60.36 -20.33 21.93
CA MET A 192 60.82 -20.63 23.28
C MET A 192 61.91 -21.70 23.26
N VAL A 193 61.77 -22.69 22.39
CA VAL A 193 62.82 -23.69 22.20
C VAL A 193 64.07 -23.05 21.62
N LEU A 194 63.92 -22.06 20.73
CA LEU A 194 65.09 -21.40 20.16
C LEU A 194 65.81 -20.54 21.19
N VAL A 195 65.06 -19.79 22.01
CA VAL A 195 65.64 -19.03 23.12
C VAL A 195 66.34 -19.96 24.10
N PHE A 196 65.70 -21.08 24.42
CA PHE A 196 66.26 -22.03 25.39
C PHE A 196 67.55 -22.65 24.88
N LEU A 197 67.54 -23.14 23.63
CA LEU A 197 68.72 -23.79 23.08
C LEU A 197 69.85 -22.80 22.84
N LEU A 198 69.51 -21.56 22.45
CA LEU A 198 70.53 -20.53 22.26
C LEU A 198 71.20 -20.17 23.57
N VAL A 199 70.40 -19.85 24.60
CA VAL A 199 70.97 -19.40 25.87
C VAL A 199 71.68 -20.55 26.59
N VAL A 200 71.14 -21.77 26.50
CA VAL A 200 71.80 -22.93 27.09
C VAL A 200 73.11 -23.25 26.36
N SER A 201 73.17 -23.06 25.04
CA SER A 201 74.41 -23.32 24.32
C SER A 201 75.47 -22.26 24.63
N TYR A 202 75.05 -21.00 24.78
CA TYR A 202 75.99 -19.96 25.21
C TYR A 202 76.48 -20.20 26.64
N TRP A 203 75.60 -20.69 27.52
CA TRP A 203 76.04 -21.04 28.88
C TRP A 203 77.01 -22.22 28.88
N LEU A 204 76.75 -23.23 28.04
CA LEU A 204 77.62 -24.40 27.99
C LEU A 204 78.99 -24.04 27.45
N PHE A 205 79.04 -23.21 26.40
CA PHE A 205 80.33 -22.79 25.86
C PHE A 205 81.07 -21.89 26.84
N TYR A 206 80.35 -20.97 27.49
CA TYR A 206 80.97 -20.08 28.47
C TYR A 206 81.49 -20.85 29.68
N GLY A 207 80.81 -21.95 30.04
CA GLY A 207 81.29 -22.78 31.12
C GLY A 207 82.52 -23.57 30.72
N VAL A 208 82.42 -24.36 29.64
CA VAL A 208 83.48 -25.32 29.35
C VAL A 208 84.67 -24.72 28.62
N ARG A 209 84.59 -23.46 28.14
CA ARG A 209 85.71 -22.87 27.44
C ARG A 209 86.15 -21.50 27.95
N ILE A 210 85.38 -20.87 28.84
CA ILE A 210 85.76 -19.59 29.43
C ILE A 210 85.82 -19.67 30.95
N LEU A 211 84.76 -20.20 31.57
CA LEU A 211 84.69 -20.21 33.03
C LEU A 211 85.60 -21.28 33.63
N ASP A 212 85.55 -22.51 33.10
CA ASP A 212 86.41 -23.57 33.62
C ASP A 212 87.85 -23.37 33.19
N ALA A 213 88.06 -22.92 31.95
CA ALA A 213 89.40 -22.72 31.42
C ALA A 213 90.08 -21.47 31.95
N ARG A 214 89.32 -20.57 32.60
CA ARG A 214 89.79 -19.28 33.14
C ARG A 214 90.44 -18.44 32.04
N GLU A 215 89.59 -18.04 31.10
CA GLU A 215 90.02 -17.30 29.91
C GLU A 215 90.62 -15.94 30.29
N ARG A 216 91.79 -15.66 29.73
CA ARG A 216 92.50 -14.43 30.02
C ARG A 216 92.14 -13.31 29.04
N SER A 217 91.89 -13.65 27.78
CA SER A 217 91.56 -12.66 26.75
C SER A 217 90.14 -12.15 27.01
N TYR A 218 90.03 -11.05 27.74
CA TYR A 218 88.74 -10.49 28.12
C TYR A 218 88.03 -9.83 26.95
N GLN A 219 88.78 -9.41 25.92
CA GLN A 219 88.18 -8.86 24.71
C GLN A 219 87.33 -9.90 24.00
N GLY A 220 87.78 -11.16 23.99
CA GLY A 220 86.98 -12.23 23.44
C GLY A 220 85.71 -12.50 24.22
N VAL A 221 85.77 -12.36 25.54
CA VAL A 221 84.59 -12.56 26.39
C VAL A 221 83.57 -11.44 26.15
N VAL A 222 84.05 -10.21 25.98
CA VAL A 222 83.13 -9.10 25.77
C VAL A 222 82.53 -9.16 24.36
N GLN A 223 83.33 -9.56 23.36
CA GLN A 223 82.79 -9.82 22.02
C GLN A 223 81.79 -10.96 22.01
N PHE A 224 82.03 -11.96 22.86
CA PHE A 224 81.10 -13.08 23.03
C PHE A 224 79.76 -12.60 23.60
N ALA A 225 79.81 -11.68 24.57
CA ALA A 225 78.59 -11.10 25.10
C ALA A 225 77.88 -10.20 24.09
N VAL A 226 78.65 -9.47 23.28
CA VAL A 226 78.08 -8.66 22.20
C VAL A 226 77.35 -9.54 21.19
N SER A 227 77.96 -10.67 20.82
CA SER A 227 77.31 -11.60 19.92
C SER A 227 76.07 -12.23 20.54
N LEU A 228 76.08 -12.44 21.86
CA LEU A 228 74.88 -12.93 22.54
C LEU A 228 73.74 -11.92 22.50
N VAL A 229 74.03 -10.65 22.73
CA VAL A 229 72.97 -9.65 22.71
C VAL A 229 72.46 -9.43 21.29
N ASP A 230 73.36 -9.49 20.29
CA ASP A 230 72.94 -9.43 18.89
C ASP A 230 72.06 -10.62 18.52
N ALA A 231 72.39 -11.82 19.04
CA ALA A 231 71.57 -12.98 18.78
C ALA A 231 70.22 -12.89 19.46
N LEU A 232 70.15 -12.29 20.65
CA LEU A 232 68.85 -12.13 21.31
C LEU A 232 67.98 -11.11 20.60
N LEU A 233 68.58 -10.03 20.10
CA LEU A 233 67.82 -9.07 19.29
C LEU A 233 67.37 -9.68 17.97
N PHE A 234 68.17 -10.57 17.40
CA PHE A 234 67.74 -11.26 16.18
C PHE A 234 66.66 -12.31 16.46
N VAL A 235 66.67 -12.93 17.65
CA VAL A 235 65.58 -13.83 18.02
C VAL A 235 64.30 -13.03 18.26
N HIS A 236 64.42 -11.82 18.83
CA HIS A 236 63.26 -10.94 18.98
C HIS A 236 62.70 -10.52 17.63
N TYR A 237 63.60 -10.22 16.68
CA TYR A 237 63.17 -9.90 15.33
C TYR A 237 62.50 -11.09 14.65
N LEU A 238 63.04 -12.29 14.84
CA LEU A 238 62.41 -13.51 14.32
C LEU A 238 61.06 -13.77 14.99
N ALA A 239 60.92 -13.39 16.25
CA ALA A 239 59.65 -13.53 16.93
C ALA A 239 58.60 -12.60 16.35
N VAL A 240 59.00 -11.39 16.00
CA VAL A 240 58.08 -10.46 15.34
C VAL A 240 57.73 -10.96 13.94
N VAL A 241 58.70 -11.54 13.24
CA VAL A 241 58.46 -12.07 11.89
C VAL A 241 57.49 -13.26 11.94
N LEU A 242 57.72 -14.19 12.86
CA LEU A 242 56.89 -15.39 12.93
C LEU A 242 55.50 -15.09 13.48
N LEU A 243 55.42 -14.28 14.54
CA LEU A 243 54.14 -14.14 15.23
C LEU A 243 53.27 -13.03 14.64
N GLU A 244 53.86 -12.02 14.03
CA GLU A 244 53.05 -10.89 13.60
C GLU A 244 53.18 -10.54 12.13
N LEU A 245 54.34 -10.72 11.53
CA LEU A 245 54.56 -10.27 10.17
C LEU A 245 54.18 -11.32 9.13
N ARG A 246 54.08 -12.59 9.55
CA ARG A 246 53.80 -13.67 8.60
C ARG A 246 52.39 -13.59 8.04
N GLN A 247 51.43 -13.13 8.84
CA GLN A 247 50.04 -13.10 8.45
C GLN A 247 49.57 -11.74 7.94
N LEU A 248 50.48 -10.81 7.67
CA LEU A 248 50.04 -9.53 7.14
C LEU A 248 49.61 -9.63 5.68
N GLN A 249 50.37 -10.36 4.89
CA GLN A 249 50.05 -10.55 3.48
C GLN A 249 48.84 -11.46 3.36
N PRO A 250 47.71 -10.98 2.82
CA PRO A 250 46.48 -11.78 2.80
C PRO A 250 46.57 -12.91 1.78
N GLN A 251 46.38 -14.13 2.27
CA GLN A 251 46.48 -15.33 1.45
C GLN A 251 45.15 -16.01 1.21
N PHE A 252 44.21 -15.89 2.13
CA PHE A 252 42.96 -16.63 2.07
C PHE A 252 41.79 -15.71 2.33
N THR A 253 40.65 -16.06 1.74
CA THR A 253 39.38 -15.41 2.03
C THR A 253 38.52 -16.37 2.82
N LEU A 254 38.05 -15.90 3.97
CA LEU A 254 37.23 -16.67 4.90
C LEU A 254 35.80 -16.20 4.78
N LYS A 255 34.89 -17.11 4.48
CA LYS A 255 33.46 -16.87 4.61
C LYS A 255 33.03 -17.40 5.96
N VAL A 256 32.56 -16.51 6.83
CA VAL A 256 32.13 -16.89 8.17
C VAL A 256 30.63 -16.65 8.25
N VAL A 257 29.87 -17.71 8.50
CA VAL A 257 28.41 -17.68 8.49
C VAL A 257 27.92 -18.26 9.80
N ARG A 258 27.02 -17.56 10.48
CA ARG A 258 26.34 -18.20 11.60
C ARG A 258 25.39 -19.26 11.11
N SER A 259 25.42 -20.42 11.77
CA SER A 259 24.61 -21.55 11.36
C SER A 259 23.13 -21.36 11.65
N THR A 260 22.74 -20.34 12.41
CA THR A 260 21.35 -20.13 12.81
C THR A 260 20.63 -19.11 11.94
N ASP A 261 21.16 -17.89 11.84
CA ASP A 261 20.49 -16.86 11.07
C ASP A 261 21.21 -16.49 9.78
N GLY A 262 22.38 -17.06 9.52
CA GLY A 262 23.05 -16.79 8.27
C GLY A 262 23.67 -15.42 8.15
N ALA A 263 24.02 -14.79 9.25
CA ALA A 263 24.85 -13.60 9.19
C ALA A 263 26.23 -13.98 8.68
N SER A 264 26.65 -13.37 7.58
CA SER A 264 27.86 -13.77 6.88
C SER A 264 28.77 -12.58 6.70
N ARG A 265 30.06 -12.76 6.99
CA ARG A 265 31.08 -11.78 6.64
C ARG A 265 32.23 -12.48 5.96
N PHE A 266 32.95 -11.75 5.12
CA PHE A 266 34.14 -12.30 4.49
C PHE A 266 35.36 -11.55 5.00
N TYR A 267 36.47 -12.25 5.09
CA TYR A 267 37.69 -11.67 5.62
C TYR A 267 38.87 -12.13 4.77
N ASN A 268 39.94 -11.34 4.78
CA ASN A 268 41.23 -11.77 4.26
C ASN A 268 42.16 -12.07 5.41
N VAL A 269 42.76 -13.25 5.38
CA VAL A 269 43.67 -13.69 6.42
C VAL A 269 44.95 -14.16 5.75
N GLY A 270 46.05 -14.12 6.49
CA GLY A 270 47.33 -14.57 6.00
C GLY A 270 47.63 -15.98 6.40
N HIS A 271 48.92 -16.32 6.39
CA HIS A 271 49.37 -17.64 6.82
C HIS A 271 49.27 -17.75 8.33
N LEU A 272 48.21 -18.37 8.81
CA LEU A 272 48.05 -18.70 10.21
C LEU A 272 47.57 -20.14 10.31
N SER A 273 47.77 -20.73 11.49
CA SER A 273 47.18 -22.02 11.77
C SER A 273 45.67 -21.87 11.97
N ILE A 274 44.98 -23.00 12.05
CA ILE A 274 43.52 -22.99 12.13
C ILE A 274 43.04 -22.43 13.48
N GLN A 275 43.79 -22.68 14.55
CA GLN A 275 43.40 -22.16 15.86
C GLN A 275 43.65 -20.65 15.96
N ARG A 276 44.70 -20.15 15.33
CA ARG A 276 44.96 -18.71 15.36
C ARG A 276 43.98 -17.97 14.46
N VAL A 277 43.62 -18.56 13.32
CA VAL A 277 42.54 -18.05 12.48
C VAL A 277 41.23 -18.06 13.25
N ALA A 278 41.01 -19.08 14.08
CA ALA A 278 39.78 -19.16 14.86
C ALA A 278 39.68 -18.05 15.89
N VAL A 279 40.79 -17.77 16.60
CA VAL A 279 40.81 -16.67 17.56
C VAL A 279 40.66 -15.33 16.85
N TRP A 280 41.26 -15.21 15.67
CA TRP A 280 41.14 -14.01 14.84
C TRP A 280 39.70 -13.76 14.42
N ILE A 281 38.99 -14.83 14.03
CA ILE A 281 37.58 -14.74 13.65
C ILE A 281 36.72 -14.42 14.86
N LEU A 282 37.07 -14.94 16.03
CA LEU A 282 36.29 -14.61 17.22
C LEU A 282 36.50 -13.17 17.66
N GLU A 283 37.68 -12.60 17.38
CA GLU A 283 37.89 -11.18 17.60
C GLU A 283 37.09 -10.34 16.61
N LYS A 284 36.96 -10.82 15.37
CA LYS A 284 36.12 -10.12 14.41
C LYS A 284 34.63 -10.30 14.70
N TYR A 285 34.26 -11.39 15.35
CA TYR A 285 32.85 -11.75 15.50
C TYR A 285 32.13 -10.83 16.46
N TYR A 286 32.79 -10.44 17.55
CA TYR A 286 32.11 -9.67 18.58
C TYR A 286 31.81 -8.24 18.17
N HIS A 287 32.41 -7.75 17.08
CA HIS A 287 32.03 -6.44 16.60
C HIS A 287 31.52 -6.43 15.16
N ASP A 288 31.59 -7.54 14.43
CA ASP A 288 31.11 -7.56 13.06
C ASP A 288 29.72 -8.14 12.89
N PHE A 289 29.43 -9.28 13.51
CA PHE A 289 28.11 -9.85 13.28
C PHE A 289 27.12 -9.18 14.23
N PRO A 290 25.83 -9.19 13.91
CA PRO A 290 24.83 -8.84 14.92
C PRO A 290 24.82 -9.87 16.05
N VAL A 291 24.29 -9.45 17.19
CA VAL A 291 24.24 -10.31 18.37
C VAL A 291 23.28 -11.46 18.11
N TYR A 292 23.61 -12.63 18.65
CA TYR A 292 22.76 -13.79 18.46
C TYR A 292 21.47 -13.63 19.23
N ASN A 293 20.36 -13.90 18.55
CA ASN A 293 19.03 -13.78 19.16
C ASN A 293 18.27 -15.07 18.90
N PRO A 294 18.15 -15.94 19.90
CA PRO A 294 17.37 -17.17 19.72
C PRO A 294 15.87 -16.94 19.69
N ALA A 295 15.41 -15.73 20.03
CA ALA A 295 14.01 -15.37 19.91
C ALA A 295 13.62 -14.95 18.50
N LEU A 296 14.55 -14.95 17.56
CA LEU A 296 14.24 -14.63 16.17
C LEU A 296 14.23 -15.89 15.32
N VAL A 332 5.84 -37.30 -5.94
CA VAL A 332 5.31 -37.41 -4.59
C VAL A 332 5.67 -36.18 -3.78
N ILE A 333 6.98 -35.96 -3.59
CA ILE A 333 7.43 -34.84 -2.76
C ILE A 333 7.38 -33.54 -3.54
N ALA A 334 7.73 -33.59 -4.83
CA ALA A 334 7.67 -32.40 -5.67
C ALA A 334 6.24 -31.97 -5.95
N ALA A 335 5.32 -32.94 -5.97
CA ALA A 335 3.90 -32.60 -6.14
C ALA A 335 3.34 -31.91 -4.91
N ALA A 336 3.75 -32.36 -3.72
CA ALA A 336 3.35 -31.69 -2.49
C ALA A 336 3.99 -30.31 -2.39
N ALA A 337 5.21 -30.15 -2.90
CA ALA A 337 5.85 -28.84 -2.92
C ALA A 337 5.15 -27.90 -3.89
N ARG A 338 4.68 -28.42 -5.03
CA ARG A 338 3.92 -27.60 -5.97
C ARG A 338 2.55 -27.22 -5.39
N ARG A 339 1.94 -28.13 -4.64
CA ARG A 339 0.67 -27.83 -3.99
C ARG A 339 0.84 -26.81 -2.87
N ARG A 340 1.95 -26.87 -2.14
CA ARG A 340 2.18 -25.94 -1.05
C ARG A 340 2.60 -24.57 -1.55
N ASP A 341 3.42 -24.51 -2.61
CA ASP A 341 3.87 -23.23 -3.13
C ASP A 341 2.77 -22.50 -3.90
N ASN A 342 1.68 -23.18 -4.23
CA ASN A 342 0.54 -22.53 -4.84
C ASN A 342 -0.51 -22.10 -3.83
N SER A 343 -0.28 -22.32 -2.54
CA SER A 343 -1.23 -21.98 -1.50
C SER A 343 -1.12 -20.50 -1.15
N HIS A 344 -1.77 -20.09 -0.06
CA HIS A 344 -1.69 -18.70 0.37
C HIS A 344 -0.32 -18.39 0.95
N ASN A 345 0.27 -17.29 0.49
CA ASN A 345 1.62 -16.91 0.90
C ASN A 345 1.52 -16.22 2.26
N GLU A 346 1.37 -17.03 3.30
CA GLU A 346 1.15 -16.53 4.65
C GLU A 346 2.39 -15.81 5.20
N TYR A 347 3.58 -16.32 4.88
CA TYR A 347 4.81 -15.76 5.42
C TYR A 347 5.10 -14.38 4.86
N TYR A 348 4.73 -14.13 3.59
CA TYR A 348 4.88 -12.81 3.00
C TYR A 348 4.08 -11.76 3.74
N TYR A 349 2.82 -12.07 4.04
CA TYR A 349 1.99 -11.08 4.71
C TYR A 349 2.33 -10.96 6.19
N GLU A 350 2.76 -12.05 6.83
CA GLU A 350 3.25 -11.93 8.21
C GLU A 350 4.52 -11.11 8.28
N GLU A 351 5.39 -11.23 7.27
CA GLU A 351 6.60 -10.41 7.21
C GLU A 351 6.27 -8.95 6.98
N ALA A 352 5.29 -8.66 6.11
CA ALA A 352 4.88 -7.28 5.87
C ALA A 352 4.22 -6.67 7.10
N GLU A 353 3.40 -7.45 7.81
CA GLU A 353 2.81 -7.00 9.08
C GLU A 353 3.88 -6.72 10.12
N HIS A 354 4.89 -7.58 10.20
CA HIS A 354 5.95 -7.38 11.18
C HIS A 354 6.78 -6.15 10.86
N GLU A 355 7.10 -5.94 9.58
CA GLU A 355 7.86 -4.73 9.20
C GLU A 355 7.05 -3.46 9.45
N ARG A 356 5.74 -3.52 9.18
CA ARG A 356 4.87 -2.36 9.41
C ARG A 356 4.75 -2.03 10.89
N ARG A 357 4.56 -3.05 11.73
CA ARG A 357 4.42 -2.76 13.16
C ARG A 357 5.75 -2.39 13.80
N VAL A 358 6.88 -2.89 13.25
CA VAL A 358 8.18 -2.44 13.74
C VAL A 358 8.41 -0.98 13.37
N ARG A 359 8.00 -0.57 12.17
CA ARG A 359 8.12 0.85 11.80
C ARG A 359 7.21 1.73 12.65
N LYS A 360 6.02 1.24 13.00
CA LYS A 360 5.11 2.04 13.83
C LYS A 360 5.64 2.18 15.26
N ARG A 361 6.11 1.08 15.86
CA ARG A 361 6.68 1.16 17.21
C ARG A 361 7.97 1.97 17.19
N ARG A 362 8.71 1.94 16.09
CA ARG A 362 9.92 2.74 15.95
C ARG A 362 9.58 4.23 15.90
N ALA A 363 8.50 4.58 15.19
CA ALA A 363 8.10 5.99 15.12
C ALA A 363 7.61 6.49 16.47
N ARG A 364 6.84 5.65 17.19
CA ARG A 364 6.44 5.99 18.56
C ARG A 364 7.65 6.17 19.46
N LEU A 365 8.67 5.32 19.30
CA LEU A 365 9.88 5.42 20.11
C LEU A 365 10.69 6.67 19.78
N VAL A 366 10.76 7.04 18.51
CA VAL A 366 11.51 8.24 18.11
C VAL A 366 10.84 9.49 18.66
N VAL A 367 9.50 9.57 18.56
CA VAL A 367 8.77 10.72 19.11
C VAL A 367 8.89 10.75 20.63
N ALA A 368 8.87 9.58 21.28
CA ALA A 368 8.97 9.50 22.73
C ALA A 368 10.33 9.95 23.22
N VAL A 369 11.41 9.54 22.55
CA VAL A 369 12.74 9.89 23.02
C VAL A 369 13.07 11.34 22.67
N GLU A 370 12.52 11.88 21.57
CA GLU A 370 12.68 13.31 21.30
C GLU A 370 11.98 14.17 22.35
N GLU A 371 10.71 13.85 22.64
CA GLU A 371 9.98 14.60 23.67
C GLU A 371 10.55 14.34 25.07
N ALA A 372 11.24 13.22 25.25
CA ALA A 372 11.93 12.98 26.51
C ALA A 372 13.18 13.85 26.66
N PHE A 373 13.97 13.97 25.58
CA PHE A 373 15.20 14.75 25.72
C PHE A 373 14.92 16.24 25.70
N THR A 374 13.73 16.65 25.25
CA THR A 374 13.36 18.06 25.41
C THR A 374 12.92 18.40 26.83
N HIS A 375 12.93 17.45 27.76
CA HIS A 375 12.57 17.75 29.15
C HIS A 375 13.75 18.22 29.99
N ILE A 376 14.97 18.25 29.45
CA ILE A 376 16.14 18.68 30.20
C ILE A 376 16.98 19.62 29.34
N LYS A 377 17.92 20.30 30.01
CA LYS A 377 18.79 21.28 29.39
C LYS A 377 20.04 21.38 30.24
N ARG A 378 21.16 21.78 29.61
CA ARG A 378 22.42 21.98 30.33
C ARG A 378 22.29 23.10 31.35
N LEU A 379 23.23 23.12 32.30
CA LEU A 379 23.29 24.19 33.28
C LEU A 379 24.73 24.69 33.44
N VAL A 390 19.84 22.47 39.77
CA VAL A 390 20.90 21.47 39.85
C VAL A 390 20.29 20.07 39.90
N MET A 391 20.83 19.18 39.06
CA MET A 391 20.34 17.82 38.91
C MET A 391 21.40 16.97 38.22
N ASP A 392 21.72 15.82 38.82
CA ASP A 392 22.73 14.92 38.29
C ASP A 392 22.28 14.32 36.97
N PRO A 393 23.22 13.89 36.12
CA PRO A 393 22.83 13.17 34.89
C PRO A 393 22.17 11.83 35.17
N ARG A 394 22.49 11.18 36.28
CA ARG A 394 21.72 10.01 36.70
C ARG A 394 20.29 10.39 37.06
N GLU A 395 20.12 11.48 37.81
CA GLU A 395 18.80 11.96 38.19
C GLU A 395 18.03 12.49 36.98
N ALA A 396 18.72 13.14 36.05
CA ALA A 396 18.05 13.64 34.85
C ALA A 396 17.64 12.50 33.93
N ALA A 397 18.48 11.47 33.82
CA ALA A 397 18.13 10.29 33.05
C ALA A 397 16.96 9.55 33.67
N GLN A 398 16.93 9.44 34.99
CA GLN A 398 15.81 8.81 35.68
C GLN A 398 14.54 9.64 35.54
N ALA A 399 14.68 10.97 35.44
CA ALA A 399 13.51 11.82 35.25
C ALA A 399 12.94 11.68 33.83
N ILE A 400 13.80 11.72 32.81
CA ILE A 400 13.32 11.65 31.44
C ILE A 400 13.08 10.23 30.96
N PHE A 401 13.39 9.22 31.76
CA PHE A 401 13.09 7.85 31.36
C PHE A 401 11.61 7.54 31.48
N ALA A 402 10.90 8.24 32.37
CA ALA A 402 9.48 7.95 32.60
C ALA A 402 8.63 8.34 31.41
N SER A 403 9.05 9.34 30.63
CA SER A 403 8.31 9.75 29.45
C SER A 403 8.66 8.92 28.21
N MET A 404 9.52 7.91 28.35
CA MET A 404 9.90 7.09 27.20
C MET A 404 9.98 5.60 27.52
N ALA A 405 9.69 5.18 28.75
CA ALA A 405 9.85 3.78 29.12
C ALA A 405 8.82 2.89 28.45
N ARG A 406 7.62 3.42 28.21
CA ARG A 406 6.55 2.62 27.64
C ARG A 406 6.80 2.34 26.16
N ALA A 407 7.21 3.36 25.42
CA ALA A 407 7.49 3.18 23.99
C ALA A 407 8.78 2.38 23.78
N MET A 408 9.76 2.53 24.67
CA MET A 408 10.95 1.69 24.63
C MET A 408 10.61 0.23 24.91
N GLN A 409 9.74 -0.01 25.89
CA GLN A 409 9.33 -1.37 26.21
C GLN A 409 8.54 -2.00 25.07
N LYS A 410 7.69 -1.20 24.40
CA LYS A 410 6.94 -1.72 23.25
C LYS A 410 7.84 -2.02 22.06
N TYR A 411 8.84 -1.16 21.81
CA TYR A 411 9.74 -1.42 20.70
C TYR A 411 10.67 -2.59 20.98
N LEU A 412 11.09 -2.77 22.23
CA LEU A 412 11.91 -3.93 22.54
C LEU A 412 11.08 -5.20 22.62
N ARG A 413 9.76 -5.11 22.83
CA ARG A 413 8.94 -6.30 22.70
C ARG A 413 8.71 -6.66 21.23
N THR A 414 8.49 -5.67 20.37
CA THR A 414 8.17 -6.00 18.98
C THR A 414 9.38 -6.40 18.15
N THR A 415 10.60 -6.16 18.63
CA THR A 415 11.81 -6.55 17.92
C THR A 415 12.58 -7.64 18.64
N LYS A 416 11.97 -8.26 19.66
CA LYS A 416 12.51 -9.41 20.39
C LYS A 416 13.84 -9.09 21.07
N GLN A 417 13.99 -7.85 21.54
CA GLN A 417 15.21 -7.40 22.17
C GLN A 417 15.01 -7.15 23.67
N GLN A 418 14.16 -7.95 24.32
CA GLN A 418 13.85 -7.69 25.73
C GLN A 418 15.00 -8.05 26.68
N PRO A 419 15.63 -9.23 26.64
CA PRO A 419 16.69 -9.50 27.64
C PRO A 419 18.02 -8.84 27.34
N TYR A 420 18.14 -8.08 26.24
CA TYR A 420 19.36 -7.37 25.95
C TYR A 420 19.47 -6.07 26.75
N HIS A 421 18.34 -5.49 27.11
CA HIS A 421 18.29 -4.16 27.70
C HIS A 421 17.47 -4.23 28.98
N THR A 422 18.15 -4.21 30.12
CA THR A 422 17.44 -4.03 31.37
C THR A 422 17.14 -2.55 31.57
N MET A 423 16.33 -2.24 32.59
CA MET A 423 16.02 -0.86 32.91
C MET A 423 17.26 -0.11 33.38
N GLU A 424 18.13 -0.79 34.13
CA GLU A 424 19.36 -0.15 34.61
C GLU A 424 20.33 0.13 33.47
N SER A 425 20.37 -0.75 32.47
CA SER A 425 21.25 -0.51 31.32
C SER A 425 20.75 0.65 30.48
N ILE A 426 19.43 0.78 30.33
CA ILE A 426 18.88 1.91 29.58
C ILE A 426 19.08 3.21 30.36
N LEU A 427 19.00 3.15 31.70
CA LEU A 427 19.28 4.34 32.50
C LEU A 427 20.75 4.75 32.43
N GLN A 428 21.66 3.78 32.45
CA GLN A 428 23.08 4.08 32.30
C GLN A 428 23.39 4.65 30.92
N HIS A 429 22.71 4.14 29.89
CA HIS A 429 22.96 4.67 28.56
C HIS A 429 22.31 6.03 28.34
N LEU A 430 21.20 6.30 29.03
CA LEU A 430 20.62 7.64 29.03
C LEU A 430 21.54 8.64 29.70
N GLU A 431 22.09 8.26 30.86
CA GLU A 431 23.07 9.10 31.55
C GLU A 431 24.31 9.33 30.70
N PHE A 432 24.72 8.28 29.97
CA PHE A 432 25.83 8.37 29.04
C PHE A 432 25.55 9.34 27.90
N CYS A 433 24.33 9.30 27.35
CA CYS A 433 24.01 10.14 26.21
C CYS A 433 23.81 11.59 26.61
N ILE A 434 23.14 11.85 27.73
CA ILE A 434 22.95 13.25 28.12
C ILE A 434 24.21 13.83 28.74
N THR A 435 25.13 12.99 29.23
CA THR A 435 26.42 13.50 29.70
C THR A 435 27.27 14.00 28.53
N HIS A 436 27.31 13.24 27.45
CA HIS A 436 28.16 13.57 26.30
C HIS A 436 27.40 14.32 25.21
N ASP A 437 26.25 14.91 25.54
CA ASP A 437 25.46 15.79 24.68
C ASP A 437 25.01 15.08 23.40
N MET A 438 24.57 13.83 23.54
CA MET A 438 24.09 13.06 22.41
C MET A 438 22.61 13.34 22.18
N THR A 439 22.22 13.39 20.91
CA THR A 439 20.85 13.66 20.50
C THR A 439 19.97 12.43 20.77
N PRO A 440 18.64 12.53 20.63
CA PRO A 440 17.80 11.32 20.74
C PRO A 440 18.12 10.23 19.72
N LYS A 441 18.56 10.57 18.51
CA LYS A 441 18.83 9.54 17.52
C LYS A 441 20.11 8.79 17.84
N ALA A 442 21.10 9.50 18.40
CA ALA A 442 22.32 8.89 18.88
C ALA A 442 22.08 8.06 20.14
N PHE A 443 21.03 8.35 20.89
CA PHE A 443 20.60 7.44 21.94
C PHE A 443 19.96 6.20 21.34
N LEU A 444 19.12 6.38 20.33
CA LEU A 444 18.32 5.28 19.81
C LEU A 444 19.09 4.31 18.93
N GLU A 445 20.28 4.68 18.44
CA GLU A 445 21.02 3.79 17.54
C GLU A 445 21.41 2.48 18.24
N ARG A 446 21.55 2.48 19.56
CA ARG A 446 21.77 1.26 20.31
C ARG A 446 20.56 0.34 20.32
N TYR A 447 19.36 0.89 20.15
CA TYR A 447 18.13 0.14 20.35
C TYR A 447 17.37 -0.17 19.08
N LEU A 448 17.55 0.60 18.01
CA LEU A 448 16.75 0.39 16.81
C LEU A 448 17.19 -0.86 16.06
N ALA A 449 18.49 -1.03 15.88
CA ALA A 449 19.04 -2.23 15.27
C ALA A 449 19.52 -3.19 16.35
N ALA A 450 19.86 -4.41 15.93
CA ALA A 450 20.32 -5.42 16.88
C ALA A 450 21.70 -5.07 17.44
N GLY A 451 22.67 -4.83 16.57
CA GLY A 451 23.99 -4.49 17.00
C GLY A 451 24.81 -5.69 17.40
N PRO A 452 26.12 -5.54 17.50
CA PRO A 452 27.01 -6.68 17.72
C PRO A 452 27.03 -7.13 19.18
N THR A 453 27.76 -8.22 19.41
CA THR A 453 27.71 -8.93 20.67
C THR A 453 28.46 -8.17 21.77
N ILE A 454 29.53 -7.46 21.42
CA ILE A 454 30.32 -6.78 22.43
C ILE A 454 29.62 -5.51 22.91
N GLN A 455 28.56 -5.10 22.22
CA GLN A 455 27.78 -3.94 22.65
C GLN A 455 27.01 -4.24 23.93
N TYR A 456 26.83 -5.51 24.27
CA TYR A 456 25.98 -5.91 25.36
C TYR A 456 26.79 -6.40 26.56
N HIS A 457 26.08 -6.95 27.54
CA HIS A 457 26.67 -7.27 28.83
C HIS A 457 27.56 -8.50 28.73
N LYS A 458 28.52 -8.62 29.67
CA LYS A 458 29.54 -9.65 29.60
C LYS A 458 28.98 -11.06 29.85
N GLU A 459 27.80 -11.19 30.45
CA GLU A 459 27.19 -12.50 30.63
C GLU A 459 26.66 -13.07 29.32
N ARG A 460 26.59 -12.26 28.27
CA ARG A 460 26.08 -12.64 26.97
C ARG A 460 27.20 -12.92 25.98
N TRP A 461 28.42 -12.51 26.30
CA TRP A 461 29.56 -12.77 25.41
C TRP A 461 29.87 -14.25 25.37
N LEU A 462 30.11 -14.85 26.54
CA LEU A 462 30.45 -16.26 26.74
C LEU A 462 31.66 -16.67 25.90
N ALA A 463 32.71 -15.85 25.99
CA ALA A 463 33.90 -16.03 25.17
C ALA A 463 34.75 -17.21 25.61
N LYS A 464 34.51 -17.75 26.80
CA LYS A 464 35.23 -18.92 27.30
C LYS A 464 34.53 -20.22 26.96
N GLN A 465 33.54 -20.17 26.06
CA GLN A 465 32.73 -21.34 25.75
C GLN A 465 32.73 -21.66 24.27
N TRP A 466 33.78 -21.25 23.56
CA TRP A 466 33.89 -21.56 22.14
C TRP A 466 34.60 -22.89 21.95
N THR A 467 34.26 -23.57 20.84
CA THR A 467 34.77 -24.89 20.57
C THR A 467 35.20 -24.95 19.12
N LEU A 468 36.41 -25.44 18.87
CA LEU A 468 36.98 -25.48 17.53
C LEU A 468 36.83 -26.87 16.95
N VAL A 469 35.97 -27.01 15.95
CA VAL A 469 35.63 -28.29 15.35
C VAL A 469 36.22 -28.32 13.95
N SER A 470 37.28 -29.09 13.76
CA SER A 470 37.94 -29.17 12.48
C SER A 470 38.33 -30.62 12.19
N GLU A 471 38.18 -31.02 10.93
CA GLU A 471 38.61 -32.37 10.55
C GLU A 471 40.12 -32.45 10.41
N GLU A 472 40.76 -31.34 10.15
CA GLU A 472 42.20 -31.18 10.14
C GLU A 472 42.72 -30.92 11.55
N PRO A 473 43.91 -31.40 11.89
CA PRO A 473 44.52 -31.01 13.16
C PRO A 473 44.86 -29.53 13.15
N VAL A 474 44.44 -28.83 14.20
CA VAL A 474 44.27 -27.38 14.15
C VAL A 474 45.58 -26.61 14.23
N THR A 475 46.71 -27.28 14.35
CA THR A 475 47.99 -26.61 14.29
C THR A 475 48.51 -26.45 12.87
N ASN A 476 47.81 -27.00 11.88
CA ASN A 476 48.20 -26.80 10.49
C ASN A 476 47.63 -25.50 9.96
N GLY A 477 48.34 -24.92 9.00
CA GLY A 477 47.88 -23.71 8.36
C GLY A 477 46.68 -23.96 7.47
N LEU A 478 46.07 -22.86 7.05
CA LEU A 478 44.92 -22.96 6.16
C LEU A 478 45.36 -23.35 4.76
N LYS A 479 44.40 -23.89 4.01
CA LYS A 479 44.56 -24.14 2.58
C LYS A 479 43.19 -24.02 1.95
N ASP A 480 43.17 -24.10 0.61
CA ASP A 480 41.93 -23.94 -0.12
C ASP A 480 41.01 -25.12 0.13
N GLY A 481 39.90 -24.86 0.82
CA GLY A 481 38.92 -25.88 1.13
C GLY A 481 38.79 -26.24 2.59
N ILE A 482 39.52 -25.56 3.47
CA ILE A 482 39.39 -25.83 4.91
C ILE A 482 38.07 -25.28 5.40
N VAL A 483 37.27 -26.14 6.02
CA VAL A 483 36.03 -25.75 6.66
C VAL A 483 36.14 -26.13 8.13
N PHE A 484 35.90 -25.17 9.02
CA PHE A 484 35.87 -25.50 10.44
C PHE A 484 34.74 -24.74 11.12
N LEU A 485 34.30 -25.29 12.23
CA LEU A 485 33.22 -24.74 13.02
C LEU A 485 33.78 -24.09 14.27
N LEU A 486 33.22 -22.94 14.62
CA LEU A 486 33.42 -22.32 15.92
C LEU A 486 32.09 -22.48 16.64
N LYS A 487 31.94 -23.60 17.32
CA LYS A 487 30.69 -23.90 17.99
C LYS A 487 30.59 -23.19 19.33
N ARG A 488 29.35 -23.00 19.74
CA ARG A 488 29.00 -22.44 21.03
C ARG A 488 27.76 -23.25 21.44
N GLN A 489 27.25 -23.01 22.64
CA GLN A 489 26.06 -23.73 23.08
C GLN A 489 24.82 -23.29 22.31
N ASP A 490 24.88 -22.10 21.72
CA ASP A 490 23.71 -21.52 21.09
C ASP A 490 23.72 -21.70 19.59
N PHE A 491 24.89 -21.52 18.96
CA PHE A 491 25.00 -21.46 17.51
C PHE A 491 26.35 -22.01 17.10
N SER A 492 26.73 -21.79 15.85
CA SER A 492 28.03 -22.22 15.34
C SER A 492 28.44 -21.30 14.19
N LEU A 493 29.71 -20.90 14.19
CA LEU A 493 30.29 -20.12 13.11
C LEU A 493 30.93 -21.07 12.12
N VAL A 494 30.31 -21.23 10.96
CA VAL A 494 30.85 -22.08 9.91
C VAL A 494 31.81 -21.25 9.09
N VAL A 495 33.05 -21.69 8.98
CA VAL A 495 34.11 -20.93 8.32
C VAL A 495 34.60 -21.74 7.13
N SER A 496 34.48 -21.18 5.94
CA SER A 496 34.99 -21.74 4.70
C SER A 496 36.19 -20.94 4.24
N THR A 497 37.23 -21.64 3.81
CA THR A 497 38.47 -21.02 3.37
C THR A 497 38.62 -21.19 1.87
N LYS A 498 38.88 -20.09 1.16
CA LYS A 498 39.24 -20.14 -0.24
C LYS A 498 40.55 -19.41 -0.44
N LYS A 499 41.33 -19.85 -1.42
CA LYS A 499 42.59 -19.20 -1.73
C LYS A 499 42.31 -17.92 -2.50
N VAL A 500 42.98 -16.84 -2.11
CA VAL A 500 42.96 -15.60 -2.88
C VAL A 500 43.63 -15.88 -4.22
N PRO A 501 42.96 -15.64 -5.34
CA PRO A 501 43.46 -16.12 -6.63
C PRO A 501 44.66 -15.32 -7.13
N PHE A 502 45.43 -15.98 -7.98
CA PHE A 502 46.57 -15.35 -8.63
C PHE A 502 46.08 -14.30 -9.62
N PHE A 503 46.69 -13.13 -9.60
CA PHE A 503 46.31 -12.05 -10.50
C PHE A 503 47.38 -11.87 -11.57
N LYS A 504 46.95 -11.65 -12.79
CA LYS A 504 47.85 -11.25 -13.86
C LYS A 504 47.36 -9.90 -14.37
N LEU A 505 47.93 -8.82 -13.85
CA LEU A 505 47.65 -7.50 -14.37
C LEU A 505 48.45 -7.25 -15.64
N SER A 506 47.78 -6.67 -16.63
CA SER A 506 48.42 -6.10 -17.80
C SER A 506 48.29 -4.60 -17.71
N GLU A 507 49.14 -3.90 -18.44
CA GLU A 507 49.11 -2.44 -18.47
C GLU A 507 48.59 -1.99 -19.83
N GLU A 508 47.66 -1.04 -19.82
CA GLU A 508 47.12 -0.44 -21.03
C GLU A 508 47.20 1.07 -20.86
N PHE A 509 47.85 1.74 -21.81
CA PHE A 509 47.95 3.19 -21.78
C PHE A 509 46.86 3.79 -22.65
N VAL A 510 46.12 4.74 -22.08
CA VAL A 510 45.15 5.52 -22.83
C VAL A 510 45.63 6.96 -22.86
N ASP A 511 45.20 7.67 -23.87
CA ASP A 511 45.54 9.09 -23.97
C ASP A 511 44.35 9.91 -23.47
N PRO A 512 44.57 10.83 -22.52
CA PRO A 512 43.48 11.74 -22.13
C PRO A 512 43.01 12.66 -23.25
N LYS A 513 43.85 12.90 -24.26
CA LYS A 513 43.40 13.59 -25.47
C LYS A 513 42.47 12.71 -26.31
N SER A 514 42.61 11.39 -26.24
CA SER A 514 41.88 10.48 -27.12
C SER A 514 40.44 10.24 -26.68
N HIS A 515 39.94 10.94 -25.67
CA HIS A 515 38.54 10.79 -25.26
C HIS A 515 37.72 11.81 -26.05
N LYS A 516 37.19 11.37 -27.18
CA LYS A 516 36.41 12.22 -28.08
C LYS A 516 35.00 11.66 -28.21
N PHE A 517 34.04 12.56 -28.43
CA PHE A 517 32.63 12.26 -28.28
C PHE A 517 31.81 12.86 -29.41
N VAL A 518 30.67 12.23 -29.68
CA VAL A 518 29.70 12.71 -30.67
C VAL A 518 28.36 12.87 -29.97
N MET A 519 27.38 13.40 -30.71
CA MET A 519 26.06 13.67 -30.17
C MET A 519 25.04 12.59 -30.56
N ARG A 520 25.44 11.62 -31.38
CA ARG A 520 24.51 10.63 -31.90
C ARG A 520 24.61 9.35 -31.09
N LEU A 521 23.48 8.95 -30.49
CA LEU A 521 23.29 7.68 -29.77
C LEU A 521 24.28 7.50 -28.62
N VAL B 115 60.39 19.32 14.78
CA VAL B 115 60.65 18.33 13.75
C VAL B 115 62.06 18.55 13.20
N ALA B 116 62.63 19.72 13.51
CA ALA B 116 64.00 20.00 13.10
C ALA B 116 65.00 19.24 13.95
N ALA B 117 64.64 18.96 15.21
CA ALA B 117 65.53 18.20 16.09
C ALA B 117 65.62 16.75 15.64
N GLY B 118 64.54 16.21 15.05
CA GLY B 118 64.60 14.86 14.52
C GLY B 118 65.51 14.76 13.30
N ALA B 119 65.46 15.77 12.43
CA ALA B 119 66.36 15.79 11.28
C ALA B 119 67.81 16.01 11.71
N THR B 120 68.01 16.79 12.77
CA THR B 120 69.35 16.99 13.32
C THR B 120 69.90 15.70 13.91
N LEU B 121 69.08 14.96 14.66
CA LEU B 121 69.49 13.67 15.19
C LEU B 121 69.75 12.65 14.07
N ALA B 122 68.95 12.70 13.01
CA ALA B 122 69.14 11.77 11.89
C ALA B 122 70.45 12.06 11.15
N LEU B 123 70.74 13.34 10.89
CA LEU B 123 71.97 13.70 10.21
C LEU B 123 73.20 13.41 11.07
N LEU B 124 73.10 13.70 12.38
CA LEU B 124 74.19 13.43 13.30
C LEU B 124 74.44 11.93 13.43
N SER B 125 73.36 11.14 13.51
CA SER B 125 73.51 9.69 13.63
C SER B 125 74.03 9.07 12.34
N PHE B 126 73.74 9.67 11.20
CA PHE B 126 74.31 9.13 9.97
C PHE B 126 75.77 9.52 9.80
N LEU B 127 76.15 10.72 10.22
CA LEU B 127 77.53 11.17 10.05
C LEU B 127 78.48 10.70 11.16
N THR B 128 77.94 10.27 12.30
CA THR B 128 78.79 9.84 13.40
C THR B 128 79.65 8.59 13.14
N PRO B 129 79.17 7.51 12.48
CA PRO B 129 80.12 6.42 12.18
C PRO B 129 81.18 6.80 11.17
N LEU B 130 80.82 7.62 10.19
CA LEU B 130 81.81 8.10 9.22
C LEU B 130 82.83 9.01 9.88
N ALA B 131 82.41 9.81 10.85
CA ALA B 131 83.37 10.60 11.62
C ALA B 131 84.27 9.71 12.46
N PHE B 132 83.70 8.67 13.08
CA PHE B 132 84.51 7.76 13.91
C PHE B 132 85.50 6.97 13.08
N LEU B 133 85.20 6.72 11.81
CA LEU B 133 86.14 6.04 10.94
C LEU B 133 87.15 6.98 10.29
N LEU B 134 86.79 8.23 10.03
CA LEU B 134 87.65 9.11 9.25
C LEU B 134 88.46 10.10 10.08
N LEU B 135 88.20 10.24 11.38
CA LEU B 135 89.09 11.09 12.17
C LEU B 135 90.49 10.52 12.47
N PRO B 136 90.69 9.22 12.76
CA PRO B 136 92.09 8.77 12.99
C PRO B 136 92.98 8.79 11.75
N PRO B 137 92.51 8.49 10.51
CA PRO B 137 93.42 8.73 9.37
C PRO B 137 93.67 10.19 9.06
N LEU B 138 92.80 11.10 9.48
CA LEU B 138 93.04 12.52 9.20
C LEU B 138 93.84 13.22 10.29
N LEU B 139 93.79 12.71 11.52
CA LEU B 139 94.47 13.44 12.59
C LEU B 139 95.81 12.82 12.98
N TRP B 140 95.84 11.53 13.32
CA TRP B 140 97.10 10.85 13.59
C TRP B 140 97.22 9.66 12.62
N ARG B 141 97.76 9.93 11.43
CA ARG B 141 97.90 8.87 10.45
C ARG B 141 99.17 8.05 10.66
N GLU B 142 100.31 8.72 10.85
CA GLU B 142 101.57 8.00 11.04
C GLU B 142 101.67 7.39 12.42
N GLU B 143 100.99 7.97 13.42
CA GLU B 143 100.91 7.36 14.74
C GLU B 143 100.04 6.11 14.72
N LEU B 144 99.12 6.01 13.79
CA LEU B 144 98.13 4.94 13.77
C LEU B 144 98.77 3.60 13.42
N GLU B 145 98.37 2.56 14.14
CA GLU B 145 98.90 1.23 13.88
C GLU B 145 98.25 0.66 12.62
N PRO B 146 99.02 -0.01 11.75
CA PRO B 146 98.40 -0.70 10.62
C PRO B 146 97.71 -1.98 11.09
N CYS B 147 96.57 -2.26 10.47
CA CYS B 147 95.79 -3.44 10.81
C CYS B 147 95.43 -4.17 9.52
N GLY B 148 95.10 -5.46 9.67
CA GLY B 148 94.95 -6.34 8.53
C GLY B 148 93.63 -6.20 7.78
N THR B 149 93.21 -7.31 7.16
CA THR B 149 92.01 -7.31 6.32
C THR B 149 90.72 -7.32 7.13
N ALA B 150 90.81 -7.58 8.44
CA ALA B 150 89.63 -7.53 9.30
C ALA B 150 89.06 -6.12 9.35
N CYS B 151 89.94 -5.11 9.39
CA CYS B 151 89.51 -3.72 9.38
C CYS B 151 88.76 -3.37 8.10
N GLU B 152 89.28 -3.79 6.94
CA GLU B 152 88.65 -3.47 5.67
C GLU B 152 87.34 -4.23 5.46
N GLY B 153 87.26 -5.47 5.95
CA GLY B 153 85.99 -6.17 5.94
C GLY B 153 84.96 -5.50 6.83
N LEU B 154 85.40 -4.95 7.96
CA LEU B 154 84.47 -4.19 8.79
C LEU B 154 84.11 -2.85 8.15
N PHE B 155 84.99 -2.27 7.32
CA PHE B 155 84.60 -1.09 6.54
C PHE B 155 83.49 -1.42 5.55
N ILE B 156 83.58 -2.59 4.92
CA ILE B 156 82.53 -3.05 4.02
C ILE B 156 81.22 -3.26 4.77
N SER B 157 81.31 -3.82 5.98
CA SER B 157 80.11 -4.02 6.80
C SER B 157 79.50 -2.68 7.22
N VAL B 158 80.34 -1.70 7.58
CA VAL B 158 79.85 -0.37 7.91
C VAL B 158 79.14 0.27 6.73
N ALA B 159 79.72 0.13 5.52
CA ALA B 159 79.13 0.74 4.33
C ALA B 159 77.76 0.14 4.00
N PHE B 160 77.67 -1.19 4.00
CA PHE B 160 76.40 -1.82 3.65
C PHE B 160 75.35 -1.66 4.75
N LYS B 161 75.76 -1.68 6.02
CA LYS B 161 74.78 -1.50 7.09
C LYS B 161 74.31 -0.05 7.18
N LEU B 162 75.17 0.92 6.80
CA LEU B 162 74.70 2.29 6.73
C LEU B 162 73.77 2.50 5.55
N LEU B 163 73.97 1.77 4.45
CA LEU B 163 73.02 1.83 3.35
C LEU B 163 71.67 1.22 3.76
N ILE B 164 71.70 0.13 4.53
CA ILE B 164 70.48 -0.47 5.06
C ILE B 164 69.75 0.50 6.00
N LEU B 165 70.51 1.18 6.87
CA LEU B 165 69.93 2.14 7.79
C LEU B 165 69.32 3.34 7.06
N LEU B 166 69.99 3.80 6.01
CA LEU B 166 69.48 4.92 5.23
C LEU B 166 68.21 4.54 4.47
N LEU B 167 68.17 3.33 3.89
CA LEU B 167 66.98 2.91 3.16
C LEU B 167 65.81 2.63 4.09
N GLY B 168 66.08 2.11 5.28
CA GLY B 168 65.00 1.88 6.24
C GLY B 168 64.44 3.18 6.81
N SER B 169 65.32 4.12 7.15
CA SER B 169 64.88 5.42 7.62
C SER B 169 64.18 6.22 6.53
N TRP B 170 64.55 5.99 5.27
CA TRP B 170 63.77 6.55 4.17
C TRP B 170 62.40 5.93 4.08
N ALA B 171 62.32 4.60 4.21
CA ALA B 171 61.07 3.90 3.97
C ALA B 171 60.05 4.17 5.06
N LEU B 172 60.48 4.37 6.30
CA LEU B 172 59.51 4.53 7.36
C LEU B 172 59.51 5.87 8.07
N PHE B 173 60.59 6.64 8.01
CA PHE B 173 60.67 7.79 8.88
C PHE B 173 60.99 9.10 8.17
N PHE B 174 61.23 9.07 6.86
CA PHE B 174 61.40 10.32 6.11
C PHE B 174 60.09 10.69 5.43
N ARG B 175 59.10 10.99 6.27
CA ARG B 175 57.78 11.35 5.80
C ARG B 175 57.21 12.43 6.71
N ARG B 176 56.24 13.18 6.17
CA ARG B 176 55.62 14.26 6.91
C ARG B 176 54.75 13.71 8.03
N PRO B 177 54.62 14.44 9.14
CA PRO B 177 53.71 14.01 10.22
C PRO B 177 52.26 14.06 9.76
N LYS B 178 51.54 12.97 10.02
CA LYS B 178 50.16 12.88 9.54
C LYS B 178 49.19 13.59 10.47
N ALA B 179 49.64 13.99 11.65
CA ALA B 179 48.76 14.60 12.62
C ALA B 179 49.55 15.50 13.56
N SER B 180 48.83 16.43 14.17
CA SER B 180 49.35 17.27 15.24
C SER B 180 48.67 16.86 16.54
N LEU B 181 49.38 16.17 17.37
CA LEU B 181 48.84 15.67 18.62
C LEU B 181 48.81 16.76 19.68
N PRO B 182 47.79 16.73 20.56
CA PRO B 182 47.70 17.80 21.57
C PRO B 182 48.78 17.72 22.63
N ARG B 183 49.29 16.53 22.93
CA ARG B 183 50.42 16.39 23.82
C ARG B 183 51.57 15.71 23.07
N VAL B 184 52.62 15.39 23.81
CA VAL B 184 53.83 14.85 23.21
C VAL B 184 53.58 13.41 22.77
N PHE B 185 54.12 13.06 21.60
CA PHE B 185 54.17 11.67 21.19
C PHE B 185 55.12 10.96 22.14
N VAL B 186 54.61 10.07 22.99
CA VAL B 186 55.43 9.53 24.08
C VAL B 186 56.50 8.58 23.55
N LEU B 187 56.13 7.70 22.63
CA LEU B 187 57.09 6.72 22.14
C LEU B 187 58.09 7.34 21.18
N ARG B 188 57.67 8.33 20.39
CA ARG B 188 58.60 8.98 19.48
C ARG B 188 59.58 9.87 20.25
N ALA B 189 59.13 10.51 21.32
CA ALA B 189 60.05 11.25 22.18
C ALA B 189 60.99 10.31 22.91
N LEU B 190 60.50 9.11 23.29
CA LEU B 190 61.37 8.10 23.87
C LEU B 190 62.44 7.67 22.89
N LEU B 191 62.07 7.50 21.63
CA LEU B 191 63.04 7.13 20.58
C LEU B 191 64.04 8.25 20.32
N MET B 192 63.59 9.50 20.36
CA MET B 192 64.51 10.62 20.11
C MET B 192 65.47 10.79 21.27
N VAL B 193 65.00 10.61 22.50
CA VAL B 193 65.88 10.61 23.67
C VAL B 193 66.85 9.44 23.63
N LEU B 194 66.42 8.29 23.13
CA LEU B 194 67.31 7.14 23.04
C LEU B 194 68.40 7.35 21.98
N VAL B 195 68.01 7.87 20.81
CA VAL B 195 68.99 8.24 19.77
C VAL B 195 69.97 9.28 20.30
N PHE B 196 69.45 10.29 21.01
CA PHE B 196 70.30 11.37 21.50
C PHE B 196 71.28 10.85 22.55
N LEU B 197 70.81 10.07 23.52
CA LEU B 197 71.69 9.58 24.58
C LEU B 197 72.68 8.56 24.04
N LEU B 198 72.27 7.75 23.06
CA LEU B 198 73.18 6.78 22.47
C LEU B 198 74.29 7.48 21.70
N VAL B 199 73.93 8.41 20.80
CA VAL B 199 74.94 9.05 19.97
C VAL B 199 75.82 9.98 20.79
N VAL B 200 75.25 10.67 21.78
CA VAL B 200 76.04 11.52 22.68
C VAL B 200 76.98 10.68 23.54
N SER B 201 76.56 9.49 23.98
CA SER B 201 77.44 8.64 24.77
C SER B 201 78.58 8.06 23.92
N TYR B 202 78.29 7.69 22.68
CA TYR B 202 79.34 7.26 21.77
C TYR B 202 80.32 8.39 21.44
N TRP B 203 79.81 9.62 21.30
CA TRP B 203 80.70 10.77 21.10
C TRP B 203 81.56 11.06 22.32
N LEU B 204 80.99 10.94 23.52
CA LEU B 204 81.73 11.20 24.74
C LEU B 204 82.83 10.16 24.96
N PHE B 205 82.51 8.88 24.69
CA PHE B 205 83.53 7.85 24.83
C PHE B 205 84.61 7.98 23.77
N TYR B 206 84.21 8.29 22.53
CA TYR B 206 85.17 8.47 21.45
C TYR B 206 86.07 9.68 21.70
N GLY B 207 85.53 10.71 22.34
CA GLY B 207 86.35 11.85 22.69
C GLY B 207 87.32 11.54 23.81
N VAL B 208 86.82 11.07 24.95
CA VAL B 208 87.66 10.98 26.14
C VAL B 208 88.52 9.72 26.18
N ARG B 209 88.31 8.75 25.29
CA ARG B 209 89.11 7.54 25.31
C ARG B 209 89.74 7.16 23.97
N ILE B 210 89.39 7.81 22.88
CA ILE B 210 89.99 7.56 21.58
C ILE B 210 90.60 8.83 20.98
N LEU B 211 89.83 9.91 20.95
CA LEU B 211 90.29 11.13 20.30
C LEU B 211 91.32 11.86 21.14
N ASP B 212 91.04 12.05 22.44
CA ASP B 212 91.99 12.73 23.32
C ASP B 212 93.18 11.84 23.64
N ALA B 213 92.94 10.55 23.82
CA ALA B 213 94.01 9.60 24.16
C ALA B 213 94.87 9.23 22.97
N ARG B 214 94.43 9.55 21.74
CA ARG B 214 95.11 9.22 20.48
C ARG B 214 95.34 7.71 20.37
N GLU B 215 94.21 7.00 20.26
CA GLU B 215 94.21 5.55 20.22
C GLU B 215 94.95 5.01 19.00
N ARG B 216 95.84 4.06 19.24
CA ARG B 216 96.65 3.47 18.18
C ARG B 216 95.99 2.24 17.56
N SER B 217 95.29 1.46 18.37
CA SER B 217 94.63 0.24 17.89
C SER B 217 93.42 0.63 17.04
N TYR B 218 93.63 0.71 15.73
CA TYR B 218 92.58 1.14 14.81
C TYR B 218 91.51 0.09 14.62
N GLN B 219 91.86 -1.18 14.85
CA GLN B 219 90.87 -2.26 14.79
C GLN B 219 89.78 -2.08 15.84
N GLY B 220 90.17 -1.61 17.03
CA GLY B 220 89.18 -1.30 18.05
C GLY B 220 88.28 -0.14 17.68
N VAL B 221 88.82 0.86 16.98
CA VAL B 221 88.02 2.00 16.54
C VAL B 221 87.03 1.57 15.46
N VAL B 222 87.45 0.69 14.56
CA VAL B 222 86.54 0.26 13.50
C VAL B 222 85.48 -0.69 14.05
N GLN B 223 85.84 -1.55 15.01
CA GLN B 223 84.84 -2.36 15.71
C GLN B 223 83.88 -1.51 16.52
N PHE B 224 84.37 -0.39 17.07
CA PHE B 224 83.52 0.56 17.77
C PHE B 224 82.51 1.20 16.83
N ALA B 225 82.94 1.53 15.60
CA ALA B 225 82.01 2.08 14.62
C ALA B 225 81.02 1.02 14.15
N VAL B 226 81.45 -0.24 14.01
CA VAL B 226 80.56 -1.34 13.66
C VAL B 226 79.48 -1.52 14.73
N SER B 227 79.88 -1.46 16.00
CA SER B 227 78.92 -1.54 17.09
C SER B 227 77.98 -0.35 17.11
N LEU B 228 78.45 0.83 16.71
CA LEU B 228 77.58 1.99 16.59
C LEU B 228 76.53 1.81 15.50
N VAL B 229 76.92 1.28 14.34
CA VAL B 229 75.95 1.11 13.26
C VAL B 229 74.98 -0.02 13.59
N ASP B 230 75.45 -1.07 14.27
CA ASP B 230 74.55 -2.11 14.76
C ASP B 230 73.55 -1.56 15.78
N ALA B 231 74.01 -0.67 16.66
CA ALA B 231 73.12 -0.06 17.63
C ALA B 231 72.11 0.87 16.96
N LEU B 232 72.50 1.57 15.90
CA LEU B 232 71.55 2.42 15.20
C LEU B 232 70.50 1.61 14.45
N LEU B 233 70.91 0.48 13.85
CA LEU B 233 69.94 -0.40 13.22
C LEU B 233 69.02 -1.06 14.24
N PHE B 234 69.52 -1.33 15.44
CA PHE B 234 68.65 -1.86 16.49
C PHE B 234 67.72 -0.80 17.06
N VAL B 235 68.15 0.47 17.08
CA VAL B 235 67.24 1.55 17.47
C VAL B 235 66.16 1.74 16.42
N HIS B 236 66.52 1.59 15.13
CA HIS B 236 65.53 1.64 14.06
C HIS B 236 64.53 0.49 14.17
N TYR B 237 65.01 -0.70 14.51
CA TYR B 237 64.13 -1.84 14.76
C TYR B 237 63.22 -1.60 15.96
N LEU B 238 63.77 -1.02 17.04
CA LEU B 238 62.95 -0.67 18.19
C LEU B 238 61.93 0.41 17.85
N ALA B 239 62.27 1.30 16.94
CA ALA B 239 61.33 2.32 16.50
C ALA B 239 60.17 1.71 15.73
N VAL B 240 60.46 0.71 14.90
CA VAL B 240 59.40 -0.01 14.20
C VAL B 240 58.53 -0.79 15.18
N VAL B 241 59.16 -1.40 16.20
CA VAL B 241 58.43 -2.15 17.22
C VAL B 241 57.51 -1.24 18.02
N LEU B 242 58.02 -0.10 18.48
CA LEU B 242 57.23 0.79 19.33
C LEU B 242 56.16 1.51 18.54
N LEU B 243 56.49 2.01 17.35
CA LEU B 243 55.57 2.88 16.65
C LEU B 243 54.57 2.14 15.77
N GLU B 244 54.93 0.97 15.28
CA GLU B 244 54.06 0.31 14.30
C GLU B 244 53.65 -1.10 14.69
N LEU B 245 54.51 -1.85 15.35
CA LEU B 245 54.23 -3.25 15.61
C LEU B 245 53.48 -3.48 16.90
N ARG B 246 53.49 -2.49 17.81
CA ARG B 246 52.84 -2.66 19.11
C ARG B 246 51.34 -2.73 18.99
N GLN B 247 50.75 -2.00 18.04
CA GLN B 247 49.30 -1.91 17.93
C GLN B 247 48.72 -2.85 16.86
N LEU B 248 49.50 -3.80 16.35
CA LEU B 248 48.95 -4.74 15.37
C LEU B 248 48.01 -5.74 16.03
N GLN B 249 48.40 -6.27 17.17
CA GLN B 249 47.59 -7.23 17.90
C GLN B 249 46.39 -6.51 18.50
N PRO B 250 45.15 -6.85 18.08
CA PRO B 250 43.98 -6.10 18.54
C PRO B 250 43.66 -6.41 20.00
N GLN B 251 43.62 -5.36 20.81
CA GLN B 251 43.38 -5.48 22.23
C GLN B 251 42.02 -4.95 22.66
N PHE B 252 41.48 -3.96 21.96
CA PHE B 252 40.28 -3.27 22.38
C PHE B 252 39.32 -3.15 21.22
N THR B 253 38.03 -3.12 21.56
CA THR B 253 36.97 -2.81 20.61
C THR B 253 36.43 -1.42 20.91
N LEU B 254 36.42 -0.58 19.90
CA LEU B 254 35.98 0.80 20.00
C LEU B 254 34.62 0.92 19.33
N LYS B 255 33.63 1.39 20.08
CA LYS B 255 32.36 1.81 19.53
C LYS B 255 32.43 3.32 19.29
N VAL B 256 32.34 3.74 18.04
CA VAL B 256 32.42 5.14 17.69
C VAL B 256 31.07 5.54 17.13
N VAL B 257 30.41 6.50 17.81
CA VAL B 257 29.05 6.93 17.49
C VAL B 257 29.06 8.43 17.31
N ARG B 258 28.48 8.92 16.21
CA ARG B 258 28.24 10.36 16.13
C ARG B 258 27.13 10.76 17.09
N SER B 259 27.37 11.85 17.81
CA SER B 259 26.44 12.32 18.81
C SER B 259 25.17 12.91 18.21
N THR B 260 25.13 13.15 16.91
CA THR B 260 23.98 13.80 16.27
C THR B 260 23.02 12.81 15.62
N ASP B 261 23.51 11.98 14.71
CA ASP B 261 22.65 11.04 14.00
C ASP B 261 22.86 9.59 14.40
N GLY B 262 23.83 9.30 15.25
CA GLY B 262 24.02 7.94 15.71
C GLY B 262 24.59 6.98 14.70
N ALA B 263 25.33 7.48 13.72
CA ALA B 263 26.12 6.59 12.88
C ALA B 263 27.20 5.94 13.72
N SER B 264 27.22 4.61 13.77
CA SER B 264 28.08 3.88 14.68
C SER B 264 28.89 2.87 13.90
N ARG B 265 30.19 2.81 14.20
CA ARG B 265 31.05 1.74 13.70
C ARG B 265 31.86 1.16 14.85
N PHE B 266 32.23 -0.11 14.73
CA PHE B 266 33.10 -0.71 15.73
C PHE B 266 34.43 -1.04 15.10
N TYR B 267 35.49 -0.95 15.89
CA TYR B 267 36.84 -1.18 15.41
C TYR B 267 37.61 -2.01 16.43
N ASN B 268 38.63 -2.71 15.94
CA ASN B 268 39.62 -3.32 16.81
C ASN B 268 40.90 -2.51 16.76
N VAL B 269 41.41 -2.15 17.93
CA VAL B 269 42.62 -1.34 18.03
C VAL B 269 43.55 -2.06 19.00
N GLY B 270 44.85 -1.81 18.85
CA GLY B 270 45.85 -2.38 19.72
C GLY B 270 46.23 -1.45 20.85
N HIS B 271 47.42 -1.69 21.41
CA HIS B 271 47.95 -0.84 22.46
C HIS B 271 48.40 0.48 21.87
N LEU B 272 47.56 1.50 21.99
CA LEU B 272 47.92 2.86 21.61
C LEU B 272 47.47 3.79 22.72
N SER B 273 48.06 4.98 22.76
CA SER B 273 47.56 6.02 23.64
C SER B 273 46.24 6.57 23.11
N ILE B 274 45.58 7.39 23.94
CA ILE B 274 44.27 7.91 23.59
C ILE B 274 44.33 8.87 22.41
N GLN B 275 45.41 9.65 22.30
CA GLN B 275 45.53 10.57 21.18
C GLN B 275 45.85 9.86 19.88
N ARG B 276 46.63 8.77 19.93
CA ARG B 276 46.92 8.01 18.71
C ARG B 276 45.70 7.22 18.26
N VAL B 277 44.94 6.69 19.21
CA VAL B 277 43.64 6.08 18.92
C VAL B 277 42.70 7.11 18.32
N ALA B 278 42.77 8.35 18.79
CA ALA B 278 41.90 9.40 18.28
C ALA B 278 42.24 9.74 16.82
N VAL B 279 43.52 9.85 16.50
CA VAL B 279 43.93 10.09 15.11
C VAL B 279 43.58 8.90 14.23
N TRP B 280 43.71 7.69 14.77
CA TRP B 280 43.33 6.46 14.06
C TRP B 280 41.84 6.44 13.74
N ILE B 281 41.01 6.86 14.70
CA ILE B 281 39.56 6.92 14.50
C ILE B 281 39.21 8.02 13.50
N LEU B 282 39.95 9.13 13.51
CA LEU B 282 39.66 10.18 12.54
C LEU B 282 40.07 9.77 11.13
N GLU B 283 41.08 8.91 11.01
CA GLU B 283 41.40 8.34 9.70
C GLU B 283 40.32 7.36 9.26
N LYS B 284 39.74 6.62 10.19
CA LYS B 284 38.62 5.74 9.82
C LYS B 284 37.35 6.52 9.55
N TYR B 285 37.20 7.70 10.15
CA TYR B 285 35.93 8.43 10.11
C TYR B 285 35.64 8.99 8.73
N TYR B 286 36.66 9.49 8.04
CA TYR B 286 36.44 10.16 6.78
C TYR B 286 36.06 9.22 5.65
N HIS B 287 36.22 7.92 5.82
CA HIS B 287 35.75 6.99 4.82
C HIS B 287 34.75 5.97 5.33
N ASP B 288 34.50 5.89 6.64
CA ASP B 288 33.55 4.91 7.17
C ASP B 288 32.18 5.48 7.47
N PHE B 289 32.10 6.63 8.14
CA PHE B 289 30.76 7.12 8.46
C PHE B 289 30.22 7.88 7.27
N PRO B 290 28.89 8.01 7.15
CA PRO B 290 28.35 8.98 6.19
C PRO B 290 28.71 10.40 6.58
N VAL B 291 28.66 11.29 5.60
CA VAL B 291 29.01 12.69 5.81
C VAL B 291 27.99 13.33 6.75
N TYR B 292 28.45 14.24 7.59
CA TYR B 292 27.55 14.91 8.52
C TYR B 292 26.64 15.86 7.78
N ASN B 293 25.34 15.76 8.08
CA ASN B 293 24.34 16.61 7.44
C ASN B 293 23.49 17.26 8.52
N PRO B 294 23.72 18.54 8.82
CA PRO B 294 22.89 19.23 9.81
C PRO B 294 21.49 19.54 9.31
N ALA B 295 21.22 19.39 8.02
CA ALA B 295 19.89 19.54 7.47
C ALA B 295 19.03 18.28 7.64
N LEU B 296 19.55 17.24 8.25
CA LEU B 296 18.77 16.04 8.52
C LEU B 296 18.39 15.96 10.00
N VAL B 332 2.15 11.52 36.40
CA VAL B 332 2.15 12.85 35.80
C VAL B 332 2.82 12.80 34.43
N ILE B 333 4.11 12.44 34.42
CA ILE B 333 4.87 12.45 33.17
C ILE B 333 4.57 11.18 32.37
N ALA B 334 4.44 10.05 33.05
CA ALA B 334 4.11 8.80 32.37
C ALA B 334 2.69 8.80 31.84
N ALA B 335 1.79 9.53 32.50
CA ALA B 335 0.42 9.66 32.00
C ALA B 335 0.39 10.50 30.73
N ALA B 336 1.17 11.57 30.68
CA ALA B 336 1.28 12.37 29.47
C ALA B 336 1.95 11.59 28.35
N ALA B 337 2.91 10.72 28.69
CA ALA B 337 3.53 9.88 27.69
C ALA B 337 2.56 8.84 27.14
N ARG B 338 1.69 8.30 28.01
CA ARG B 338 0.66 7.36 27.55
C ARG B 338 -0.38 8.06 26.69
N ARG B 339 -0.71 9.31 27.03
CA ARG B 339 -1.64 10.09 26.22
C ARG B 339 -1.05 10.45 24.85
N ARG B 340 0.25 10.73 24.83
CA ARG B 340 0.89 11.11 23.57
C ARG B 340 1.15 9.90 22.68
N ASP B 341 1.51 8.76 23.27
CA ASP B 341 1.80 7.57 22.47
C ASP B 341 0.52 6.92 21.95
N ASN B 342 -0.64 7.31 22.47
CA ASN B 342 -1.92 6.84 21.95
C ASN B 342 -2.50 7.78 20.90
N SER B 343 -1.82 8.87 20.57
CA SER B 343 -2.31 9.85 19.62
C SER B 343 -2.04 9.38 18.19
N HIS B 344 -2.23 10.27 17.22
CA HIS B 344 -1.97 9.92 15.83
C HIS B 344 -0.46 9.83 15.59
N ASN B 345 -0.05 8.74 14.96
CA ASN B 345 1.38 8.48 14.71
C ASN B 345 1.80 9.28 13.48
N GLU B 346 2.02 10.58 13.70
CA GLU B 346 2.32 11.51 12.61
C GLU B 346 3.69 11.23 12.00
N TYR B 347 4.67 10.86 12.83
CA TYR B 347 6.03 10.65 12.35
C TYR B 347 6.14 9.43 11.46
N TYR B 348 5.34 8.39 11.72
CA TYR B 348 5.31 7.20 10.87
C TYR B 348 4.87 7.55 9.45
N TYR B 349 3.80 8.33 9.32
CA TYR B 349 3.30 8.65 8.01
C TYR B 349 4.16 9.70 7.32
N GLU B 350 4.76 10.63 8.07
CA GLU B 350 5.71 11.55 7.45
C GLU B 350 6.95 10.81 6.97
N GLU B 351 7.40 9.78 7.70
CA GLU B 351 8.52 8.96 7.26
C GLU B 351 8.17 8.17 6.01
N ALA B 352 6.96 7.62 5.95
CA ALA B 352 6.54 6.87 4.77
C ALA B 352 6.39 7.78 3.55
N GLU B 353 5.86 8.99 3.75
CA GLU B 353 5.78 9.98 2.68
C GLU B 353 7.17 10.38 2.19
N HIS B 354 8.12 10.56 3.11
CA HIS B 354 9.46 10.95 2.72
C HIS B 354 10.16 9.83 1.96
N GLU B 355 10.00 8.58 2.39
CA GLU B 355 10.60 7.45 1.67
C GLU B 355 9.97 7.28 0.29
N ARG B 356 8.66 7.48 0.19
CA ARG B 356 7.97 7.37 -1.10
C ARG B 356 8.41 8.47 -2.07
N ARG B 357 8.51 9.71 -1.59
CA ARG B 357 8.91 10.77 -2.51
C ARG B 357 10.39 10.72 -2.83
N VAL B 358 11.23 10.18 -1.94
CA VAL B 358 12.63 9.95 -2.27
C VAL B 358 12.76 8.88 -3.33
N ARG B 359 11.95 7.81 -3.25
CA ARG B 359 11.98 6.79 -4.30
C ARG B 359 11.46 7.32 -5.63
N LYS B 360 10.47 8.21 -5.60
CA LYS B 360 9.96 8.78 -6.84
C LYS B 360 10.96 9.73 -7.49
N ARG B 361 11.59 10.62 -6.72
CA ARG B 361 12.61 11.49 -7.26
C ARG B 361 13.84 10.71 -7.70
N ARG B 362 14.13 9.59 -7.02
CA ARG B 362 15.22 8.71 -7.43
C ARG B 362 14.94 8.05 -8.76
N ALA B 363 13.69 7.62 -8.98
CA ALA B 363 13.33 7.01 -10.26
C ALA B 363 13.38 8.02 -11.39
N ARG B 364 12.90 9.25 -11.15
CA ARG B 364 13.04 10.33 -12.12
C ARG B 364 14.51 10.61 -12.43
N LEU B 365 15.37 10.58 -11.41
CA LEU B 365 16.79 10.83 -11.61
C LEU B 365 17.46 9.71 -12.39
N VAL B 366 17.07 8.46 -12.14
CA VAL B 366 17.67 7.33 -12.86
C VAL B 366 17.28 7.37 -14.33
N VAL B 367 16.00 7.65 -14.63
CA VAL B 367 15.56 7.77 -16.02
C VAL B 367 16.23 8.97 -16.70
N ALA B 368 16.40 10.07 -15.96
CA ALA B 368 17.03 11.27 -16.52
C ALA B 368 18.49 11.03 -16.85
N VAL B 369 19.23 10.36 -15.97
CA VAL B 369 20.66 10.16 -16.22
C VAL B 369 20.89 9.08 -17.27
N GLU B 370 19.99 8.08 -17.36
CA GLU B 370 20.08 7.11 -18.46
C GLU B 370 19.84 7.77 -19.81
N GLU B 371 18.76 8.56 -19.92
CA GLU B 371 18.47 9.25 -21.18
C GLU B 371 19.50 10.34 -21.46
N ALA B 372 20.19 10.82 -20.42
CA ALA B 372 21.27 11.77 -20.63
C ALA B 372 22.51 11.09 -21.19
N PHE B 373 22.87 9.91 -20.67
CA PHE B 373 24.09 9.26 -21.16
C PHE B 373 23.86 8.61 -22.51
N THR B 374 22.60 8.40 -22.91
CA THR B 374 22.37 7.96 -24.28
C THR B 374 22.49 9.09 -25.30
N HIS B 375 22.81 10.32 -24.89
CA HIS B 375 22.99 11.41 -25.84
C HIS B 375 24.41 11.51 -26.37
N ILE B 376 25.35 10.69 -25.90
CA ILE B 376 26.72 10.73 -26.38
C ILE B 376 27.22 9.32 -26.65
N LYS B 377 28.35 9.25 -27.35
CA LYS B 377 28.97 7.99 -27.75
C LYS B 377 30.46 8.26 -27.97
N ARG B 378 31.28 7.22 -27.80
CA ARG B 378 32.71 7.32 -28.04
C ARG B 378 33.02 7.65 -29.50
N LEU B 379 34.22 8.14 -29.74
CA LEU B 379 34.68 8.39 -31.10
C LEU B 379 36.09 7.85 -31.31
N VAL B 390 33.77 15.59 -33.17
CA VAL B 390 34.76 15.83 -32.13
C VAL B 390 34.17 16.74 -31.05
N MET B 391 34.34 16.33 -29.79
CA MET B 391 33.77 17.01 -28.63
C MET B 391 34.49 16.53 -27.37
N ASP B 392 34.97 17.49 -26.57
CA ASP B 392 35.68 17.19 -25.35
C ASP B 392 34.76 16.53 -24.32
N PRO B 393 35.32 15.76 -23.37
CA PRO B 393 34.48 15.23 -22.29
C PRO B 393 33.91 16.30 -21.38
N ARG B 394 34.60 17.44 -21.24
CA ARG B 394 34.00 18.58 -20.55
C ARG B 394 32.82 19.12 -21.34
N GLU B 395 32.98 19.26 -22.66
CA GLU B 395 31.89 19.74 -23.51
C GLU B 395 30.76 18.73 -23.60
N ALA B 396 31.09 17.43 -23.62
CA ALA B 396 30.04 16.41 -23.65
C ALA B 396 29.28 16.34 -22.33
N ALA B 397 29.99 16.50 -21.21
CA ALA B 397 29.35 16.55 -19.91
C ALA B 397 28.45 17.77 -19.78
N GLN B 398 28.91 18.91 -20.27
CA GLN B 398 28.10 20.13 -20.26
C GLN B 398 26.89 20.00 -21.18
N ALA B 399 27.02 19.23 -22.27
CA ALA B 399 25.89 19.01 -23.16
C ALA B 399 24.84 18.09 -22.54
N ILE B 400 25.28 16.98 -21.95
CA ILE B 400 24.32 16.02 -21.37
C ILE B 400 23.89 16.40 -19.97
N PHE B 401 24.44 17.45 -19.37
CA PHE B 401 23.96 17.88 -18.07
C PHE B 401 22.61 18.58 -18.15
N ALA B 402 22.30 19.19 -19.29
CA ALA B 402 21.06 19.95 -19.43
C ALA B 402 19.84 19.05 -19.41
N SER B 403 19.99 17.80 -19.86
CA SER B 403 18.88 16.84 -19.84
C SER B 403 18.73 16.14 -18.50
N MET B 404 19.54 16.47 -17.50
CA MET B 404 19.45 15.82 -16.21
C MET B 404 19.59 16.78 -15.03
N ALA B 405 19.74 18.08 -15.27
CA ALA B 405 20.00 19.02 -14.17
C ALA B 405 18.76 19.21 -13.31
N ARG B 406 17.57 19.12 -13.91
CA ARG B 406 16.35 19.37 -13.18
C ARG B 406 16.03 18.22 -12.24
N ALA B 407 16.18 16.98 -12.72
CA ALA B 407 15.92 15.82 -11.86
C ALA B 407 17.00 15.65 -10.80
N MET B 408 18.25 16.01 -11.13
CA MET B 408 19.31 16.02 -10.13
C MET B 408 19.05 17.07 -9.06
N GLN B 409 18.59 18.25 -9.46
CA GLN B 409 18.28 19.29 -8.50
C GLN B 409 17.11 18.91 -7.60
N LYS B 410 16.11 18.23 -8.17
CA LYS B 410 14.96 17.78 -7.37
C LYS B 410 15.36 16.67 -6.40
N TYR B 411 16.23 15.75 -6.84
CA TYR B 411 16.65 14.69 -5.94
C TYR B 411 17.57 15.21 -4.85
N LEU B 412 18.43 16.18 -5.15
CA LEU B 412 19.26 16.76 -4.11
C LEU B 412 18.49 17.69 -3.21
N ARG B 413 17.33 18.21 -3.65
CA ARG B 413 16.48 18.94 -2.72
C ARG B 413 15.72 17.99 -1.80
N THR B 414 15.23 16.86 -2.32
CA THR B 414 14.41 15.98 -1.49
C THR B 414 15.23 15.13 -0.53
N THR B 415 16.55 15.04 -0.70
CA THR B 415 17.40 14.27 0.20
C THR B 415 18.34 15.17 0.99
N LYS B 416 18.13 16.48 0.95
CA LYS B 416 18.86 17.49 1.74
C LYS B 416 20.36 17.49 1.44
N GLN B 417 20.70 17.21 0.19
CA GLN B 417 22.09 17.14 -0.25
C GLN B 417 22.45 18.30 -1.17
N GLN B 418 21.87 19.48 -0.93
CA GLN B 418 22.11 20.60 -1.84
C GLN B 418 23.52 21.20 -1.72
N PRO B 419 24.05 21.56 -0.54
CA PRO B 419 25.39 22.18 -0.53
C PRO B 419 26.54 21.22 -0.71
N TYR B 420 26.27 19.92 -0.86
CA TYR B 420 27.33 18.95 -1.10
C TYR B 420 27.76 18.94 -2.56
N HIS B 421 26.86 19.30 -3.46
CA HIS B 421 27.08 19.15 -4.90
C HIS B 421 26.78 20.48 -5.56
N THR B 422 27.83 21.20 -5.95
CA THR B 422 27.63 22.36 -6.81
C THR B 422 27.47 21.89 -8.25
N MET B 423 27.09 22.82 -9.13
CA MET B 423 26.97 22.51 -10.56
C MET B 423 28.32 22.14 -11.16
N GLU B 424 29.38 22.82 -10.72
CA GLU B 424 30.72 22.54 -11.24
C GLU B 424 31.21 21.18 -10.78
N SER B 425 30.86 20.76 -9.56
CA SER B 425 31.26 19.45 -9.09
C SER B 425 30.54 18.34 -9.83
N ILE B 426 29.25 18.55 -10.15
CA ILE B 426 28.51 17.56 -10.91
C ILE B 426 29.02 17.50 -12.35
N LEU B 427 29.43 18.65 -12.91
CA LEU B 427 30.02 18.64 -14.24
C LEU B 427 31.37 17.94 -14.28
N GLN B 428 32.19 18.15 -13.24
CA GLN B 428 33.48 17.45 -13.16
C GLN B 428 33.28 15.96 -12.97
N HIS B 429 32.26 15.56 -12.22
CA HIS B 429 32.03 14.13 -12.03
C HIS B 429 31.37 13.50 -13.26
N LEU B 430 30.60 14.26 -14.02
CA LEU B 430 30.11 13.79 -15.31
C LEU B 430 31.24 13.58 -16.30
N GLU B 431 32.17 14.54 -16.36
CA GLU B 431 33.36 14.39 -17.21
C GLU B 431 34.20 13.21 -16.77
N PHE B 432 34.29 13.01 -15.46
CA PHE B 432 34.99 11.85 -14.89
C PHE B 432 34.33 10.54 -15.29
N CYS B 433 33.00 10.49 -15.26
CA CYS B 433 32.32 9.24 -15.56
C CYS B 433 32.33 8.91 -17.04
N ILE B 434 32.12 9.90 -17.90
CA ILE B 434 32.13 9.61 -19.33
C ILE B 434 33.55 9.44 -19.85
N THR B 435 34.55 9.98 -19.16
CA THR B 435 35.94 9.72 -19.54
C THR B 435 36.31 8.26 -19.29
N HIS B 436 35.93 7.73 -18.14
CA HIS B 436 36.32 6.38 -17.74
C HIS B 436 35.25 5.35 -18.07
N ASP B 437 34.31 5.69 -18.97
CA ASP B 437 33.28 4.78 -19.51
C ASP B 437 32.38 4.22 -18.41
N MET B 438 31.99 5.07 -17.48
CA MET B 438 31.09 4.67 -16.41
C MET B 438 29.65 4.80 -16.85
N THR B 439 28.82 3.86 -16.40
CA THR B 439 27.41 3.81 -16.74
C THR B 439 26.65 4.90 -15.97
N PRO B 440 25.36 5.13 -16.27
CA PRO B 440 24.58 6.06 -15.42
C PRO B 440 24.47 5.67 -13.96
N LYS B 441 24.45 4.38 -13.63
CA LYS B 441 24.31 3.98 -12.24
C LYS B 441 25.60 4.22 -11.46
N ALA B 442 26.74 4.03 -12.13
CA ALA B 442 28.03 4.36 -11.56
C ALA B 442 28.24 5.85 -11.43
N PHE B 443 27.54 6.65 -12.24
CA PHE B 443 27.50 8.08 -12.00
C PHE B 443 26.65 8.40 -10.78
N LEU B 444 25.50 7.74 -10.66
CA LEU B 444 24.53 8.09 -9.63
C LEU B 444 24.90 7.60 -8.25
N GLU B 445 25.83 6.66 -8.11
CA GLU B 445 26.16 6.14 -6.77
C GLU B 445 26.73 7.23 -5.86
N ARG B 446 27.34 8.26 -6.42
CA ARG B 446 27.79 9.40 -5.64
C ARG B 446 26.64 10.23 -5.09
N TYR B 447 25.48 10.18 -5.73
CA TYR B 447 24.39 11.09 -5.43
C TYR B 447 23.20 10.43 -4.75
N LEU B 448 23.01 9.12 -4.90
CA LEU B 448 21.82 8.49 -4.35
C LEU B 448 21.92 8.34 -2.84
N ALA B 449 23.06 7.89 -2.35
CA ALA B 449 23.30 7.81 -0.92
C ALA B 449 24.11 9.01 -0.47
N ALA B 450 24.24 9.15 0.86
CA ALA B 450 24.98 10.28 1.42
C ALA B 450 26.47 10.15 1.14
N GLY B 451 27.06 9.03 1.51
CA GLY B 451 28.48 8.82 1.28
C GLY B 451 29.34 9.48 2.35
N PRO B 452 30.60 9.08 2.42
CA PRO B 452 31.46 9.55 3.50
C PRO B 452 32.01 10.96 3.25
N THR B 453 32.74 11.45 4.26
CA THR B 453 33.13 12.85 4.30
C THR B 453 34.25 13.16 3.32
N ILE B 454 35.13 12.19 3.06
CA ILE B 454 36.27 12.45 2.18
C ILE B 454 35.83 12.43 0.72
N GLN B 455 34.61 11.99 0.45
CA GLN B 455 34.07 12.02 -0.91
C GLN B 455 33.81 13.45 -1.38
N TYR B 456 33.74 14.40 -0.45
CA TYR B 456 33.32 15.75 -0.77
C TYR B 456 34.50 16.72 -0.71
N HIS B 457 34.18 18.01 -0.80
CA HIS B 457 35.19 19.05 -0.98
C HIS B 457 35.93 19.29 0.33
N LYS B 458 37.17 19.82 0.21
CA LYS B 458 38.06 19.97 1.35
C LYS B 458 37.59 21.01 2.35
N GLU B 459 36.70 21.93 1.96
CA GLU B 459 36.16 22.90 2.91
C GLU B 459 35.17 22.26 3.88
N ARG B 460 34.74 21.04 3.62
CA ARG B 460 33.78 20.32 4.42
C ARG B 460 34.45 19.29 5.33
N TRP B 461 35.72 18.98 5.09
CA TRP B 461 36.44 18.04 5.93
C TRP B 461 36.67 18.63 7.32
N LEU B 462 37.31 19.81 7.36
CA LEU B 462 37.65 20.55 8.58
C LEU B 462 38.46 19.70 9.55
N ALA B 463 39.49 19.05 9.01
CA ALA B 463 40.30 18.11 9.77
C ALA B 463 41.21 18.79 10.79
N LYS B 464 41.41 20.10 10.68
CA LYS B 464 42.22 20.86 11.62
C LYS B 464 41.39 21.43 12.76
N GLN B 465 40.16 20.96 12.92
CA GLN B 465 39.25 21.53 13.91
C GLN B 465 38.70 20.47 14.85
N TRP B 466 39.41 19.37 15.02
CA TRP B 466 39.01 18.32 15.93
C TRP B 466 39.55 18.60 17.33
N THR B 467 38.80 18.12 18.33
CA THR B 467 39.14 18.39 19.73
C THR B 467 39.01 17.10 20.51
N LEU B 468 40.02 16.77 21.29
CA LEU B 468 40.07 15.52 22.03
C LEU B 468 39.67 15.77 23.47
N VAL B 469 38.50 15.28 23.86
CA VAL B 469 37.93 15.51 25.18
C VAL B 469 37.96 14.19 25.94
N SER B 470 38.86 14.11 26.92
CA SER B 470 39.01 12.88 27.69
C SER B 470 39.20 13.23 29.15
N GLU B 471 38.60 12.45 30.04
CA GLU B 471 38.81 12.66 31.47
C GLU B 471 40.17 12.12 31.91
N GLU B 472 40.71 11.18 31.19
CA GLU B 472 42.05 10.64 31.35
C GLU B 472 43.04 11.53 30.61
N PRO B 473 44.27 11.67 31.12
CA PRO B 473 45.31 12.35 30.34
C PRO B 473 45.68 11.50 29.12
N VAL B 474 45.69 12.16 27.95
CA VAL B 474 45.56 11.45 26.68
C VAL B 474 46.83 10.75 26.24
N THR B 475 47.90 10.83 26.99
CA THR B 475 49.11 10.06 26.70
C THR B 475 49.07 8.66 27.30
N ASN B 476 48.04 8.34 28.08
CA ASN B 476 47.89 6.99 28.60
C ASN B 476 47.23 6.09 27.57
N GLY B 477 47.55 4.80 27.65
CA GLY B 477 46.93 3.83 26.77
C GLY B 477 45.47 3.59 27.13
N LEU B 478 44.78 2.88 26.24
CA LEU B 478 43.39 2.57 26.49
C LEU B 478 43.27 1.47 27.55
N LYS B 479 42.09 1.42 28.15
CA LYS B 479 41.72 0.32 29.03
C LYS B 479 40.22 0.16 28.94
N ASP B 480 39.71 -0.89 29.59
CA ASP B 480 38.29 -1.20 29.52
C ASP B 480 37.48 -0.14 30.26
N GLY B 481 36.71 0.65 29.50
CA GLY B 481 35.88 1.69 30.05
C GLY B 481 36.28 3.10 29.69
N ILE B 482 37.30 3.28 28.86
CA ILE B 482 37.70 4.62 28.43
C ILE B 482 36.66 5.16 27.45
N VAL B 483 36.12 6.33 27.78
CA VAL B 483 35.22 7.04 26.89
C VAL B 483 35.84 8.39 26.60
N PHE B 484 35.97 8.72 25.32
CA PHE B 484 36.44 10.05 24.97
C PHE B 484 35.68 10.58 23.77
N LEU B 485 35.65 11.90 23.67
CA LEU B 485 34.94 12.61 22.62
C LEU B 485 35.95 13.15 21.61
N LEU B 486 35.60 13.04 20.35
CA LEU B 486 36.27 13.74 19.26
C LEU B 486 35.29 14.81 18.81
N LYS B 487 35.36 15.97 19.46
CA LYS B 487 34.44 17.04 19.17
C LYS B 487 34.86 17.81 17.94
N ARG B 488 33.86 18.44 17.34
CA ARG B 488 34.02 19.34 16.21
C ARG B 488 32.99 20.43 16.48
N GLN B 489 32.96 21.45 15.62
CA GLN B 489 32.00 22.54 15.83
C GLN B 489 30.58 22.06 15.53
N ASP B 490 30.45 20.99 14.75
CA ASP B 490 29.15 20.55 14.29
C ASP B 490 28.60 19.38 15.12
N PHE B 491 29.47 18.44 15.47
CA PHE B 491 29.04 17.19 16.08
C PHE B 491 30.14 16.71 17.02
N SER B 492 30.04 15.46 17.48
CA SER B 492 31.04 14.85 18.33
C SER B 492 31.04 13.35 18.12
N LEU B 493 32.23 12.76 18.03
CA LEU B 493 32.41 11.32 17.94
C LEU B 493 32.62 10.78 19.35
N VAL B 494 31.60 10.10 19.88
CA VAL B 494 31.70 9.49 21.19
C VAL B 494 32.31 8.11 21.02
N VAL B 495 33.42 7.87 21.72
CA VAL B 495 34.18 6.63 21.56
C VAL B 495 34.19 5.91 22.89
N SER B 496 33.66 4.69 22.90
CA SER B 496 33.66 3.81 24.05
C SER B 496 34.63 2.66 23.80
N THR B 497 35.42 2.34 24.82
CA THR B 497 36.44 1.30 24.71
C THR B 497 36.02 0.10 25.56
N LYS B 498 36.05 -1.08 24.97
CA LYS B 498 35.86 -2.32 25.70
C LYS B 498 37.03 -3.24 25.42
N LYS B 499 37.38 -4.07 26.40
CA LYS B 499 38.46 -5.02 26.24
C LYS B 499 37.97 -6.18 25.39
N VAL B 500 38.77 -6.59 24.42
CA VAL B 500 38.51 -7.82 23.68
C VAL B 500 38.63 -8.99 24.65
N PRO B 501 37.60 -9.82 24.79
CA PRO B 501 37.59 -10.79 25.89
C PRO B 501 38.56 -11.95 25.66
N PHE B 502 38.93 -12.58 26.77
CA PHE B 502 39.78 -13.76 26.74
C PHE B 502 39.00 -14.92 26.16
N PHE B 503 39.61 -15.66 25.25
CA PHE B 503 38.96 -16.81 24.64
C PHE B 503 39.58 -18.10 25.17
N LYS B 504 38.73 -19.08 25.43
CA LYS B 504 39.19 -20.42 25.73
C LYS B 504 38.59 -21.34 24.68
N LEU B 505 39.36 -21.61 23.63
CA LEU B 505 38.94 -22.60 22.65
C LEU B 505 39.23 -24.00 23.16
N SER B 506 38.27 -24.89 22.96
CA SER B 506 38.46 -26.32 23.11
C SER B 506 38.43 -26.95 21.73
N GLU B 507 38.96 -28.15 21.62
CA GLU B 507 38.96 -28.87 20.35
C GLU B 507 38.01 -30.04 20.45
N GLU B 508 37.18 -30.21 19.43
CA GLU B 508 36.26 -31.33 19.32
C GLU B 508 36.43 -31.96 17.95
N PHE B 509 36.71 -33.26 17.92
CA PHE B 509 36.87 -33.96 16.67
C PHE B 509 35.55 -34.63 16.30
N VAL B 510 35.10 -34.41 15.07
CA VAL B 510 33.95 -35.11 14.52
C VAL B 510 34.43 -35.98 13.38
N ASP B 511 33.70 -37.02 13.12
CA ASP B 511 34.00 -37.89 12.00
C ASP B 511 33.12 -37.53 10.81
N PRO B 512 33.69 -37.26 9.64
CA PRO B 512 32.85 -37.06 8.44
C PRO B 512 32.03 -38.28 8.04
N LYS B 513 32.45 -39.48 8.44
CA LYS B 513 31.62 -40.66 8.29
C LYS B 513 30.42 -40.65 9.24
N SER B 514 30.53 -39.99 10.39
CA SER B 514 29.51 -40.04 11.43
C SER B 514 28.32 -39.12 11.16
N HIS B 515 28.24 -38.49 9.99
CA HIS B 515 27.09 -37.66 9.65
C HIS B 515 26.07 -38.55 8.95
N LYS B 516 25.14 -39.10 9.72
CA LYS B 516 24.12 -40.00 9.22
C LYS B 516 22.74 -39.42 9.48
N PHE B 517 21.80 -39.74 8.60
CA PHE B 517 20.53 -39.04 8.50
C PHE B 517 19.38 -40.02 8.31
N VAL B 518 18.19 -39.58 8.74
CA VAL B 518 16.96 -40.33 8.57
C VAL B 518 15.96 -39.43 7.85
N MET B 519 14.80 -39.99 7.52
CA MET B 519 13.77 -39.28 6.77
C MET B 519 12.65 -38.77 7.67
N ARG B 520 12.69 -39.08 8.97
CA ARG B 520 11.60 -38.75 9.87
C ARG B 520 11.95 -37.48 10.65
N LEU B 521 11.11 -36.45 10.50
CA LEU B 521 11.15 -35.20 11.26
C LEU B 521 12.48 -34.47 11.10
N VAL C 115 62.00 -15.80 -11.27
CA VAL C 115 61.83 -16.25 -9.89
C VAL C 115 62.95 -17.23 -9.56
N ALA C 116 63.62 -17.72 -10.60
CA ALA C 116 64.76 -18.62 -10.39
C ALA C 116 65.98 -17.86 -9.90
N ALA C 117 66.10 -16.58 -10.28
CA ALA C 117 67.22 -15.76 -9.82
C ALA C 117 67.10 -15.46 -8.33
N GLY C 118 65.87 -15.34 -7.83
CA GLY C 118 65.68 -15.15 -6.40
C GLY C 118 66.08 -16.37 -5.59
N ALA C 119 65.74 -17.57 -6.08
CA ALA C 119 66.16 -18.80 -5.41
C ALA C 119 67.67 -18.99 -5.52
N THR C 120 68.27 -18.56 -6.63
CA THR C 120 69.73 -18.62 -6.77
C THR C 120 70.42 -17.69 -5.79
N LEU C 121 69.90 -16.46 -5.64
CA LEU C 121 70.44 -15.52 -4.66
C LEU C 121 70.23 -16.02 -3.24
N ALA C 122 69.10 -16.68 -2.96
CA ALA C 122 68.85 -17.20 -1.62
C ALA C 122 69.81 -18.33 -1.28
N LEU C 123 70.01 -19.27 -2.22
CA LEU C 123 70.92 -20.38 -1.98
C LEU C 123 72.37 -19.90 -1.87
N LEU C 124 72.76 -18.95 -2.72
CA LEU C 124 74.12 -18.40 -2.67
C LEU C 124 74.35 -17.64 -1.37
N SER C 125 73.35 -16.87 -0.92
CA SER C 125 73.49 -16.11 0.31
C SER C 125 73.48 -17.02 1.53
N PHE C 126 72.81 -18.16 1.45
CA PHE C 126 72.86 -19.08 2.59
C PHE C 126 74.18 -19.84 2.62
N LEU C 127 74.73 -20.21 1.46
CA LEU C 127 75.96 -20.99 1.42
C LEU C 127 77.23 -20.15 1.53
N THR C 128 77.13 -18.84 1.29
CA THR C 128 78.32 -17.98 1.35
C THR C 128 78.98 -17.86 2.73
N PRO C 129 78.27 -17.72 3.87
CA PRO C 129 79.01 -17.73 5.15
C PRO C 129 79.63 -19.07 5.48
N LEU C 130 78.96 -20.18 5.12
CA LEU C 130 79.54 -21.49 5.33
C LEU C 130 80.76 -21.71 4.46
N ALA C 131 80.75 -21.16 3.24
CA ALA C 131 81.95 -21.22 2.40
C ALA C 131 83.07 -20.38 2.99
N PHE C 132 82.74 -19.19 3.52
CA PHE C 132 83.76 -18.33 4.10
C PHE C 132 84.36 -18.92 5.36
N LEU C 133 83.60 -19.75 6.08
CA LEU C 133 84.15 -20.43 7.25
C LEU C 133 84.87 -21.72 6.92
N LEU C 134 84.46 -22.43 5.86
CA LEU C 134 85.01 -23.76 5.61
C LEU C 134 86.10 -23.80 4.56
N LEU C 135 86.33 -22.73 3.80
CA LEU C 135 87.47 -22.78 2.89
C LEU C 135 88.87 -22.67 3.53
N PRO C 136 89.13 -21.87 4.58
CA PRO C 136 90.50 -21.89 5.17
C PRO C 136 90.88 -23.19 5.88
N PRO C 137 89.97 -23.92 6.58
CA PRO C 137 90.40 -25.25 7.06
C PRO C 137 90.58 -26.29 5.97
N LEU C 138 89.94 -26.12 4.81
CA LEU C 138 90.10 -27.10 3.75
C LEU C 138 91.27 -26.80 2.83
N LEU C 139 91.67 -25.54 2.71
CA LEU C 139 92.71 -25.21 1.73
C LEU C 139 94.07 -25.02 2.38
N TRP C 140 94.19 -24.12 3.37
CA TRP C 140 95.44 -23.96 4.10
C TRP C 140 95.16 -24.21 5.58
N ARG C 141 95.24 -25.48 5.97
CA ARG C 141 94.98 -25.81 7.37
C ARG C 141 96.21 -25.63 8.24
N GLU C 142 97.36 -26.15 7.81
CA GLU C 142 98.57 -26.03 8.60
C GLU C 142 99.17 -24.63 8.56
N GLU C 143 98.91 -23.90 7.47
CA GLU C 143 99.30 -22.50 7.40
C GLU C 143 98.46 -21.63 8.33
N LEU C 144 97.25 -22.08 8.65
CA LEU C 144 96.29 -21.26 9.38
C LEU C 144 96.71 -21.10 10.84
N GLU C 145 96.58 -19.87 11.35
CA GLU C 145 96.93 -19.61 12.74
C GLU C 145 95.85 -20.17 13.66
N PRO C 146 96.23 -20.79 14.77
CA PRO C 146 95.23 -21.18 15.76
C PRO C 146 94.72 -19.97 16.54
N CYS C 147 93.42 -19.98 16.82
CA CYS C 147 92.78 -18.90 17.55
C CYS C 147 91.96 -19.48 18.68
N GLY C 148 91.67 -18.63 19.67
CA GLY C 148 91.08 -19.09 20.91
C GLY C 148 89.58 -19.37 20.87
N THR C 149 88.92 -19.21 22.02
CA THR C 149 87.52 -19.52 22.14
C THR C 149 86.61 -18.47 21.53
N ALA C 150 87.16 -17.29 21.20
CA ALA C 150 86.38 -16.25 20.54
C ALA C 150 85.91 -16.71 19.16
N CYS C 151 86.77 -17.45 18.45
CA CYS C 151 86.41 -18.00 17.15
C CYS C 151 85.26 -18.98 17.26
N GLU C 152 85.30 -19.88 18.24
CA GLU C 152 84.26 -20.89 18.39
C GLU C 152 82.94 -20.29 18.88
N GLY C 153 83.01 -19.27 19.74
CA GLY C 153 81.81 -18.54 20.10
C GLY C 153 81.19 -17.82 18.91
N LEU C 154 82.03 -17.30 18.03
CA LEU C 154 81.49 -16.71 16.80
C LEU C 154 80.96 -17.77 15.84
N PHE C 155 81.49 -19.00 15.88
CA PHE C 155 80.88 -20.09 15.12
C PHE C 155 79.47 -20.39 15.61
N ILE C 156 79.30 -20.37 16.94
CA ILE C 156 77.97 -20.56 17.53
C ILE C 156 77.03 -19.44 17.11
N SER C 157 77.53 -18.21 17.09
CA SER C 157 76.71 -17.08 16.65
C SER C 157 76.34 -17.19 15.18
N VAL C 158 77.28 -17.64 14.34
CA VAL C 158 76.99 -17.86 12.91
C VAL C 158 75.91 -18.92 12.75
N ALA C 159 76.01 -20.02 13.50
CA ALA C 159 75.03 -21.11 13.38
C ALA C 159 73.63 -20.66 13.78
N PHE C 160 73.51 -19.98 14.92
CA PHE C 160 72.17 -19.58 15.37
C PHE C 160 71.60 -18.44 14.53
N LYS C 161 72.45 -17.51 14.08
CA LYS C 161 71.94 -16.42 13.24
C LYS C 161 71.59 -16.91 11.84
N LEU C 162 72.26 -17.94 11.34
CA LEU C 162 71.84 -18.53 10.07
C LEU C 162 70.54 -19.31 10.23
N LEU C 163 70.32 -19.92 11.39
CA LEU C 163 69.02 -20.56 11.63
C LEU C 163 67.91 -19.51 11.71
N ILE C 164 68.19 -18.36 12.32
CA ILE C 164 67.22 -17.26 12.36
C ILE C 164 66.92 -16.74 10.96
N LEU C 165 67.97 -16.59 10.14
CA LEU C 165 67.80 -16.12 8.76
C LEU C 165 67.00 -17.11 7.92
N LEU C 166 67.24 -18.40 8.12
CA LEU C 166 66.51 -19.42 7.38
C LEU C 166 65.05 -19.47 7.80
N LEU C 167 64.76 -19.35 9.10
CA LEU C 167 63.37 -19.38 9.55
C LEU C 167 62.62 -18.12 9.14
N GLY C 168 63.29 -16.96 9.13
CA GLY C 168 62.64 -15.75 8.68
C GLY C 168 62.37 -15.74 7.19
N SER C 169 63.33 -16.20 6.40
CA SER C 169 63.12 -16.29 4.95
C SER C 169 62.11 -17.36 4.61
N TRP C 170 61.97 -18.39 5.44
CA TRP C 170 60.87 -19.34 5.27
C TRP C 170 59.53 -18.67 5.58
N ALA C 171 59.48 -17.91 6.66
CA ALA C 171 58.21 -17.38 7.13
C ALA C 171 57.66 -16.30 6.21
N LEU C 172 58.53 -15.52 5.58
CA LEU C 172 58.02 -14.42 4.77
C LEU C 172 58.31 -14.50 3.29
N PHE C 173 59.32 -15.24 2.86
CA PHE C 173 59.75 -15.12 1.47
C PHE C 173 59.83 -16.44 0.71
N PHE C 174 59.57 -17.56 1.36
CA PHE C 174 59.50 -18.84 0.65
C PHE C 174 58.03 -19.17 0.35
N ARG C 175 57.42 -18.32 -0.47
CA ARG C 175 56.03 -18.47 -0.86
C ARG C 175 55.87 -18.08 -2.31
N ARG C 176 54.81 -18.60 -2.92
CA ARG C 176 54.53 -18.33 -4.32
C ARG C 176 54.10 -16.87 -4.51
N PRO C 177 54.42 -16.28 -5.67
CA PRO C 177 53.96 -14.91 -5.95
C PRO C 177 52.45 -14.86 -6.09
N LYS C 178 51.83 -13.90 -5.40
CA LYS C 178 50.37 -13.82 -5.37
C LYS C 178 49.83 -13.10 -6.61
N ALA C 179 50.70 -12.46 -7.38
CA ALA C 179 50.26 -11.70 -8.53
C ALA C 179 51.35 -11.61 -9.57
N SER C 180 50.94 -11.34 -10.81
CA SER C 180 51.85 -11.04 -11.90
C SER C 180 51.67 -9.56 -12.26
N LEU C 181 52.62 -8.77 -11.88
CA LEU C 181 52.55 -7.34 -12.10
C LEU C 181 52.94 -6.98 -13.53
N PRO C 182 52.33 -5.94 -14.10
CA PRO C 182 52.64 -5.60 -15.50
C PRO C 182 54.04 -5.03 -15.68
N ARG C 183 54.59 -4.36 -14.67
CA ARG C 183 55.96 -3.91 -14.70
C ARG C 183 56.73 -4.55 -13.55
N VAL C 184 57.96 -4.11 -13.39
CA VAL C 184 58.86 -4.71 -12.40
C VAL C 184 58.42 -4.30 -11.01
N PHE C 185 58.48 -5.25 -10.07
CA PHE C 185 58.34 -4.93 -8.66
C PHE C 185 59.56 -4.10 -8.28
N VAL C 186 59.37 -2.82 -7.97
CA VAL C 186 60.50 -1.91 -7.81
C VAL C 186 61.27 -2.23 -6.54
N LEU C 187 60.56 -2.42 -5.43
CA LEU C 187 61.25 -2.65 -4.17
C LEU C 187 61.85 -4.04 -4.09
N ARG C 188 61.21 -5.04 -4.68
CA ARG C 188 61.76 -6.39 -4.67
C ARG C 188 62.97 -6.50 -5.58
N ALA C 189 62.96 -5.78 -6.71
CA ALA C 189 64.15 -5.72 -7.55
C ALA C 189 65.27 -4.94 -6.86
N LEU C 190 64.92 -3.91 -6.09
CA LEU C 190 65.91 -3.22 -5.27
C LEU C 190 66.54 -4.14 -4.24
N LEU C 191 65.72 -4.98 -3.62
CA LEU C 191 66.23 -5.95 -2.64
C LEU C 191 67.10 -7.02 -3.29
N MET C 192 66.73 -7.45 -4.50
CA MET C 192 67.52 -8.48 -5.18
C MET C 192 68.86 -7.91 -5.65
N VAL C 193 68.86 -6.66 -6.13
CA VAL C 193 70.11 -5.99 -6.47
C VAL C 193 70.96 -5.75 -5.23
N LEU C 194 70.33 -5.46 -4.08
CA LEU C 194 71.10 -5.26 -2.86
C LEU C 194 71.72 -6.56 -2.36
N VAL C 195 70.96 -7.66 -2.38
CA VAL C 195 71.50 -8.98 -2.04
C VAL C 195 72.62 -9.36 -2.99
N PHE C 196 72.44 -9.12 -4.28
CA PHE C 196 73.44 -9.48 -5.27
C PHE C 196 74.73 -8.68 -5.11
N LEU C 197 74.62 -7.37 -4.94
CA LEU C 197 75.81 -6.54 -4.80
C LEU C 197 76.50 -6.78 -3.47
N LEU C 198 75.74 -7.05 -2.41
CA LEU C 198 76.33 -7.36 -1.11
C LEU C 198 77.11 -8.67 -1.15
N VAL C 199 76.48 -9.74 -1.64
CA VAL C 199 77.12 -11.05 -1.63
C VAL C 199 78.27 -11.09 -2.63
N VAL C 200 78.13 -10.43 -3.79
CA VAL C 200 79.22 -10.36 -4.77
C VAL C 200 80.38 -9.54 -4.22
N SER C 201 80.11 -8.48 -3.46
CA SER C 201 81.21 -7.68 -2.90
C SER C 201 81.93 -8.44 -1.79
N TYR C 202 81.18 -9.21 -0.98
CA TYR C 202 81.82 -10.06 0.02
C TYR C 202 82.64 -11.17 -0.63
N TRP C 203 82.16 -11.73 -1.75
CA TRP C 203 82.95 -12.73 -2.48
C TRP C 203 84.20 -12.13 -3.09
N LEU C 204 84.10 -10.91 -3.64
CA LEU C 204 85.26 -10.27 -4.25
C LEU C 204 86.31 -9.93 -3.22
N PHE C 205 85.90 -9.42 -2.05
CA PHE C 205 86.87 -9.13 -1.00
C PHE C 205 87.48 -10.39 -0.43
N TYR C 206 86.66 -11.43 -0.23
CA TYR C 206 87.17 -12.70 0.29
C TYR C 206 88.12 -13.36 -0.70
N GLY C 207 87.89 -13.17 -2.00
CA GLY C 207 88.82 -13.68 -2.99
C GLY C 207 90.12 -12.92 -3.01
N VAL C 208 90.05 -11.60 -3.21
CA VAL C 208 91.27 -10.84 -3.47
C VAL C 208 92.06 -10.47 -2.22
N ARG C 209 91.49 -10.66 -1.02
CA ARG C 209 92.22 -10.30 0.19
C ARG C 209 92.31 -11.40 1.24
N ILE C 210 91.58 -12.51 1.08
CA ILE C 210 91.66 -13.64 2.00
C ILE C 210 92.05 -14.93 1.28
N LEU C 211 91.35 -15.24 0.19
CA LEU C 211 91.58 -16.51 -0.50
C LEU C 211 92.88 -16.49 -1.31
N ASP C 212 93.09 -15.44 -2.09
CA ASP C 212 94.31 -15.33 -2.89
C ASP C 212 95.51 -15.01 -2.01
N ALA C 213 95.32 -14.14 -1.01
CA ALA C 213 96.41 -13.75 -0.12
C ALA C 213 96.76 -14.81 0.91
N ARG C 214 95.92 -15.83 1.08
CA ARG C 214 96.07 -16.91 2.06
C ARG C 214 96.19 -16.34 3.49
N GLU C 215 95.09 -15.75 3.93
CA GLU C 215 95.02 -15.07 5.22
C GLU C 215 95.25 -16.03 6.36
N ARG C 216 96.15 -15.65 7.27
CA ARG C 216 96.49 -16.48 8.42
C ARG C 216 95.61 -16.19 9.63
N SER C 217 95.22 -14.93 9.82
CA SER C 217 94.41 -14.54 10.98
C SER C 217 92.99 -15.04 10.76
N TYR C 218 92.70 -16.22 11.30
CA TYR C 218 91.40 -16.86 11.11
C TYR C 218 90.31 -16.18 11.91
N GLN C 219 90.67 -15.47 13.00
CA GLN C 219 89.70 -14.70 13.76
C GLN C 219 89.08 -13.60 12.91
N GLY C 220 89.89 -12.96 12.06
CA GLY C 220 89.36 -11.98 11.14
C GLY C 220 88.42 -12.56 10.10
N VAL C 221 88.69 -13.79 9.66
CA VAL C 221 87.82 -14.45 8.69
C VAL C 221 86.49 -14.83 9.33
N VAL C 222 86.52 -15.26 10.59
CA VAL C 222 85.28 -15.65 11.25
C VAL C 222 84.47 -14.40 11.62
N GLN C 223 85.13 -13.31 12.03
CA GLN C 223 84.43 -12.04 12.22
C GLN C 223 83.86 -11.49 10.92
N PHE C 224 84.54 -11.74 9.81
CA PHE C 224 84.05 -11.37 8.48
C PHE C 224 82.78 -12.14 8.14
N ALA C 225 82.75 -13.43 8.47
CA ALA C 225 81.53 -14.22 8.26
C ALA C 225 80.40 -13.78 9.19
N VAL C 226 80.72 -13.42 10.44
CA VAL C 226 79.73 -12.89 11.37
C VAL C 226 79.11 -11.60 10.84
N SER C 227 79.95 -10.72 10.30
CA SER C 227 79.46 -9.48 9.70
C SER C 227 78.62 -9.76 8.46
N LEU C 228 78.95 -10.81 7.70
CA LEU C 228 78.13 -11.19 6.56
C LEU C 228 76.74 -11.67 6.98
N VAL C 229 76.68 -12.50 8.05
CA VAL C 229 75.37 -13.00 8.48
C VAL C 229 74.55 -11.88 9.11
N ASP C 230 75.21 -10.95 9.82
CA ASP C 230 74.52 -9.77 10.34
C ASP C 230 73.99 -8.90 9.21
N ALA C 231 74.76 -8.75 8.13
CA ALA C 231 74.30 -7.99 6.99
C ALA C 231 73.15 -8.66 6.27
N LEU C 232 73.15 -9.99 6.20
CA LEU C 232 72.03 -10.69 5.57
C LEU C 232 70.76 -10.59 6.40
N LEU C 233 70.89 -10.66 7.73
CA LEU C 233 69.72 -10.44 8.60
C LEU C 233 69.22 -9.01 8.53
N PHE C 234 70.12 -8.04 8.34
CA PHE C 234 69.68 -6.66 8.17
C PHE C 234 69.06 -6.43 6.79
N VAL C 235 69.50 -7.16 5.76
CA VAL C 235 68.83 -7.08 4.46
C VAL C 235 67.44 -7.72 4.54
N HIS C 236 67.30 -8.79 5.32
CA HIS C 236 65.99 -9.39 5.55
C HIS C 236 65.07 -8.43 6.30
N TYR C 237 65.61 -7.73 7.29
CA TYR C 237 64.84 -6.70 8.00
C TYR C 237 64.45 -5.56 7.07
N LEU C 238 65.36 -5.12 6.20
CA LEU C 238 65.04 -4.10 5.23
C LEU C 238 64.00 -4.58 4.22
N ALA C 239 64.00 -5.87 3.91
CA ALA C 239 63.00 -6.44 3.03
C ALA C 239 61.62 -6.41 3.67
N VAL C 240 61.56 -6.69 4.97
CA VAL C 240 60.29 -6.60 5.69
C VAL C 240 59.82 -5.14 5.77
N VAL C 241 60.76 -4.22 5.97
CA VAL C 241 60.43 -2.79 6.03
C VAL C 241 59.89 -2.28 4.70
N LEU C 242 60.58 -2.62 3.60
CA LEU C 242 60.19 -2.12 2.29
C LEU C 242 58.92 -2.78 1.79
N LEU C 243 58.80 -4.10 1.95
CA LEU C 243 57.71 -4.81 1.30
C LEU C 243 56.45 -4.86 2.14
N GLU C 244 56.56 -4.81 3.46
CA GLU C 244 55.37 -5.02 4.28
C GLU C 244 55.10 -3.89 5.27
N LEU C 245 56.12 -3.25 5.81
CA LEU C 245 55.91 -2.28 6.86
C LEU C 245 55.67 -0.88 6.33
N ARG C 246 56.05 -0.61 5.07
CA ARG C 246 55.93 0.72 4.51
C ARG C 246 54.47 1.14 4.31
N GLN C 247 53.61 0.19 3.97
CA GLN C 247 52.21 0.48 3.67
C GLN C 247 51.26 0.25 4.84
N LEU C 248 51.77 0.05 6.05
CA LEU C 248 50.86 -0.13 7.19
C LEU C 248 50.21 1.18 7.58
N GLN C 249 50.97 2.26 7.62
CA GLN C 249 50.46 3.57 7.97
C GLN C 249 49.57 4.08 6.85
N PRO C 250 48.28 4.28 7.08
CA PRO C 250 47.37 4.66 5.98
C PRO C 250 47.60 6.10 5.54
N GLN C 251 47.88 6.26 4.25
CA GLN C 251 48.18 7.56 3.68
C GLN C 251 47.09 8.08 2.74
N PHE C 252 46.36 7.18 2.09
CA PHE C 252 45.42 7.56 1.06
C PHE C 252 44.10 6.85 1.27
N THR C 253 43.03 7.50 0.83
CA THR C 253 41.71 6.91 0.77
C THR C 253 41.35 6.66 -0.69
N LEU C 254 41.01 5.41 -0.98
CA LEU C 254 40.66 4.96 -2.32
C LEU C 254 39.17 4.78 -2.40
N LYS C 255 38.54 5.47 -3.35
CA LYS C 255 37.15 5.20 -3.72
C LYS C 255 37.19 4.27 -4.92
N VAL C 256 36.66 3.06 -4.76
CA VAL C 256 36.64 2.06 -5.81
C VAL C 256 35.18 1.84 -6.19
N VAL C 257 34.85 2.12 -7.45
CA VAL C 257 33.49 2.08 -7.96
C VAL C 257 33.47 1.19 -9.19
N ARG C 258 32.55 0.24 -9.25
CA ARG C 258 32.34 -0.46 -10.52
C ARG C 258 31.67 0.46 -11.52
N SER C 259 32.19 0.46 -12.74
CA SER C 259 31.70 1.34 -13.79
C SER C 259 30.32 0.96 -14.30
N THR C 260 29.80 -0.22 -13.95
CA THR C 260 28.53 -0.70 -14.45
C THR C 260 27.37 -0.47 -13.50
N ASP C 261 27.47 -0.95 -12.26
CA ASP C 261 26.37 -0.81 -11.32
C ASP C 261 26.67 0.15 -10.18
N GLY C 262 27.89 0.69 -10.11
CA GLY C 262 28.18 1.68 -9.08
C GLY C 262 28.31 1.13 -7.69
N ALA C 263 28.67 -0.13 -7.53
CA ALA C 263 29.06 -0.63 -6.23
C ALA C 263 30.36 0.03 -5.81
N SER C 264 30.35 0.71 -4.67
CA SER C 264 31.45 1.54 -4.24
C SER C 264 31.91 1.15 -2.85
N ARG C 265 33.21 1.03 -2.67
CA ARG C 265 33.80 0.88 -1.34
C ARG C 265 34.95 1.84 -1.19
N PHE C 266 35.23 2.24 0.05
CA PHE C 266 36.38 3.09 0.31
C PHE C 266 37.38 2.31 1.15
N TYR C 267 38.66 2.61 0.93
CA TYR C 267 39.72 1.91 1.62
C TYR C 267 40.79 2.90 2.05
N ASN C 268 41.54 2.53 3.07
CA ASN C 268 42.76 3.24 3.43
C ASN C 268 43.96 2.40 3.00
N VAL C 269 44.87 3.03 2.27
CA VAL C 269 46.05 2.35 1.77
C VAL C 269 47.26 3.20 2.16
N GLY C 270 48.41 2.57 2.26
CA GLY C 270 49.66 3.25 2.58
C GLY C 270 50.45 3.60 1.35
N HIS C 271 51.74 3.81 1.56
CA HIS C 271 52.65 4.10 0.45
C HIS C 271 52.89 2.82 -0.35
N LEU C 272 52.19 2.69 -1.46
CA LEU C 272 52.43 1.62 -2.41
C LEU C 272 52.44 2.22 -3.80
N SER C 273 53.03 1.48 -4.74
CA SER C 273 52.93 1.86 -6.14
C SER C 273 51.52 1.56 -6.66
N ILE C 274 51.24 2.03 -7.88
CA ILE C 274 49.89 1.91 -8.43
C ILE C 274 49.56 0.45 -8.74
N GLN C 275 50.54 -0.34 -9.15
CA GLN C 275 50.27 -1.74 -9.45
C GLN C 275 50.07 -2.57 -8.18
N ARG C 276 50.77 -2.23 -7.09
CA ARG C 276 50.58 -2.95 -5.85
C ARG C 276 49.26 -2.56 -5.19
N VAL C 277 48.88 -1.29 -5.30
CA VAL C 277 47.55 -0.83 -4.91
C VAL C 277 46.49 -1.54 -5.72
N ALA C 278 46.76 -1.77 -7.01
CA ALA C 278 45.80 -2.45 -7.87
C ALA C 278 45.59 -3.90 -7.47
N VAL C 279 46.66 -4.61 -7.15
CA VAL C 279 46.53 -5.99 -6.67
C VAL C 279 45.85 -6.03 -5.31
N TRP C 280 46.13 -5.03 -4.46
CA TRP C 280 45.49 -4.91 -3.16
C TRP C 280 43.98 -4.70 -3.29
N ILE C 281 43.57 -3.86 -4.25
CA ILE C 281 42.16 -3.61 -4.51
C ILE C 281 41.51 -4.84 -5.10
N LEU C 282 42.23 -5.60 -5.93
CA LEU C 282 41.63 -6.83 -6.47
C LEU C 282 41.48 -7.91 -5.41
N GLU C 283 42.35 -7.90 -4.40
CA GLU C 283 42.15 -8.79 -3.26
C GLU C 283 40.95 -8.36 -2.42
N LYS C 284 40.74 -7.05 -2.30
CA LYS C 284 39.54 -6.57 -1.60
C LYS C 284 38.27 -6.78 -2.42
N TYR C 285 38.39 -6.83 -3.75
CA TYR C 285 37.22 -6.81 -4.62
C TYR C 285 36.46 -8.13 -4.57
N TYR C 286 37.18 -9.25 -4.48
CA TYR C 286 36.51 -10.54 -4.57
C TYR C 286 35.72 -10.89 -3.32
N HIS C 287 35.90 -10.16 -2.22
CA HIS C 287 35.06 -10.39 -1.06
C HIS C 287 34.29 -9.17 -0.60
N ASP C 288 34.55 -7.99 -1.16
CA ASP C 288 33.83 -6.79 -0.73
C ASP C 288 32.68 -6.39 -1.65
N PHE C 289 32.88 -6.38 -2.96
CA PHE C 289 31.77 -5.94 -3.81
C PHE C 289 30.84 -7.12 -4.04
N PRO C 290 29.58 -6.87 -4.37
CA PRO C 290 28.74 -7.96 -4.90
C PRO C 290 29.27 -8.44 -6.25
N VAL C 291 28.88 -9.67 -6.60
CA VAL C 291 29.33 -10.27 -7.84
C VAL C 291 28.74 -9.50 -9.03
N TYR C 292 29.52 -9.40 -10.11
CA TYR C 292 29.04 -8.68 -11.28
C TYR C 292 27.94 -9.47 -11.97
N ASN C 293 26.85 -8.78 -12.28
CA ASN C 293 25.70 -9.40 -12.93
C ASN C 293 25.34 -8.58 -14.15
N PRO C 294 25.69 -9.02 -15.35
CA PRO C 294 25.31 -8.29 -16.57
C PRO C 294 23.83 -8.41 -16.91
N ALA C 295 23.10 -9.32 -16.24
CA ALA C 295 21.66 -9.43 -16.41
C ALA C 295 20.89 -8.43 -15.57
N LEU C 296 21.57 -7.56 -14.81
CA LEU C 296 20.91 -6.52 -14.04
C LEU C 296 21.10 -5.17 -14.70
N VAL C 332 15.55 23.59 -25.77
CA VAL C 332 15.37 22.46 -26.66
C VAL C 332 15.48 21.16 -25.88
N ILE C 333 16.67 20.92 -25.31
CA ILE C 333 16.92 19.67 -24.60
C ILE C 333 16.31 19.71 -23.20
N ALA C 334 16.40 20.87 -22.55
CA ALA C 334 15.82 21.01 -21.21
C ALA C 334 14.29 21.01 -21.27
N ALA C 335 13.72 21.48 -22.38
CA ALA C 335 12.27 21.43 -22.55
C ALA C 335 11.79 20.00 -22.73
N ALA C 336 12.55 19.19 -23.49
CA ALA C 336 12.22 17.78 -23.63
C ALA C 336 12.41 17.03 -22.31
N ALA C 337 13.40 17.44 -21.52
CA ALA C 337 13.59 16.84 -20.20
C ALA C 337 12.46 17.19 -19.25
N ARG C 338 11.95 18.43 -19.34
CA ARG C 338 10.80 18.83 -18.53
C ARG C 338 9.53 18.11 -18.97
N ARG C 339 9.38 17.87 -20.28
CA ARG C 339 8.24 17.12 -20.79
C ARG C 339 8.31 15.65 -20.38
N ARG C 340 9.51 15.09 -20.35
CA ARG C 340 9.66 13.68 -20.00
C ARG C 340 9.54 13.45 -18.49
N ASP C 341 10.06 14.39 -17.69
CA ASP C 341 10.00 14.22 -16.24
C ASP C 341 8.60 14.50 -15.70
N ASN C 342 7.72 15.09 -16.50
CA ASN C 342 6.33 15.28 -16.11
C ASN C 342 5.42 14.15 -16.59
N SER C 343 5.98 13.14 -17.26
CA SER C 343 5.19 12.04 -17.80
C SER C 343 4.91 11.02 -16.70
N HIS C 344 4.40 9.85 -17.09
CA HIS C 344 4.13 8.79 -16.12
C HIS C 344 5.43 8.18 -15.63
N ASN C 345 5.56 8.06 -14.30
CA ASN C 345 6.78 7.55 -13.69
C ASN C 345 6.74 6.03 -13.75
N GLU C 346 7.07 5.51 -14.95
CA GLU C 346 6.99 4.08 -15.21
C GLU C 346 8.01 3.29 -14.43
N TYR C 347 9.21 3.85 -14.27
CA TYR C 347 10.30 3.14 -13.61
C TYR C 347 10.04 2.96 -12.12
N TYR C 348 9.37 3.93 -11.48
CA TYR C 348 9.00 3.82 -10.08
C TYR C 348 8.07 2.63 -9.85
N TYR C 349 7.05 2.48 -10.69
CA TYR C 349 6.12 1.39 -10.48
C TYR C 349 6.68 0.05 -10.92
N GLU C 350 7.55 0.04 -11.94
CA GLU C 350 8.24 -1.20 -12.29
C GLU C 350 9.20 -1.64 -11.17
N GLU C 351 9.85 -0.67 -10.51
CA GLU C 351 10.70 -0.98 -9.38
C GLU C 351 9.90 -1.51 -8.20
N ALA C 352 8.73 -0.92 -7.94
CA ALA C 352 7.88 -1.39 -6.84
C ALA C 352 7.32 -2.79 -7.13
N GLU C 353 6.94 -3.04 -8.39
CA GLU C 353 6.50 -4.38 -8.80
C GLU C 353 7.62 -5.40 -8.65
N HIS C 354 8.85 -5.01 -9.01
CA HIS C 354 9.97 -5.94 -8.91
C HIS C 354 10.31 -6.25 -7.45
N GLU C 355 10.28 -5.23 -6.58
CA GLU C 355 10.54 -5.45 -5.16
C GLU C 355 9.45 -6.32 -4.53
N ARG C 356 8.20 -6.09 -4.93
CA ARG C 356 7.08 -6.87 -4.39
C ARG C 356 7.16 -8.33 -4.84
N ARG C 357 7.47 -8.58 -6.11
CA ARG C 357 7.54 -9.97 -6.56
C ARG C 357 8.79 -10.66 -6.06
N VAL C 358 9.88 -9.92 -5.82
CA VAL C 358 11.05 -10.52 -5.20
C VAL C 358 10.75 -10.92 -3.76
N ARG C 359 10.01 -10.08 -3.02
CA ARG C 359 9.62 -10.44 -1.66
C ARG C 359 8.67 -11.63 -1.64
N LYS C 360 7.78 -11.74 -2.64
CA LYS C 360 6.86 -12.87 -2.68
C LYS C 360 7.59 -14.18 -3.02
N ARG C 361 8.48 -14.15 -4.02
CA ARG C 361 9.26 -15.35 -4.34
C ARG C 361 10.22 -15.71 -3.20
N ARG C 362 10.69 -14.69 -2.47
CA ARG C 362 11.54 -14.94 -1.31
C ARG C 362 10.76 -15.62 -0.20
N ALA C 363 9.51 -15.21 0.02
CA ALA C 363 8.69 -15.85 1.05
C ALA C 363 8.35 -17.28 0.68
N ARG C 364 8.04 -17.53 -0.60
CA ARG C 364 7.84 -18.89 -1.08
C ARG C 364 9.09 -19.73 -0.90
N LEU C 365 10.27 -19.15 -1.15
CA LEU C 365 11.53 -19.87 -0.99
C LEU C 365 11.83 -20.18 0.47
N VAL C 366 11.53 -19.24 1.38
CA VAL C 366 11.78 -19.47 2.80
C VAL C 366 10.88 -20.58 3.33
N VAL C 367 9.59 -20.56 2.96
CA VAL C 367 8.68 -21.62 3.39
C VAL C 367 9.08 -22.96 2.78
N ALA C 368 9.54 -22.95 1.52
CA ALA C 368 9.96 -24.17 0.85
C ALA C 368 11.19 -24.79 1.49
N VAL C 369 12.18 -23.96 1.84
CA VAL C 369 13.41 -24.51 2.41
C VAL C 369 13.21 -24.91 3.87
N GLU C 370 12.31 -24.23 4.61
CA GLU C 370 11.97 -24.69 5.95
C GLU C 370 11.26 -26.05 5.92
N GLU C 371 10.24 -26.18 5.07
CA GLU C 371 9.54 -27.45 4.97
C GLU C 371 10.42 -28.53 4.34
N ALA C 372 11.45 -28.13 3.60
CA ALA C 372 12.42 -29.09 3.08
C ALA C 372 13.34 -29.59 4.18
N PHE C 373 13.83 -28.71 5.04
CA PHE C 373 14.76 -29.17 6.08
C PHE C 373 14.03 -29.89 7.20
N THR C 374 12.71 -29.72 7.30
CA THR C 374 11.98 -30.57 8.24
C THR C 374 11.75 -31.99 7.73
N HIS C 375 12.23 -32.34 6.55
CA HIS C 375 12.09 -33.70 6.04
C HIS C 375 13.21 -34.63 6.48
N ILE C 376 14.23 -34.13 7.18
CA ILE C 376 15.34 -34.98 7.63
C ILE C 376 15.65 -34.66 9.09
N LYS C 377 16.46 -35.54 9.68
CA LYS C 377 16.85 -35.46 11.08
C LYS C 377 18.16 -36.22 11.24
N ARG C 378 18.95 -35.83 12.25
CA ARG C 378 20.20 -36.51 12.55
C ARG C 378 19.96 -37.96 12.97
N LEU C 379 21.00 -38.77 12.90
CA LEU C 379 20.94 -40.15 13.37
C LEU C 379 22.15 -40.49 14.22
N VAL C 390 19.55 -45.06 7.81
CA VAL C 390 20.85 -44.62 7.34
C VAL C 390 20.73 -44.00 5.94
N MET C 391 21.33 -42.81 5.79
CA MET C 391 21.25 -42.03 4.57
C MET C 391 22.37 -40.99 4.57
N ASP C 392 23.13 -40.94 3.48
CA ASP C 392 24.24 -40.01 3.34
C ASP C 392 23.74 -38.57 3.28
N PRO C 393 24.58 -37.59 3.65
CA PRO C 393 24.18 -36.19 3.47
C PRO C 393 24.03 -35.79 2.01
N ARG C 394 24.75 -36.43 1.09
CA ARG C 394 24.47 -36.24 -0.33
C ARG C 394 23.10 -36.79 -0.69
N GLU C 395 22.77 -37.99 -0.20
CA GLU C 395 21.47 -38.58 -0.46
C GLU C 395 20.35 -37.81 0.23
N ALA C 396 20.60 -37.29 1.43
CA ALA C 396 19.59 -36.51 2.12
C ALA C 396 19.36 -35.17 1.46
N ALA C 397 20.44 -34.55 0.96
CA ALA C 397 20.32 -33.31 0.22
C ALA C 397 19.57 -33.51 -1.08
N GLN C 398 19.85 -34.62 -1.78
CA GLN C 398 19.14 -34.94 -3.00
C GLN C 398 17.67 -35.26 -2.73
N ALA C 399 17.37 -35.82 -1.55
CA ALA C 399 15.99 -36.09 -1.20
C ALA C 399 15.22 -34.81 -0.88
N ILE C 400 15.80 -33.92 -0.08
CA ILE C 400 15.10 -32.70 0.30
C ILE C 400 15.21 -31.59 -0.72
N PHE C 401 15.97 -31.79 -1.80
CA PHE C 401 16.03 -30.78 -2.85
C PHE C 401 14.78 -30.78 -3.70
N ALA C 402 14.08 -31.92 -3.79
CA ALA C 402 12.89 -32.01 -4.63
C ALA C 402 11.74 -31.18 -4.10
N SER C 403 11.68 -30.99 -2.79
CA SER C 403 10.63 -30.17 -2.19
C SER C 403 10.95 -28.68 -2.19
N MET C 404 12.08 -28.28 -2.77
CA MET C 404 12.46 -26.87 -2.78
C MET C 404 13.05 -26.42 -4.11
N ALA C 405 13.15 -27.29 -5.11
CA ALA C 405 13.81 -26.93 -6.36
C ALA C 405 12.98 -25.94 -7.16
N ARG C 406 11.65 -26.03 -7.06
CA ARG C 406 10.79 -25.16 -7.86
C ARG C 406 10.80 -23.73 -7.33
N ALA C 407 10.73 -23.57 -6.01
CA ALA C 407 10.77 -22.23 -5.42
C ALA C 407 12.15 -21.62 -5.51
N MET C 408 13.20 -22.45 -5.43
CA MET C 408 14.56 -21.95 -5.67
C MET C 408 14.74 -21.50 -7.11
N GLN C 409 14.20 -22.27 -8.06
CA GLN C 409 14.30 -21.89 -9.46
C GLN C 409 13.53 -20.61 -9.76
N LYS C 410 12.36 -20.44 -9.11
CA LYS C 410 11.59 -19.22 -9.31
C LYS C 410 12.28 -18.00 -8.69
N TYR C 411 12.90 -18.17 -7.52
CA TYR C 411 13.59 -17.05 -6.89
C TYR C 411 14.87 -16.69 -7.64
N LEU C 412 15.57 -17.68 -8.19
CA LEU C 412 16.74 -17.37 -8.99
C LEU C 412 16.38 -16.84 -10.37
N ARG C 413 15.17 -17.10 -10.85
CA ARG C 413 14.74 -16.42 -12.07
C ARG C 413 14.34 -14.99 -11.80
N THR C 414 13.66 -14.71 -10.68
CA THR C 414 13.18 -13.35 -10.45
C THR C 414 14.27 -12.40 -9.96
N THR C 415 15.42 -12.91 -9.54
CA THR C 415 16.53 -12.06 -9.10
C THR C 415 17.73 -12.14 -10.03
N LYS C 416 17.55 -12.74 -11.21
CA LYS C 416 18.55 -12.81 -12.29
C LYS C 416 19.82 -13.52 -11.85
N GLN C 417 19.68 -14.51 -10.99
CA GLN C 417 20.80 -15.27 -10.46
C GLN C 417 20.84 -16.69 -10.99
N GLN C 418 20.42 -16.90 -12.24
CA GLN C 418 20.34 -18.25 -12.77
C GLN C 418 21.72 -18.88 -13.06
N PRO C 419 22.65 -18.25 -13.79
CA PRO C 419 23.92 -18.96 -14.07
C PRO C 419 24.90 -18.98 -12.91
N TYR C 420 24.56 -18.40 -11.77
CA TYR C 420 25.41 -18.45 -10.60
C TYR C 420 25.28 -19.77 -9.86
N HIS C 421 24.12 -20.41 -9.96
CA HIS C 421 23.80 -21.58 -9.14
C HIS C 421 23.31 -22.68 -10.08
N THR C 422 24.17 -23.67 -10.32
CA THR C 422 23.70 -24.87 -10.99
C THR C 422 23.01 -25.77 -9.97
N MET C 423 22.37 -26.83 -10.48
CA MET C 423 21.73 -27.80 -9.60
C MET C 423 22.75 -28.54 -8.75
N GLU C 424 23.92 -28.83 -9.32
CA GLU C 424 24.95 -29.53 -8.57
C GLU C 424 25.55 -28.65 -7.48
N SER C 425 25.65 -27.34 -7.73
CA SER C 425 26.16 -26.44 -6.71
C SER C 425 25.18 -26.28 -5.56
N ILE C 426 23.88 -26.25 -5.86
CA ILE C 426 22.88 -26.16 -4.81
C ILE C 426 22.82 -27.47 -4.02
N LEU C 427 23.04 -28.61 -4.69
CA LEU C 427 23.09 -29.89 -3.98
C LEU C 427 24.31 -29.99 -3.08
N GLN C 428 25.47 -29.50 -3.55
CA GLN C 428 26.67 -29.48 -2.72
C GLN C 428 26.51 -28.54 -1.54
N HIS C 429 25.83 -27.42 -1.73
CA HIS C 429 25.64 -26.50 -0.61
C HIS C 429 24.56 -26.99 0.36
N LEU C 430 23.58 -27.76 -0.13
CA LEU C 430 22.63 -28.43 0.75
C LEU C 430 23.33 -29.49 1.60
N GLU C 431 24.19 -30.29 0.97
CA GLU C 431 24.98 -31.28 1.71
C GLU C 431 25.89 -30.60 2.72
N PHE C 432 26.45 -29.45 2.35
CA PHE C 432 27.27 -28.65 3.24
C PHE C 432 26.47 -28.14 4.43
N CYS C 433 25.25 -27.68 4.21
CA CYS C 433 24.47 -27.10 5.28
C CYS C 433 23.92 -28.16 6.23
N ILE C 434 23.45 -29.29 5.69
CA ILE C 434 22.92 -30.32 6.59
C ILE C 434 24.04 -31.10 7.26
N THR C 435 25.25 -31.10 6.69
CA THR C 435 26.39 -31.72 7.36
C THR C 435 26.79 -30.92 8.59
N HIS C 436 26.83 -29.60 8.48
CA HIS C 436 27.30 -28.74 9.56
C HIS C 436 26.16 -28.17 10.38
N ASP C 437 24.97 -28.79 10.30
CA ASP C 437 23.78 -28.48 11.12
C ASP C 437 23.33 -27.03 10.95
N MET C 438 23.34 -26.56 9.70
CA MET C 438 22.89 -25.21 9.40
C MET C 438 21.38 -25.19 9.19
N THR C 439 20.75 -24.11 9.66
CA THR C 439 19.31 -23.93 9.56
C THR C 439 18.92 -23.59 8.12
N PRO C 440 17.62 -23.56 7.79
CA PRO C 440 17.23 -23.07 6.44
C PRO C 440 17.66 -21.65 6.11
N LYS C 441 17.71 -20.75 7.09
CA LYS C 441 18.08 -19.37 6.79
C LYS C 441 19.58 -19.26 6.50
N ALA C 442 20.38 -20.06 7.19
CA ALA C 442 21.81 -20.15 6.92
C ALA C 442 22.08 -20.84 5.59
N PHE C 443 21.16 -21.67 5.12
CA PHE C 443 21.25 -22.15 3.75
C PHE C 443 20.93 -21.04 2.77
N LEU C 444 19.88 -20.27 3.05
CA LEU C 444 19.37 -19.31 2.09
C LEU C 444 20.20 -18.04 1.98
N GLU C 445 21.09 -17.77 2.93
CA GLU C 445 21.88 -16.53 2.86
C GLU C 445 22.78 -16.47 1.63
N ARG C 446 23.17 -17.63 1.10
CA ARG C 446 23.91 -17.68 -0.15
C ARG C 446 23.06 -17.28 -1.35
N TYR C 447 21.74 -17.42 -1.27
CA TYR C 447 20.86 -17.28 -2.42
C TYR C 447 19.98 -16.04 -2.38
N LEU C 448 19.72 -15.46 -1.21
CA LEU C 448 18.79 -14.34 -1.13
C LEU C 448 19.43 -13.07 -1.65
N ALA C 449 20.66 -12.79 -1.25
CA ALA C 449 21.41 -11.66 -1.77
C ALA C 449 22.37 -12.12 -2.85
N ALA C 450 22.97 -11.15 -3.52
CA ALA C 450 23.90 -11.47 -4.61
C ALA C 450 25.19 -12.08 -4.08
N GLY C 451 25.85 -11.41 -3.13
CA GLY C 451 27.07 -11.93 -2.57
C GLY C 451 28.27 -11.65 -3.44
N PRO C 452 29.46 -11.78 -2.87
CA PRO C 452 30.68 -11.40 -3.59
C PRO C 452 31.13 -12.44 -4.60
N THR C 453 32.19 -12.09 -5.32
CA THR C 453 32.61 -12.85 -6.49
C THR C 453 33.30 -14.15 -6.09
N ILE C 454 34.01 -14.16 -4.96
CA ILE C 454 34.74 -15.36 -4.57
C ILE C 454 33.80 -16.42 -4.00
N GLN C 455 32.55 -16.05 -3.74
CA GLN C 455 31.55 -17.01 -3.26
C GLN C 455 31.18 -18.01 -4.36
N TYR C 456 31.48 -17.69 -5.61
CA TYR C 456 31.02 -18.47 -6.75
C TYR C 456 32.16 -19.26 -7.38
N HIS C 457 31.87 -19.86 -8.52
CA HIS C 457 32.77 -20.82 -9.15
C HIS C 457 33.96 -20.10 -9.79
N LYS C 458 35.07 -20.82 -9.95
CA LYS C 458 36.32 -20.24 -10.41
C LYS C 458 36.28 -19.78 -11.86
N GLU C 459 35.34 -20.28 -12.67
CA GLU C 459 35.22 -19.79 -14.04
C GLU C 459 34.63 -18.40 -14.11
N ARG C 460 34.11 -17.89 -13.02
CA ARG C 460 33.49 -16.58 -12.93
C ARG C 460 34.41 -15.54 -12.31
N TRP C 461 35.49 -15.98 -11.67
CA TRP C 461 36.45 -15.06 -11.07
C TRP C 461 37.19 -14.29 -12.15
N LEU C 462 37.83 -15.01 -13.08
CA LEU C 462 38.61 -14.48 -14.19
C LEU C 462 39.69 -13.52 -13.71
N ALA C 463 40.44 -13.96 -12.70
CA ALA C 463 41.43 -13.13 -12.06
C ALA C 463 42.68 -12.91 -12.91
N LYS C 464 42.86 -13.70 -13.97
CA LYS C 464 43.99 -13.54 -14.88
C LYS C 464 43.65 -12.63 -16.05
N GLN C 465 42.54 -11.89 -15.97
CA GLN C 465 42.09 -11.09 -17.09
C GLN C 465 41.88 -9.63 -16.68
N TRP C 466 42.59 -9.18 -15.64
CA TRP C 466 42.51 -7.79 -15.22
C TRP C 466 43.52 -6.95 -15.96
N THR C 467 43.19 -5.67 -16.15
CA THR C 467 44.02 -4.76 -16.93
C THR C 467 44.15 -3.45 -16.18
N LEU C 468 45.38 -2.96 -16.02
CA LEU C 468 45.65 -1.77 -15.25
C LEU C 468 45.82 -0.59 -16.19
N VAL C 469 44.86 0.33 -16.16
CA VAL C 469 44.81 1.47 -17.07
C VAL C 469 45.08 2.73 -16.25
N SER C 470 46.28 3.29 -16.42
CA SER C 470 46.67 4.47 -15.66
C SER C 470 47.40 5.43 -16.57
N GLU C 471 47.13 6.73 -16.40
CA GLU C 471 47.86 7.73 -17.18
C GLU C 471 49.27 7.93 -16.63
N GLU C 472 49.48 7.63 -15.37
CA GLU C 472 50.77 7.61 -14.72
C GLU C 472 51.45 6.27 -14.95
N PRO C 473 52.77 6.25 -15.05
CA PRO C 473 53.48 4.96 -15.09
C PRO C 473 53.34 4.25 -13.74
N VAL C 474 52.94 2.98 -13.79
CA VAL C 474 52.34 2.31 -12.64
C VAL C 474 53.33 1.90 -11.58
N THR C 475 54.62 2.16 -11.77
CA THR C 475 55.60 1.93 -10.72
C THR C 475 55.75 3.10 -9.77
N ASN C 476 55.07 4.22 -10.03
CA ASN C 476 55.08 5.33 -9.11
C ASN C 476 54.06 5.15 -8.01
N GLY C 477 54.35 5.72 -6.85
CA GLY C 477 53.42 5.67 -5.75
C GLY C 477 52.20 6.54 -5.99
N LEU C 478 51.21 6.36 -5.12
CA LEU C 478 50.00 7.15 -5.23
C LEU C 478 50.23 8.57 -4.77
N LYS C 479 49.36 9.47 -5.23
CA LYS C 479 49.31 10.83 -4.73
C LYS C 479 47.86 11.29 -4.85
N ASP C 480 47.61 12.49 -4.33
CA ASP C 480 46.24 13.02 -4.31
C ASP C 480 45.79 13.35 -5.72
N GLY C 481 44.83 12.59 -6.23
CA GLY C 481 44.29 12.79 -7.56
C GLY C 481 44.56 11.69 -8.54
N ILE C 482 45.21 10.61 -8.13
CA ILE C 482 45.48 9.49 -9.03
C ILE C 482 44.17 8.75 -9.28
N VAL C 483 43.81 8.61 -10.55
CA VAL C 483 42.67 7.81 -10.97
C VAL C 483 43.17 6.73 -11.90
N PHE C 484 42.85 5.48 -11.59
CA PHE C 484 43.19 4.40 -12.51
C PHE C 484 42.06 3.40 -12.60
N LEU C 485 42.04 2.68 -13.71
CA LEU C 485 41.02 1.70 -14.00
C LEU C 485 41.60 0.31 -13.82
N LEU C 486 40.80 -0.58 -13.24
CA LEU C 486 41.05 -2.00 -13.24
C LEU C 486 40.00 -2.59 -14.18
N LYS C 487 40.34 -2.64 -15.46
CA LYS C 487 39.41 -3.12 -16.46
C LYS C 487 39.37 -4.63 -16.50
N ARG C 488 38.24 -5.13 -16.98
CA ARG C 488 38.00 -6.53 -17.24
C ARG C 488 37.18 -6.53 -18.52
N GLN C 489 36.87 -7.71 -19.05
CA GLN C 489 36.07 -7.76 -20.27
C GLN C 489 34.63 -7.35 -20.02
N ASP C 490 34.20 -7.42 -18.75
CA ASP C 490 32.80 -7.19 -18.43
C ASP C 490 32.57 -5.78 -17.90
N PHE C 491 33.48 -5.29 -17.05
CA PHE C 491 33.27 -4.05 -16.31
C PHE C 491 34.62 -3.39 -16.09
N SER C 492 34.65 -2.39 -15.21
CA SER C 492 35.88 -1.70 -14.86
C SER C 492 35.75 -1.14 -13.45
N LEU C 493 36.81 -1.30 -12.67
CA LEU C 493 36.90 -0.73 -11.33
C LEU C 493 37.59 0.63 -11.43
N VAL C 494 36.83 1.70 -11.27
CA VAL C 494 37.38 3.05 -11.31
C VAL C 494 37.86 3.38 -9.90
N VAL C 495 39.12 3.74 -9.77
CA VAL C 495 39.74 3.97 -8.48
C VAL C 495 40.22 5.41 -8.42
N SER C 496 39.68 6.16 -7.46
CA SER C 496 40.08 7.53 -7.20
C SER C 496 40.87 7.59 -5.90
N THR C 497 41.96 8.34 -5.90
CA THR C 497 42.84 8.45 -4.74
C THR C 497 42.73 9.84 -4.15
N LYS C 498 42.50 9.93 -2.85
CA LYS C 498 42.56 11.18 -2.13
C LYS C 498 43.52 11.04 -0.97
N LYS C 499 44.18 12.13 -0.61
CA LYS C 499 45.09 12.12 0.51
C LYS C 499 44.30 12.16 1.81
N VAL C 500 44.67 11.31 2.76
CA VAL C 500 44.12 11.38 4.11
C VAL C 500 44.55 12.71 4.72
N PRO C 501 43.62 13.54 5.17
CA PRO C 501 43.98 14.92 5.54
C PRO C 501 44.76 15.00 6.85
N PHE C 502 45.50 16.09 6.97
CA PHE C 502 46.24 16.37 8.19
C PHE C 502 45.27 16.72 9.31
N PHE C 503 45.48 16.14 10.48
CA PHE C 503 44.63 16.39 11.62
C PHE C 503 45.35 17.26 12.64
N LYS C 504 44.63 18.22 13.21
CA LYS C 504 45.13 18.97 14.35
C LYS C 504 44.15 18.74 15.49
N LEU C 505 44.48 17.77 16.34
CA LEU C 505 43.70 17.58 17.56
C LEU C 505 44.12 18.59 18.62
N SER C 506 43.12 19.14 19.29
CA SER C 506 43.31 19.90 20.51
C SER C 506 42.75 19.09 21.66
N GLU C 507 43.18 19.42 22.88
CA GLU C 507 42.69 18.73 24.06
C GLU C 507 41.81 19.68 24.85
N GLU C 508 40.66 19.17 25.29
CA GLU C 508 39.72 19.91 26.12
C GLU C 508 39.36 19.04 27.31
N PHE C 509 39.58 19.56 28.51
CA PHE C 509 39.24 18.83 29.72
C PHE C 509 37.86 19.25 30.20
N VAL C 510 37.00 18.28 30.45
CA VAL C 510 35.72 18.53 31.07
C VAL C 510 35.71 17.86 32.44
N ASP C 511 34.90 18.38 33.31
CA ASP C 511 34.76 17.80 34.64
C ASP C 511 33.50 16.92 34.66
N PRO C 512 33.62 15.65 35.07
CA PRO C 512 32.40 14.83 35.25
C PRO C 512 31.47 15.35 36.32
N LYS C 513 31.96 16.13 37.28
CA LYS C 513 31.09 16.84 38.21
C LYS C 513 30.32 17.98 37.54
N SER C 514 30.88 18.56 36.48
CA SER C 514 30.30 19.75 35.86
C SER C 514 29.12 19.45 34.93
N HIS C 515 28.64 18.21 34.88
CA HIS C 515 27.47 17.88 34.07
C HIS C 515 26.23 18.05 34.95
N LYS C 516 25.64 19.24 34.91
CA LYS C 516 24.48 19.58 35.71
C LYS C 516 23.31 19.94 34.80
N PHE C 517 22.10 19.65 35.29
CA PHE C 517 20.90 19.62 34.47
C PHE C 517 19.74 20.30 35.16
N VAL C 518 18.81 20.81 34.36
CA VAL C 518 17.56 21.41 34.83
C VAL C 518 16.41 20.69 34.16
N MET C 519 15.18 21.06 34.57
CA MET C 519 13.98 20.41 34.07
C MET C 519 13.28 21.25 32.99
N ARG C 520 13.78 22.45 32.71
CA ARG C 520 13.12 23.35 31.80
C ARG C 520 13.76 23.28 30.42
N LEU C 521 12.95 22.92 29.42
CA LEU C 521 13.31 22.91 28.00
C LEU C 521 14.52 22.02 27.69
N VAL D 115 -59.43 -18.38 -19.41
CA VAL D 115 -59.33 -17.05 -19.99
C VAL D 115 -60.38 -16.93 -21.09
N ALA D 116 -60.93 -18.07 -21.51
CA ALA D 116 -61.99 -18.05 -22.51
C ALA D 116 -63.32 -17.59 -21.90
N ALA D 117 -63.51 -17.85 -20.61
CA ALA D 117 -64.73 -17.42 -19.94
C ALA D 117 -64.76 -15.90 -19.79
N GLY D 118 -63.59 -15.28 -19.64
CA GLY D 118 -63.53 -13.83 -19.58
C GLY D 118 -63.88 -13.19 -20.91
N ALA D 119 -63.41 -13.77 -22.02
CA ALA D 119 -63.77 -13.27 -23.34
C ALA D 119 -65.24 -13.52 -23.64
N THR D 120 -65.80 -14.64 -23.14
CA THR D 120 -67.22 -14.92 -23.30
C THR D 120 -68.07 -13.91 -22.54
N LEU D 121 -67.67 -13.59 -21.30
CA LEU D 121 -68.37 -12.57 -20.52
C LEU D 121 -68.24 -11.19 -21.15
N ALA D 122 -67.08 -10.89 -21.74
CA ALA D 122 -66.90 -9.59 -22.38
C ALA D 122 -67.77 -9.45 -23.63
N LEU D 123 -67.82 -10.50 -24.46
CA LEU D 123 -68.64 -10.47 -25.66
C LEU D 123 -70.13 -10.43 -25.31
N LEU D 124 -70.54 -11.21 -24.30
CA LEU D 124 -71.93 -11.22 -23.87
C LEU D 124 -72.33 -9.88 -23.28
N SER D 125 -71.45 -9.27 -22.48
CA SER D 125 -71.75 -7.98 -21.88
C SER D 125 -71.76 -6.87 -22.90
N PHE D 126 -70.99 -7.00 -23.98
CA PHE D 126 -71.05 -5.98 -25.02
C PHE D 126 -72.30 -6.14 -25.89
N LEU D 127 -72.72 -7.37 -26.16
CA LEU D 127 -73.87 -7.60 -27.03
C LEU D 127 -75.20 -7.52 -26.30
N THR D 128 -75.21 -7.61 -24.98
CA THR D 128 -76.47 -7.58 -24.22
C THR D 128 -77.25 -6.25 -24.31
N PRO D 129 -76.65 -5.05 -24.24
CA PRO D 129 -77.48 -3.84 -24.45
C PRO D 129 -78.01 -3.71 -25.87
N LEU D 130 -77.22 -4.13 -26.86
CA LEU D 130 -77.69 -4.11 -28.23
C LEU D 130 -78.82 -5.10 -28.45
N ALA D 131 -78.76 -6.25 -27.78
CA ALA D 131 -79.87 -7.19 -27.83
C ALA D 131 -81.11 -6.63 -27.15
N PHE D 132 -80.92 -5.95 -26.01
CA PHE D 132 -82.06 -5.38 -25.29
C PHE D 132 -82.71 -4.24 -26.07
N LEU D 133 -81.94 -3.54 -26.90
CA LEU D 133 -82.52 -2.51 -27.75
C LEU D 133 -83.09 -3.03 -29.05
N LEU D 134 -82.55 -4.12 -29.61
CA LEU D 134 -82.95 -4.55 -30.94
C LEU D 134 -83.95 -5.70 -30.95
N LEU D 135 -84.20 -6.36 -29.83
CA LEU D 135 -85.27 -7.36 -29.86
C LEU D 135 -86.70 -6.84 -29.94
N PRO D 136 -87.13 -5.75 -29.28
CA PRO D 136 -88.53 -5.29 -29.47
C PRO D 136 -88.85 -4.75 -30.86
N PRO D 137 -87.95 -4.05 -31.60
CA PRO D 137 -88.30 -3.74 -32.99
C PRO D 137 -88.28 -4.95 -33.92
N LEU D 138 -87.58 -6.02 -33.58
CA LEU D 138 -87.56 -7.19 -34.45
C LEU D 138 -88.67 -8.18 -34.14
N LEU D 139 -89.17 -8.21 -32.90
CA LEU D 139 -90.16 -9.23 -32.56
C LEU D 139 -91.58 -8.69 -32.54
N TRP D 140 -91.85 -7.64 -31.77
CA TRP D 140 -93.17 -7.00 -31.79
C TRP D 140 -92.98 -5.54 -32.19
N ARG D 141 -92.99 -5.28 -33.49
CA ARG D 141 -92.81 -3.92 -33.95
C ARG D 141 -94.12 -3.14 -33.96
N GLU D 142 -95.18 -3.73 -34.52
CA GLU D 142 -96.47 -3.04 -34.58
C GLU D 142 -97.17 -3.00 -33.23
N GLU D 143 -96.89 -3.97 -32.37
CA GLU D 143 -97.39 -3.94 -31.00
C GLU D 143 -96.71 -2.85 -30.18
N LEU D 144 -95.49 -2.47 -30.56
CA LEU D 144 -94.67 -1.56 -29.76
C LEU D 144 -95.22 -0.15 -29.80
N GLU D 145 -95.25 0.49 -28.62
CA GLU D 145 -95.73 1.86 -28.54
C GLU D 145 -94.68 2.82 -29.11
N PRO D 146 -95.10 3.83 -29.88
CA PRO D 146 -94.14 4.86 -30.30
C PRO D 146 -93.80 5.78 -29.14
N CYS D 147 -92.54 6.19 -29.08
CA CYS D 147 -92.06 7.08 -28.04
C CYS D 147 -91.28 8.22 -28.67
N GLY D 148 -91.15 9.30 -27.93
CA GLY D 148 -90.62 10.53 -28.47
C GLY D 148 -89.11 10.60 -28.63
N THR D 149 -88.56 11.82 -28.54
CA THR D 149 -87.14 12.04 -28.75
C THR D 149 -86.29 11.62 -27.56
N ALA D 150 -86.92 11.36 -26.41
CA ALA D 150 -86.17 10.88 -25.25
C ALA D 150 -85.55 9.52 -25.52
N CYS D 151 -86.29 8.65 -26.24
CA CYS D 151 -85.78 7.34 -26.61
C CYS D 151 -84.55 7.45 -27.50
N GLU D 152 -84.61 8.34 -28.51
CA GLU D 152 -83.49 8.47 -29.44
C GLU D 152 -82.27 9.14 -28.80
N GLY D 153 -82.50 10.09 -27.88
CA GLY D 153 -81.40 10.63 -27.10
C GLY D 153 -80.75 9.58 -26.22
N LEU D 154 -81.56 8.67 -25.67
CA LEU D 154 -80.98 7.58 -24.91
C LEU D 154 -80.29 6.56 -25.81
N PHE D 155 -80.70 6.43 -27.07
CA PHE D 155 -79.94 5.61 -28.02
C PHE D 155 -78.56 6.21 -28.27
N ILE D 156 -78.50 7.54 -28.38
CA ILE D 156 -77.20 8.22 -28.53
C ILE D 156 -76.33 8.00 -27.30
N SER D 157 -76.95 8.06 -26.11
CA SER D 157 -76.20 7.81 -24.88
C SER D 157 -75.69 6.38 -24.80
N VAL D 158 -76.52 5.41 -25.22
CA VAL D 158 -76.09 4.01 -25.26
C VAL D 158 -74.92 3.83 -26.21
N ALA D 159 -74.98 4.46 -27.39
CA ALA D 159 -73.90 4.32 -28.38
C ALA D 159 -72.59 4.89 -27.88
N PHE D 160 -72.61 6.10 -27.32
CA PHE D 160 -71.36 6.70 -26.86
C PHE D 160 -70.83 6.04 -25.59
N LYS D 161 -71.71 5.60 -24.69
CA LYS D 161 -71.23 4.94 -23.49
C LYS D 161 -70.72 3.53 -23.78
N LEU D 162 -71.27 2.86 -24.81
CA LEU D 162 -70.70 1.59 -25.22
C LEU D 162 -69.35 1.78 -25.90
N LEU D 163 -69.17 2.89 -26.62
CA LEU D 163 -67.84 3.18 -27.17
C LEU D 163 -66.83 3.46 -26.07
N ILE D 164 -67.26 4.16 -25.01
CA ILE D 164 -66.40 4.41 -23.84
C ILE D 164 -66.04 3.09 -23.15
N LEU D 165 -67.02 2.20 -22.99
CA LEU D 165 -66.78 0.90 -22.36
C LEU D 165 -65.84 0.04 -23.19
N LEU D 166 -65.99 0.08 -24.52
CA LEU D 166 -65.11 -0.68 -25.40
C LEU D 166 -63.68 -0.15 -25.37
N LEU D 167 -63.51 1.18 -25.37
CA LEU D 167 -62.17 1.74 -25.34
C LEU D 167 -61.50 1.54 -23.99
N GLY D 168 -62.27 1.58 -22.90
CA GLY D 168 -61.68 1.33 -21.59
C GLY D 168 -61.29 -0.13 -21.39
N SER D 169 -62.15 -1.05 -21.84
CA SER D 169 -61.82 -2.47 -21.76
C SER D 169 -60.69 -2.83 -22.70
N TRP D 170 -60.53 -2.10 -23.80
CA TRP D 170 -59.34 -2.27 -24.63
C TRP D 170 -58.10 -1.78 -23.91
N ALA D 171 -58.19 -0.61 -23.26
CA ALA D 171 -57.02 0.02 -22.68
C ALA D 171 -56.50 -0.74 -21.48
N LEU D 172 -57.38 -1.36 -20.70
CA LEU D 172 -56.90 -2.00 -19.48
C LEU D 172 -57.06 -3.51 -19.42
N PHE D 173 -57.96 -4.10 -20.20
CA PHE D 173 -58.29 -5.50 -19.96
C PHE D 173 -58.19 -6.38 -21.18
N PHE D 174 -57.89 -5.84 -22.35
CA PHE D 174 -57.64 -6.67 -23.52
C PHE D 174 -56.14 -6.87 -23.71
N ARG D 175 -55.54 -7.54 -22.74
CA ARG D 175 -54.11 -7.81 -22.73
C ARG D 175 -53.87 -9.21 -22.16
N ARG D 176 -52.72 -9.77 -22.52
CA ARG D 176 -52.35 -11.10 -22.09
C ARG D 176 -52.05 -11.10 -20.59
N PRO D 177 -52.32 -12.21 -19.90
CA PRO D 177 -51.95 -12.31 -18.47
C PRO D 177 -50.44 -12.31 -18.30
N LYS D 178 -49.98 -11.47 -17.37
CA LYS D 178 -48.55 -11.30 -17.18
C LYS D 178 -47.97 -12.40 -16.30
N ALA D 179 -48.82 -13.19 -15.64
CA ALA D 179 -48.35 -14.21 -14.72
C ALA D 179 -49.36 -15.32 -14.60
N SER D 180 -48.87 -16.48 -14.18
CA SER D 180 -49.71 -17.62 -13.82
C SER D 180 -49.65 -17.80 -12.31
N LEU D 181 -50.68 -17.43 -11.64
CA LEU D 181 -50.72 -17.49 -10.19
C LEU D 181 -51.02 -18.90 -9.71
N PRO D 182 -50.46 -19.32 -8.57
CA PRO D 182 -50.70 -20.69 -8.10
C PRO D 182 -52.10 -20.94 -7.63
N ARG D 183 -52.79 -19.93 -7.13
CA ARG D 183 -54.19 -20.03 -6.78
C ARG D 183 -55.00 -19.03 -7.59
N VAL D 184 -56.28 -18.93 -7.29
CA VAL D 184 -57.19 -18.10 -8.04
C VAL D 184 -56.90 -16.63 -7.76
N PHE D 185 -56.96 -15.80 -8.80
CA PHE D 185 -56.96 -14.36 -8.64
C PHE D 185 -58.27 -14.01 -7.95
N VAL D 186 -58.21 -13.55 -6.69
CA VAL D 186 -59.44 -13.42 -5.91
C VAL D 186 -60.28 -12.25 -6.41
N LEU D 187 -59.65 -11.10 -6.68
CA LEU D 187 -60.41 -9.95 -7.09
C LEU D 187 -60.89 -10.06 -8.53
N ARG D 188 -60.11 -10.69 -9.41
CA ARG D 188 -60.54 -10.87 -10.79
C ARG D 188 -61.67 -11.89 -10.89
N ALA D 189 -61.63 -12.94 -10.05
CA ALA D 189 -62.75 -13.86 -10.00
C ALA D 189 -63.99 -13.21 -9.39
N LEU D 190 -63.78 -12.30 -8.42
CA LEU D 190 -64.89 -11.52 -7.90
C LEU D 190 -65.53 -10.64 -8.97
N LEU D 191 -64.69 -10.03 -9.82
CA LEU D 191 -65.19 -9.21 -10.92
C LEU D 191 -65.90 -10.04 -11.97
N MET D 192 -65.40 -11.25 -12.25
CA MET D 192 -66.05 -12.11 -13.24
C MET D 192 -67.39 -12.63 -12.74
N VAL D 193 -67.46 -12.97 -11.45
CA VAL D 193 -68.72 -13.36 -10.84
C VAL D 193 -69.70 -12.19 -10.81
N LEU D 194 -69.19 -10.97 -10.60
CA LEU D 194 -70.07 -9.80 -10.59
C LEU D 194 -70.62 -9.50 -11.99
N VAL D 195 -69.75 -9.56 -13.02
CA VAL D 195 -70.20 -9.40 -14.40
C VAL D 195 -71.22 -10.49 -14.76
N PHE D 196 -70.95 -11.73 -14.36
CA PHE D 196 -71.83 -12.84 -14.70
C PHE D 196 -73.19 -12.69 -14.03
N LEU D 197 -73.20 -12.39 -12.72
CA LEU D 197 -74.47 -12.27 -12.01
C LEU D 197 -75.25 -11.05 -12.46
N LEU D 198 -74.55 -9.95 -12.78
CA LEU D 198 -75.23 -8.75 -13.27
C LEU D 198 -75.87 -9.00 -14.63
N VAL D 199 -75.11 -9.53 -15.58
CA VAL D 199 -75.64 -9.71 -16.93
C VAL D 199 -76.70 -10.81 -16.96
N VAL D 200 -76.52 -11.88 -16.18
CA VAL D 200 -77.53 -12.93 -16.08
C VAL D 200 -78.81 -12.42 -15.41
N SER D 201 -78.68 -11.53 -14.42
CA SER D 201 -79.88 -10.99 -13.78
C SER D 201 -80.63 -10.03 -14.72
N TYR D 202 -79.89 -9.24 -15.50
CA TYR D 202 -80.53 -8.40 -16.50
C TYR D 202 -81.20 -9.23 -17.59
N TRP D 203 -80.57 -10.35 -17.99
CA TRP D 203 -81.21 -11.24 -18.96
C TRP D 203 -82.46 -11.91 -18.39
N LEU D 204 -82.42 -12.32 -17.12
CA LEU D 204 -83.58 -12.96 -16.51
C LEU D 204 -84.74 -12.00 -16.37
N PHE D 205 -84.46 -10.75 -15.97
CA PHE D 205 -85.54 -9.77 -15.86
C PHE D 205 -86.08 -9.39 -17.22
N TYR D 206 -85.19 -9.22 -18.21
CA TYR D 206 -85.62 -8.89 -19.57
C TYR D 206 -86.44 -10.01 -20.19
N GLY D 207 -86.12 -11.26 -19.83
CA GLY D 207 -86.91 -12.38 -20.31
C GLY D 207 -88.27 -12.44 -19.66
N VAL D 208 -88.31 -12.50 -18.32
CA VAL D 208 -89.57 -12.80 -17.64
C VAL D 208 -90.47 -11.58 -17.45
N ARG D 209 -89.99 -10.36 -17.74
CA ARG D 209 -90.84 -9.19 -17.57
C ARG D 209 -90.92 -8.28 -18.79
N ILE D 210 -90.10 -8.47 -19.81
CA ILE D 210 -90.15 -7.69 -21.03
C ILE D 210 -90.36 -8.57 -22.27
N LEU D 211 -89.55 -9.62 -22.40
CA LEU D 211 -89.61 -10.45 -23.60
C LEU D 211 -90.83 -11.37 -23.59
N ASP D 212 -91.08 -12.05 -22.48
CA ASP D 212 -92.24 -12.94 -22.39
C ASP D 212 -93.53 -12.14 -22.25
N ALA D 213 -93.49 -11.05 -21.50
CA ALA D 213 -94.68 -10.23 -21.28
C ALA D 213 -95.02 -9.34 -22.47
N ARG D 214 -94.10 -9.21 -23.44
CA ARG D 214 -94.24 -8.35 -24.63
C ARG D 214 -94.53 -6.91 -24.23
N GLU D 215 -93.52 -6.30 -23.61
CA GLU D 215 -93.62 -4.96 -23.07
C GLU D 215 -93.85 -3.93 -24.17
N ARG D 216 -94.85 -3.07 -23.96
CA ARG D 216 -95.21 -2.05 -24.93
C ARG D 216 -94.46 -0.75 -24.71
N SER D 217 -94.20 -0.39 -23.45
CA SER D 217 -93.52 0.86 -23.12
C SER D 217 -92.05 0.73 -23.48
N TYR D 218 -91.71 1.17 -24.69
CA TYR D 218 -90.35 1.03 -25.20
C TYR D 218 -89.38 1.99 -24.53
N GLN D 219 -89.89 3.10 -23.98
CA GLN D 219 -89.06 4.03 -23.22
C GLN D 219 -88.47 3.36 -21.99
N GLY D 220 -89.25 2.50 -21.32
CA GLY D 220 -88.74 1.74 -20.20
C GLY D 220 -87.67 0.74 -20.60
N VAL D 221 -87.80 0.14 -21.79
CA VAL D 221 -86.81 -0.81 -22.28
C VAL D 221 -85.50 -0.08 -22.61
N VAL D 222 -85.60 1.11 -23.19
CA VAL D 222 -84.39 1.85 -23.54
C VAL D 222 -83.71 2.40 -22.28
N GLN D 223 -84.50 2.86 -21.31
CA GLN D 223 -83.93 3.25 -20.01
C GLN D 223 -83.31 2.07 -19.28
N PHE D 224 -83.88 0.87 -19.46
CA PHE D 224 -83.31 -0.35 -18.90
C PHE D 224 -81.96 -0.66 -19.53
N ALA D 225 -81.83 -0.46 -20.84
CA ALA D 225 -80.54 -0.64 -21.51
C ALA D 225 -79.53 0.43 -21.09
N VAL D 226 -79.99 1.67 -20.88
CA VAL D 226 -79.12 2.75 -20.39
C VAL D 226 -78.58 2.40 -19.02
N SER D 227 -79.45 1.89 -18.13
CA SER D 227 -79.01 1.46 -16.81
C SER D 227 -78.06 0.28 -16.88
N LEU D 228 -78.23 -0.61 -17.86
CA LEU D 228 -77.29 -1.70 -18.06
C LEU D 228 -75.90 -1.20 -18.47
N VAL D 229 -75.85 -0.24 -19.39
CA VAL D 229 -74.55 0.26 -19.84
C VAL D 229 -73.88 1.07 -18.73
N ASP D 230 -74.67 1.81 -17.95
CA ASP D 230 -74.13 2.51 -16.78
C ASP D 230 -73.59 1.53 -15.75
N ALA D 231 -74.28 0.41 -15.55
CA ALA D 231 -73.81 -0.61 -14.62
C ALA D 231 -72.55 -1.28 -15.12
N LEU D 232 -72.41 -1.48 -16.44
CA LEU D 232 -71.20 -2.08 -16.97
C LEU D 232 -70.01 -1.13 -16.86
N LEU D 233 -70.24 0.17 -17.09
CA LEU D 233 -69.18 1.14 -16.88
C LEU D 233 -68.80 1.27 -15.41
N PHE D 234 -69.75 1.10 -14.50
CA PHE D 234 -69.43 1.11 -13.09
C PHE D 234 -68.72 -0.17 -12.65
N VAL D 235 -69.01 -1.31 -13.29
CA VAL D 235 -68.25 -2.52 -13.02
C VAL D 235 -66.82 -2.39 -13.55
N HIS D 236 -66.66 -1.72 -14.69
CA HIS D 236 -65.32 -1.43 -15.20
C HIS D 236 -64.54 -0.51 -14.27
N TYR D 237 -65.22 0.49 -13.71
CA TYR D 237 -64.60 1.37 -12.72
C TYR D 237 -64.24 0.62 -11.45
N LEU D 238 -65.11 -0.29 -11.00
CA LEU D 238 -64.81 -1.13 -9.85
C LEU D 238 -63.65 -2.06 -10.14
N ALA D 239 -63.51 -2.51 -11.39
CA ALA D 239 -62.39 -3.36 -11.78
C ALA D 239 -61.08 -2.59 -11.71
N VAL D 240 -61.10 -1.33 -12.12
CA VAL D 240 -59.91 -0.50 -12.01
C VAL D 240 -59.58 -0.22 -10.54
N VAL D 241 -60.61 -0.01 -9.71
CA VAL D 241 -60.41 0.23 -8.28
C VAL D 241 -59.81 -1.00 -7.59
N LEU D 242 -60.38 -2.18 -7.86
CA LEU D 242 -59.92 -3.39 -7.19
C LEU D 242 -58.56 -3.84 -7.70
N LEU D 243 -58.35 -3.81 -9.01
CA LEU D 243 -57.15 -4.44 -9.56
C LEU D 243 -55.96 -3.48 -9.60
N GLU D 244 -56.19 -2.19 -9.70
CA GLU D 244 -55.06 -1.29 -9.90
C GLU D 244 -54.95 -0.17 -8.88
N LEU D 245 -56.07 0.34 -8.39
CA LEU D 245 -56.03 1.51 -7.51
C LEU D 245 -55.89 1.14 -6.04
N ARG D 246 -56.17 -0.11 -5.69
CA ARG D 246 -56.12 -0.53 -4.28
C ARG D 246 -54.69 -0.54 -3.74
N GLN D 247 -53.72 -0.89 -4.59
CA GLN D 247 -52.35 -1.05 -4.14
C GLN D 247 -51.48 0.17 -4.43
N LEU D 248 -52.06 1.31 -4.80
CA LEU D 248 -51.24 2.49 -5.02
C LEU D 248 -50.73 3.09 -3.72
N GLN D 249 -51.60 3.16 -2.71
CA GLN D 249 -51.22 3.69 -1.42
C GLN D 249 -50.29 2.71 -0.72
N PRO D 250 -49.04 3.07 -0.44
CA PRO D 250 -48.09 2.11 0.12
C PRO D 250 -48.40 1.80 1.58
N GLN D 251 -48.60 0.51 1.86
CA GLN D 251 -48.96 0.05 3.19
C GLN D 251 -47.86 -0.72 3.89
N PHE D 252 -47.00 -1.40 3.13
CA PHE D 252 -46.01 -2.30 3.69
C PHE D 252 -44.65 -2.05 3.07
N THR D 253 -43.61 -2.31 3.85
CA THR D 253 -42.24 -2.31 3.37
C THR D 253 -41.75 -3.75 3.30
N LEU D 254 -41.27 -4.14 2.13
CA LEU D 254 -40.79 -5.49 1.86
C LEU D 254 -39.27 -5.44 1.81
N LYS D 255 -38.63 -6.25 2.64
CA LYS D 255 -37.21 -6.53 2.53
C LYS D 255 -37.06 -7.82 1.72
N VAL D 256 -36.44 -7.72 0.56
CA VAL D 256 -36.25 -8.88 -0.32
C VAL D 256 -34.76 -9.15 -0.39
N VAL D 257 -34.35 -10.33 0.05
CA VAL D 257 -32.96 -10.72 0.17
C VAL D 257 -32.76 -12.03 -0.56
N ARG D 258 -31.75 -12.11 -1.44
CA ARG D 258 -31.38 -13.41 -1.97
C ARG D 258 -30.72 -14.24 -0.89
N SER D 259 -31.13 -15.50 -0.80
CA SER D 259 -30.63 -16.41 0.23
C SER D 259 -29.20 -16.83 0.01
N THR D 260 -28.60 -16.55 -1.16
CA THR D 260 -27.26 -16.99 -1.48
C THR D 260 -26.21 -15.91 -1.26
N ASP D 261 -26.36 -14.75 -1.89
CA ASP D 261 -25.36 -13.71 -1.76
C ASP D 261 -25.83 -12.51 -0.96
N GLY D 262 -27.09 -12.48 -0.52
CA GLY D 262 -27.55 -11.40 0.31
C GLY D 262 -27.76 -10.08 -0.39
N ALA D 263 -28.00 -10.09 -1.68
CA ALA D 263 -28.46 -8.88 -2.35
C ALA D 263 -29.84 -8.52 -1.84
N SER D 264 -29.98 -7.31 -1.30
CA SER D 264 -31.19 -6.92 -0.60
C SER D 264 -31.71 -5.62 -1.18
N ARG D 265 -33.02 -5.56 -1.42
CA ARG D 265 -33.69 -4.32 -1.77
C ARG D 265 -34.93 -4.17 -0.91
N PHE D 266 -35.34 -2.92 -0.68
CA PHE D 266 -36.57 -2.68 0.05
C PHE D 266 -37.57 -2.02 -0.89
N TYR D 267 -38.85 -2.33 -0.68
CA TYR D 267 -39.90 -1.81 -1.53
C TYR D 267 -41.07 -1.37 -0.68
N ASN D 268 -41.88 -0.46 -1.21
CA ASN D 268 -43.18 -0.15 -0.64
C ASN D 268 -44.26 -0.77 -1.51
N VAL D 269 -45.16 -1.50 -0.89
CA VAL D 269 -46.24 -2.17 -1.60
C VAL D 269 -47.54 -1.81 -0.89
N GLY D 270 -48.65 -1.88 -1.62
CA GLY D 270 -49.96 -1.61 -1.08
C GLY D 270 -50.67 -2.87 -0.65
N HIS D 271 -52.00 -2.76 -0.58
CA HIS D 271 -52.83 -3.91 -0.24
C HIS D 271 -52.91 -4.85 -1.43
N LEU D 272 -52.09 -5.90 -1.39
CA LEU D 272 -52.16 -6.98 -2.37
C LEU D 272 -52.12 -8.30 -1.62
N SER D 273 -52.56 -9.35 -2.29
CA SER D 273 -52.38 -10.69 -1.77
C SER D 273 -50.92 -11.11 -1.89
N ILE D 274 -50.57 -12.23 -1.27
CA ILE D 274 -49.19 -12.68 -1.22
C ILE D 274 -48.70 -13.11 -2.61
N GLN D 275 -49.58 -13.69 -3.42
CA GLN D 275 -49.16 -14.10 -4.77
C GLN D 275 -49.00 -12.91 -5.70
N ARG D 276 -49.81 -11.86 -5.54
CA ARG D 276 -49.65 -10.67 -6.38
C ARG D 276 -48.43 -9.87 -5.96
N VAL D 277 -48.16 -9.82 -4.65
CA VAL D 277 -46.91 -9.26 -4.14
C VAL D 277 -45.72 -10.04 -4.67
N ALA D 278 -45.87 -11.36 -4.78
CA ALA D 278 -44.79 -12.20 -5.27
C ALA D 278 -44.48 -11.93 -6.74
N VAL D 279 -45.51 -11.79 -7.57
CA VAL D 279 -45.31 -11.43 -8.97
C VAL D 279 -44.73 -10.03 -9.11
N TRP D 280 -45.17 -9.12 -8.24
CA TRP D 280 -44.64 -7.75 -8.21
C TRP D 280 -43.15 -7.74 -7.87
N ILE D 281 -42.75 -8.56 -6.89
CA ILE D 281 -41.35 -8.67 -6.51
C ILE D 281 -40.54 -9.32 -7.62
N LEU D 282 -41.12 -10.28 -8.34
CA LEU D 282 -40.38 -10.89 -9.44
C LEU D 282 -40.22 -9.93 -10.62
N GLU D 283 -41.16 -9.01 -10.79
CA GLU D 283 -40.99 -7.95 -11.79
C GLU D 283 -39.90 -6.98 -11.35
N LYS D 284 -39.81 -6.70 -10.05
CA LYS D 284 -38.72 -5.85 -9.56
C LYS D 284 -37.38 -6.57 -9.58
N TYR D 285 -37.38 -7.90 -9.48
CA TYR D 285 -36.15 -8.66 -9.29
C TYR D 285 -35.28 -8.66 -10.54
N TYR D 286 -35.90 -8.77 -11.71
CA TYR D 286 -35.13 -8.92 -12.93
C TYR D 286 -34.41 -7.65 -13.35
N HIS D 287 -34.74 -6.50 -12.76
CA HIS D 287 -33.98 -5.30 -13.06
C HIS D 287 -33.36 -4.65 -11.83
N ASP D 288 -33.67 -5.11 -10.62
CA ASP D 288 -33.10 -4.50 -9.43
C ASP D 288 -31.92 -5.26 -8.84
N PHE D 289 -32.01 -6.58 -8.71
CA PHE D 289 -30.88 -7.27 -8.09
C PHE D 289 -29.85 -7.54 -9.16
N PRO D 290 -28.58 -7.73 -8.78
CA PRO D 290 -27.61 -8.29 -9.74
C PRO D 290 -27.99 -9.72 -10.10
N VAL D 291 -27.47 -10.17 -11.24
CA VAL D 291 -27.76 -11.50 -11.75
C VAL D 291 -27.14 -12.54 -10.81
N TYR D 292 -27.83 -13.66 -10.65
CA TYR D 292 -27.33 -14.71 -9.77
C TYR D 292 -26.10 -15.38 -10.40
N ASN D 293 -25.06 -15.52 -9.59
CA ASN D 293 -23.82 -16.13 -10.05
C ASN D 293 -23.42 -17.21 -9.07
N PRO D 294 -23.64 -18.49 -9.40
CA PRO D 294 -23.22 -19.57 -8.51
C PRO D 294 -21.72 -19.79 -8.48
N ALA D 295 -20.97 -19.16 -9.39
CA ALA D 295 -19.52 -19.20 -9.37
C ALA D 295 -18.91 -18.20 -8.41
N LEU D 296 -19.72 -17.43 -7.69
CA LEU D 296 -19.21 -16.50 -6.70
C LEU D 296 -19.47 -17.02 -5.29
N VAL D 332 -15.58 -24.54 24.85
CA VAL D 332 -15.23 -25.53 23.84
C VAL D 332 -15.29 -24.90 22.45
N ILE D 333 -16.48 -24.46 22.06
CA ILE D 333 -16.69 -23.92 20.73
C ILE D 333 -16.20 -22.47 20.66
N ALA D 334 -16.45 -21.70 21.73
CA ALA D 334 -15.98 -20.33 21.77
C ALA D 334 -14.46 -20.24 21.90
N ALA D 335 -13.85 -21.24 22.53
CA ALA D 335 -12.39 -21.28 22.61
C ALA D 335 -11.77 -21.57 21.25
N ALA D 336 -12.39 -22.46 20.47
CA ALA D 336 -11.93 -22.72 19.11
C ALA D 336 -12.16 -21.52 18.21
N ALA D 337 -13.24 -20.77 18.45
CA ALA D 337 -13.49 -19.55 17.70
C ALA D 337 -12.48 -18.47 18.04
N ARG D 338 -12.07 -18.38 19.30
CA ARG D 338 -11.04 -17.43 19.70
C ARG D 338 -9.67 -17.83 19.14
N ARG D 339 -9.40 -19.14 19.07
CA ARG D 339 -8.16 -19.62 18.46
C ARG D 339 -8.13 -19.37 16.95
N ARG D 340 -9.27 -19.51 16.29
CA ARG D 340 -9.33 -19.32 14.85
C ARG D 340 -9.31 -17.84 14.48
N ASP D 341 -9.98 -16.99 15.27
CA ASP D 341 -10.01 -15.57 14.96
C ASP D 341 -8.69 -14.88 15.27
N ASN D 342 -7.81 -15.54 16.03
CA ASN D 342 -6.48 -15.01 16.28
C ASN D 342 -5.44 -15.52 15.28
N SER D 343 -5.84 -16.33 14.32
CA SER D 343 -4.93 -16.90 13.33
C SER D 343 -4.65 -15.89 12.23
N HIS D 344 -4.01 -16.35 11.16
CA HIS D 344 -3.73 -15.48 10.03
C HIS D 344 -5.01 -15.17 9.26
N ASN D 345 -5.23 -13.88 8.98
CA ASN D 345 -6.44 -13.43 8.31
C ASN D 345 -6.27 -13.65 6.82
N GLU D 346 -6.46 -14.91 6.41
CA GLU D 346 -6.22 -15.32 5.03
C GLU D 346 -7.25 -14.71 4.08
N TYR D 347 -8.50 -14.61 4.53
CA TYR D 347 -9.57 -14.12 3.67
C TYR D 347 -9.42 -12.63 3.35
N TYR D 348 -8.87 -11.85 4.28
CA TYR D 348 -8.61 -10.44 4.05
C TYR D 348 -7.61 -10.25 2.91
N TYR D 349 -6.52 -11.01 2.94
CA TYR D 349 -5.51 -10.83 1.91
C TYR D 349 -5.92 -11.45 0.60
N GLU D 350 -6.70 -12.55 0.62
CA GLU D 350 -7.25 -13.07 -0.63
C GLU D 350 -8.25 -12.10 -1.25
N GLU D 351 -9.03 -11.41 -0.42
CA GLU D 351 -9.94 -10.39 -0.91
C GLU D 351 -9.20 -9.21 -1.50
N ALA D 352 -8.10 -8.78 -0.86
CA ALA D 352 -7.32 -7.67 -1.38
C ALA D 352 -6.62 -8.04 -2.69
N GLU D 353 -6.11 -9.28 -2.78
CA GLU D 353 -5.53 -9.78 -4.02
C GLU D 353 -6.57 -9.84 -5.13
N HIS D 354 -7.79 -10.27 -4.82
CA HIS D 354 -8.82 -10.37 -5.83
C HIS D 354 -9.25 -8.99 -6.31
N GLU D 355 -9.39 -8.02 -5.39
CA GLU D 355 -9.73 -6.66 -5.80
C GLU D 355 -8.63 -6.02 -6.64
N ARG D 356 -7.37 -6.28 -6.27
CA ARG D 356 -6.24 -5.74 -7.02
C ARG D 356 -6.16 -6.33 -8.42
N ARG D 357 -6.34 -7.65 -8.56
CA ARG D 357 -6.24 -8.23 -9.88
C ARG D 357 -7.48 -7.93 -10.73
N VAL D 358 -8.63 -7.71 -10.10
CA VAL D 358 -9.80 -7.26 -10.86
C VAL D 358 -9.58 -5.85 -11.38
N ARG D 359 -8.98 -4.96 -10.57
CA ARG D 359 -8.66 -3.62 -11.06
C ARG D 359 -7.62 -3.64 -12.16
N LYS D 360 -6.65 -4.56 -12.09
CA LYS D 360 -5.64 -4.63 -13.14
C LYS D 360 -6.21 -5.16 -14.45
N ARG D 361 -7.02 -6.23 -14.39
CA ARG D 361 -7.66 -6.74 -15.59
C ARG D 361 -8.67 -5.74 -16.15
N ARG D 362 -9.29 -4.95 -15.26
CA ARG D 362 -10.21 -3.90 -15.69
C ARG D 362 -9.47 -2.80 -16.43
N ALA D 363 -8.28 -2.43 -15.96
CA ALA D 363 -7.49 -1.40 -16.64
C ALA D 363 -7.00 -1.88 -18.00
N ARG D 364 -6.57 -3.15 -18.07
CA ARG D 364 -6.21 -3.75 -19.35
C ARG D 364 -7.40 -3.77 -20.30
N LEU D 365 -8.59 -4.06 -19.78
CA LEU D 365 -9.79 -4.09 -20.62
C LEU D 365 -10.19 -2.70 -21.11
N VAL D 366 -10.04 -1.68 -20.25
CA VAL D 366 -10.38 -0.32 -20.65
C VAL D 366 -9.44 0.18 -21.74
N VAL D 367 -8.13 -0.06 -21.58
CA VAL D 367 -7.17 0.32 -22.61
C VAL D 367 -7.41 -0.46 -23.90
N ALA D 368 -7.76 -1.74 -23.78
CA ALA D 368 -8.01 -2.57 -24.96
C ALA D 368 -9.23 -2.10 -25.74
N VAL D 369 -10.31 -1.76 -25.04
CA VAL D 369 -11.53 -1.37 -25.73
C VAL D 369 -11.41 0.06 -26.28
N GLU D 370 -10.65 0.94 -25.62
CA GLU D 370 -10.38 2.25 -26.19
C GLU D 370 -9.55 2.15 -27.47
N GLU D 371 -8.46 1.39 -27.43
CA GLU D 371 -7.63 1.21 -28.63
C GLU D 371 -8.37 0.41 -29.69
N ALA D 372 -9.37 -0.38 -29.30
CA ALA D 372 -10.21 -1.08 -30.27
C ALA D 372 -11.16 -0.13 -30.97
N PHE D 373 -11.80 0.78 -30.22
CA PHE D 373 -12.77 1.66 -30.86
C PHE D 373 -12.07 2.77 -31.64
N THR D 374 -10.79 3.01 -31.38
CA THR D 374 -10.05 3.91 -32.27
C THR D 374 -9.66 3.30 -33.60
N HIS D 375 -10.02 2.04 -33.85
CA HIS D 375 -9.71 1.41 -35.13
C HIS D 375 -10.78 1.64 -36.20
N ILE D 376 -11.90 2.30 -35.86
CA ILE D 376 -12.95 2.56 -36.83
C ILE D 376 -13.42 4.01 -36.70
N LYS D 377 -14.18 4.44 -37.70
CA LYS D 377 -14.70 5.80 -37.80
C LYS D 377 -15.94 5.76 -38.67
N ARG D 378 -16.84 6.73 -38.46
CA ARG D 378 -18.05 6.85 -39.27
C ARG D 378 -17.72 7.13 -40.73
N LEU D 379 -18.68 6.89 -41.61
CA LEU D 379 -18.53 7.21 -43.02
C LEU D 379 -19.78 7.91 -43.55
N VAL D 390 -16.27 1.33 -47.17
CA VAL D 390 -17.57 0.80 -46.78
C VAL D 390 -17.39 -0.51 -46.00
N MET D 391 -18.07 -0.60 -44.87
CA MET D 391 -17.98 -1.73 -43.95
C MET D 391 -19.17 -1.72 -43.00
N ASP D 392 -19.84 -2.86 -42.89
CA ASP D 392 -21.01 -3.00 -42.05
C ASP D 392 -20.64 -2.87 -40.57
N PRO D 393 -21.58 -2.47 -39.71
CA PRO D 393 -21.30 -2.49 -38.26
C PRO D 393 -21.06 -3.87 -37.70
N ARG D 394 -21.64 -4.92 -38.29
CA ARG D 394 -21.28 -6.28 -37.93
C ARG D 394 -19.83 -6.57 -38.32
N GLU D 395 -19.44 -6.17 -39.54
CA GLU D 395 -18.07 -6.37 -39.99
C GLU D 395 -17.09 -5.51 -39.22
N ALA D 396 -17.48 -4.29 -38.86
CA ALA D 396 -16.59 -3.43 -38.08
C ALA D 396 -16.44 -3.94 -36.66
N ALA D 397 -17.52 -4.45 -36.07
CA ALA D 397 -17.45 -5.06 -34.75
C ALA D 397 -16.59 -6.30 -34.76
N GLN D 398 -16.71 -7.13 -35.79
CA GLN D 398 -15.87 -8.32 -35.92
C GLN D 398 -14.41 -7.94 -36.17
N ALA D 399 -14.16 -6.81 -36.81
CA ALA D 399 -12.79 -6.36 -37.02
C ALA D 399 -12.16 -5.84 -35.73
N ILE D 400 -12.89 -5.01 -34.97
CA ILE D 400 -12.33 -4.45 -33.76
C ILE D 400 -12.46 -5.36 -32.55
N PHE D 401 -13.10 -6.51 -32.69
CA PHE D 401 -13.17 -7.45 -31.58
C PHE D 401 -11.85 -8.18 -31.39
N ALA D 402 -11.05 -8.33 -32.45
CA ALA D 402 -9.80 -9.07 -32.36
C ALA D 402 -8.77 -8.35 -31.51
N SER D 403 -8.82 -7.02 -31.45
CA SER D 403 -7.91 -6.25 -30.63
C SER D 403 -8.36 -6.13 -29.17
N MET D 404 -9.46 -6.75 -28.80
CA MET D 404 -9.97 -6.67 -27.43
C MET D 404 -10.48 -7.98 -26.89
N ALA D 405 -10.42 -9.07 -27.65
CA ALA D 405 -11.01 -10.34 -27.21
C ALA D 405 -10.21 -10.96 -26.07
N ARG D 406 -8.90 -10.74 -26.06
CA ARG D 406 -8.05 -11.37 -25.05
C ARG D 406 -8.23 -10.69 -23.70
N ALA D 407 -8.27 -9.37 -23.67
CA ALA D 407 -8.48 -8.65 -22.41
C ALA D 407 -9.90 -8.81 -21.90
N MET D 408 -10.87 -8.90 -22.81
CA MET D 408 -12.24 -9.21 -22.41
C MET D 408 -12.35 -10.61 -21.82
N GLN D 409 -11.67 -11.58 -22.42
CA GLN D 409 -11.69 -12.94 -21.91
C GLN D 409 -11.00 -13.03 -20.55
N LYS D 410 -9.92 -12.27 -20.36
CA LYS D 410 -9.24 -12.27 -19.06
C LYS D 410 -10.08 -11.59 -17.98
N TYR D 411 -10.77 -10.50 -18.33
CA TYR D 411 -11.61 -9.84 -17.34
C TYR D 411 -12.85 -10.65 -17.01
N LEU D 412 -13.42 -11.36 -17.98
CA LEU D 412 -14.54 -12.22 -17.68
C LEU D 412 -14.12 -13.50 -16.97
N ARG D 413 -12.86 -13.90 -17.08
CA ARG D 413 -12.39 -15.01 -16.24
C ARG D 413 -12.13 -14.55 -14.81
N THR D 414 -11.58 -13.35 -14.62
CA THR D 414 -11.24 -12.94 -13.26
C THR D 414 -12.44 -12.46 -12.45
N THR D 415 -13.58 -12.19 -13.09
CA THR D 415 -14.78 -11.77 -12.39
C THR D 415 -15.89 -12.81 -12.46
N LYS D 416 -15.57 -14.03 -12.90
CA LYS D 416 -16.46 -15.19 -12.92
C LYS D 416 -17.71 -14.95 -13.78
N GLN D 417 -17.54 -14.18 -14.85
CA GLN D 417 -18.64 -13.82 -15.74
C GLN D 417 -18.51 -14.51 -17.10
N GLN D 418 -17.97 -15.73 -17.13
CA GLN D 418 -17.74 -16.38 -18.41
C GLN D 418 -19.02 -16.86 -19.10
N PRO D 419 -19.95 -17.61 -18.47
CA PRO D 419 -21.12 -18.06 -19.25
C PRO D 419 -22.18 -17.01 -19.48
N TYR D 420 -21.98 -15.79 -19.00
CA TYR D 420 -22.93 -14.71 -19.25
C TYR D 420 -22.75 -14.10 -20.62
N HIS D 421 -21.53 -14.16 -21.16
CA HIS D 421 -21.17 -13.45 -22.37
C HIS D 421 -20.52 -14.44 -23.32
N THR D 422 -21.26 -14.87 -24.35
CA THR D 422 -20.63 -15.60 -25.43
C THR D 422 -19.95 -14.63 -26.38
N MET D 423 -19.18 -15.18 -27.33
CA MET D 423 -18.53 -14.35 -28.33
C MET D 423 -19.55 -13.67 -29.23
N GLU D 424 -20.63 -14.37 -29.55
CA GLU D 424 -21.67 -13.79 -30.41
C GLU D 424 -22.42 -12.68 -29.71
N SER D 425 -22.61 -12.80 -28.38
CA SER D 425 -23.29 -11.75 -27.64
C SER D 425 -22.42 -10.50 -27.54
N ILE D 426 -21.11 -10.67 -27.37
CA ILE D 426 -20.20 -9.54 -27.33
C ILE D 426 -20.10 -8.88 -28.71
N LEU D 427 -20.15 -9.69 -29.77
CA LEU D 427 -20.16 -9.12 -31.12
C LEU D 427 -21.44 -8.34 -31.41
N GLN D 428 -22.58 -8.87 -30.97
CA GLN D 428 -23.85 -8.15 -31.14
C GLN D 428 -23.87 -6.86 -30.32
N HIS D 429 -23.27 -6.87 -29.13
CA HIS D 429 -23.26 -5.66 -28.34
C HIS D 429 -22.22 -4.66 -28.84
N LEU D 430 -21.14 -5.12 -29.47
CA LEU D 430 -20.22 -4.24 -30.17
C LEU D 430 -20.88 -3.56 -31.35
N GLU D 431 -21.62 -4.34 -32.15
CA GLU D 431 -22.37 -3.79 -33.27
C GLU D 431 -23.43 -2.80 -32.78
N PHE D 432 -24.05 -3.10 -31.65
CA PHE D 432 -25.01 -2.21 -31.02
C PHE D 432 -24.35 -0.91 -30.58
N CYS D 433 -23.16 -0.98 -29.99
CA CYS D 433 -22.52 0.23 -29.48
C CYS D 433 -21.96 1.10 -30.60
N ILE D 434 -21.35 0.50 -31.62
CA ILE D 434 -20.81 1.32 -32.69
C ILE D 434 -21.91 1.80 -33.63
N THR D 435 -23.06 1.13 -33.65
CA THR D 435 -24.18 1.63 -34.43
C THR D 435 -24.76 2.90 -33.81
N HIS D 436 -24.91 2.92 -32.49
CA HIS D 436 -25.53 4.04 -31.80
C HIS D 436 -24.52 5.02 -31.23
N ASP D 437 -23.27 4.98 -31.74
CA ASP D 437 -22.20 5.93 -31.43
C ASP D 437 -21.86 5.94 -29.94
N MET D 438 -21.80 4.76 -29.33
CA MET D 438 -21.45 4.64 -27.93
C MET D 438 -19.94 4.56 -27.78
N THR D 439 -19.44 5.19 -26.71
CA THR D 439 -18.02 5.25 -26.40
C THR D 439 -17.55 3.88 -25.88
N PRO D 440 -16.22 3.67 -25.71
CA PRO D 440 -15.78 2.43 -25.05
C PRO D 440 -16.30 2.21 -23.64
N LYS D 441 -16.52 3.27 -22.86
CA LYS D 441 -16.98 3.09 -21.49
C LYS D 441 -18.44 2.67 -21.46
N ALA D 442 -19.23 3.20 -22.40
CA ALA D 442 -20.62 2.79 -22.56
C ALA D 442 -20.72 1.39 -23.13
N PHE D 443 -19.70 0.92 -23.83
CA PHE D 443 -19.64 -0.51 -24.15
C PHE D 443 -19.33 -1.33 -22.92
N LEU D 444 -18.38 -0.87 -22.11
CA LEU D 444 -17.88 -1.68 -21.01
C LEU D 444 -18.80 -1.73 -19.82
N GLU D 445 -19.79 -0.84 -19.70
CA GLU D 445 -20.68 -0.85 -18.53
C GLU D 445 -21.48 -2.16 -18.41
N ARG D 446 -21.72 -2.84 -19.54
CA ARG D 446 -22.35 -4.15 -19.50
C ARG D 446 -21.44 -5.22 -18.90
N TYR D 447 -20.12 -5.02 -18.95
CA TYR D 447 -19.18 -6.08 -18.62
C TYR D 447 -18.42 -5.83 -17.33
N LEU D 448 -18.29 -4.59 -16.88
CA LEU D 448 -17.48 -4.31 -15.69
C LEU D 448 -18.19 -4.77 -14.42
N ALA D 449 -19.46 -4.44 -14.29
CA ALA D 449 -20.26 -4.90 -13.17
C ALA D 449 -21.08 -6.12 -13.59
N ALA D 450 -21.72 -6.74 -12.59
CA ALA D 450 -22.52 -7.93 -12.86
C ALA D 450 -23.79 -7.58 -13.63
N GLY D 451 -24.57 -6.64 -13.11
CA GLY D 451 -25.78 -6.23 -13.79
C GLY D 451 -26.93 -7.18 -13.51
N PRO D 452 -28.16 -6.74 -13.80
CA PRO D 452 -29.34 -7.52 -13.44
C PRO D 452 -29.61 -8.67 -14.40
N THR D 453 -30.64 -9.43 -14.05
CA THR D 453 -30.90 -10.71 -14.71
C THR D 453 -31.50 -10.52 -16.10
N ILE D 454 -32.29 -9.46 -16.29
CA ILE D 454 -32.95 -9.26 -17.58
C ILE D 454 -31.97 -8.72 -18.61
N GLN D 455 -30.77 -8.31 -18.18
CA GLN D 455 -29.74 -7.85 -19.10
C GLN D 455 -29.20 -9.01 -19.95
N TYR D 456 -29.42 -10.24 -19.51
CA TYR D 456 -28.81 -11.40 -20.12
C TYR D 456 -29.82 -12.21 -20.93
N HIS D 457 -29.38 -13.38 -21.37
CA HIS D 457 -30.15 -14.17 -22.32
C HIS D 457 -31.33 -14.84 -21.63
N LYS D 458 -32.36 -15.18 -22.42
CA LYS D 458 -33.62 -15.68 -21.89
C LYS D 458 -33.50 -17.07 -21.28
N GLU D 459 -32.46 -17.84 -21.60
CA GLU D 459 -32.27 -19.14 -20.97
C GLU D 459 -31.80 -19.02 -19.52
N ARG D 460 -31.42 -17.82 -19.10
CA ARG D 460 -30.92 -17.56 -17.76
C ARG D 460 -31.97 -16.91 -16.88
N TRP D 461 -33.07 -16.43 -17.47
CA TRP D 461 -34.14 -15.82 -16.69
C TRP D 461 -34.86 -16.88 -15.87
N LEU D 462 -35.35 -17.93 -16.54
CA LEU D 462 -36.09 -19.05 -15.95
C LEU D 462 -37.29 -18.57 -15.14
N ALA D 463 -38.07 -17.68 -15.75
CA ALA D 463 -39.18 -17.05 -15.06
C ALA D 463 -40.37 -17.98 -14.86
N LYS D 464 -40.40 -19.13 -15.53
CA LYS D 464 -41.45 -20.12 -15.37
C LYS D 464 -41.11 -21.15 -14.31
N GLN D 465 -40.08 -20.89 -13.50
CA GLN D 465 -39.61 -21.88 -12.54
C GLN D 465 -39.55 -21.31 -11.13
N TRP D 466 -40.38 -20.31 -10.84
CA TRP D 466 -40.45 -19.73 -9.51
C TRP D 466 -41.48 -20.48 -8.67
N THR D 467 -41.25 -20.50 -7.37
CA THR D 467 -42.09 -21.26 -6.44
C THR D 467 -42.39 -20.39 -5.24
N LEU D 468 -43.66 -20.30 -4.87
CA LEU D 468 -44.10 -19.42 -3.79
C LEU D 468 -44.29 -20.25 -2.52
N VAL D 469 -43.42 -20.04 -1.54
CA VAL D 469 -43.40 -20.82 -0.31
C VAL D 469 -43.85 -19.91 0.82
N SER D 470 -45.06 -20.13 1.31
CA SER D 470 -45.62 -19.29 2.37
C SER D 470 -46.35 -20.16 3.36
N GLU D 471 -46.23 -19.84 4.65
CA GLU D 471 -46.98 -20.56 5.66
C GLU D 471 -48.43 -20.13 5.70
N GLU D 472 -48.71 -18.94 5.25
CA GLU D 472 -50.04 -18.39 5.05
C GLU D 472 -50.58 -18.83 3.69
N PRO D 473 -51.89 -19.05 3.57
CA PRO D 473 -52.48 -19.28 2.25
C PRO D 473 -52.39 -18.01 1.41
N VAL D 474 -51.88 -18.16 0.19
CA VAL D 474 -51.31 -17.02 -0.55
C VAL D 474 -52.35 -16.10 -1.15
N THR D 475 -53.64 -16.38 -0.98
CA THR D 475 -54.67 -15.45 -1.40
C THR D 475 -54.99 -14.40 -0.35
N ASN D 476 -54.40 -14.49 0.83
CA ASN D 476 -54.58 -13.47 1.84
C ASN D 476 -53.64 -12.30 1.61
N GLY D 477 -54.07 -11.13 2.04
CA GLY D 477 -53.24 -9.95 1.94
C GLY D 477 -52.08 -9.99 2.91
N LEU D 478 -51.14 -9.06 2.71
CA LEU D 478 -50.00 -8.97 3.61
C LEU D 478 -50.40 -8.39 4.95
N LYS D 479 -49.57 -8.68 5.95
CA LYS D 479 -49.68 -8.04 7.26
C LYS D 479 -48.28 -7.98 7.84
N ASP D 480 -48.17 -7.32 8.98
CA ASP D 480 -46.87 -7.13 9.62
C ASP D 480 -46.33 -8.46 10.15
N GLY D 481 -45.27 -8.95 9.51
CA GLY D 481 -44.65 -10.19 9.91
C GLY D 481 -44.74 -11.31 8.90
N ILE D 482 -45.33 -11.07 7.73
CA ILE D 482 -45.42 -12.10 6.70
C ILE D 482 -44.04 -12.30 6.10
N VAL D 483 -43.56 -13.55 6.12
CA VAL D 483 -42.32 -13.94 5.47
C VAL D 483 -42.66 -15.01 4.46
N PHE D 484 -42.25 -14.80 3.21
CA PHE D 484 -42.42 -15.85 2.22
C PHE D 484 -41.20 -15.95 1.32
N LEU D 485 -41.02 -17.12 0.74
CA LEU D 485 -39.90 -17.43 -0.13
C LEU D 485 -40.37 -17.44 -1.58
N LEU D 486 -39.55 -16.88 -2.45
CA LEU D 486 -39.68 -17.06 -3.88
C LEU D 486 -38.51 -17.94 -4.28
N LYS D 487 -38.74 -19.24 -4.22
CA LYS D 487 -37.69 -20.19 -4.50
C LYS D 487 -37.51 -20.40 -6.00
N ARG D 488 -36.31 -20.83 -6.34
CA ARG D 488 -35.92 -21.20 -7.69
C ARG D 488 -35.00 -22.40 -7.48
N GLN D 489 -34.55 -23.00 -8.57
CA GLN D 489 -33.66 -24.16 -8.43
C GLN D 489 -32.29 -23.73 -7.93
N ASP D 490 -31.96 -22.46 -8.10
CA ASP D 490 -30.61 -21.98 -7.80
C ASP D 490 -30.55 -21.29 -6.44
N PHE D 491 -31.56 -20.48 -6.13
CA PHE D 491 -31.52 -19.60 -4.97
C PHE D 491 -32.94 -19.43 -4.44
N SER D 492 -33.12 -18.47 -3.54
CA SER D 492 -34.44 -18.16 -3.00
C SER D 492 -34.48 -16.70 -2.59
N LEU D 493 -35.58 -16.02 -2.91
CA LEU D 493 -35.82 -14.65 -2.50
C LEU D 493 -36.62 -14.67 -1.19
N VAL D 494 -35.97 -14.34 -0.10
CA VAL D 494 -36.62 -14.29 1.20
C VAL D 494 -37.24 -12.90 1.34
N VAL D 495 -38.55 -12.84 1.57
CA VAL D 495 -39.29 -11.59 1.62
C VAL D 495 -39.88 -11.44 3.01
N SER D 496 -39.50 -10.37 3.69
CA SER D 496 -40.04 -10.01 4.99
C SER D 496 -40.93 -8.77 4.84
N THR D 497 -42.08 -8.80 5.49
CA THR D 497 -43.06 -7.72 5.41
C THR D 497 -43.11 -6.99 6.73
N LYS D 498 -42.99 -5.67 6.68
CA LYS D 498 -43.22 -4.83 7.85
C LYS D 498 -44.25 -3.78 7.51
N LYS D 499 -45.03 -3.37 8.50
CA LYS D 499 -46.04 -2.34 8.30
C LYS D 499 -45.35 -0.99 8.25
N VAL D 500 -45.73 -0.17 7.27
CA VAL D 500 -45.29 1.23 7.24
C VAL D 500 -45.89 1.93 8.46
N PRO D 501 -45.09 2.56 9.31
CA PRO D 501 -45.59 3.03 10.60
C PRO D 501 -46.47 4.26 10.47
N PHE D 502 -47.31 4.43 11.49
CA PHE D 502 -48.18 5.60 11.58
C PHE D 502 -47.33 6.82 11.87
N PHE D 503 -47.58 7.91 11.15
CA PHE D 503 -46.84 9.15 11.34
C PHE D 503 -47.72 10.17 12.04
N LYS D 504 -47.14 10.91 12.97
CA LYS D 504 -47.80 12.06 13.57
C LYS D 504 -46.90 13.26 13.28
N LEU D 505 -47.20 13.98 12.20
CA LEU D 505 -46.52 15.23 11.94
C LEU D 505 -47.09 16.35 12.80
N SER D 506 -46.21 17.16 13.35
CA SER D 506 -46.57 18.43 13.95
C SER D 506 -46.04 19.53 13.07
N GLU D 507 -46.59 20.73 13.22
CA GLU D 507 -46.14 21.88 12.45
C GLU D 507 -45.40 22.84 13.37
N GLU D 508 -44.26 23.32 12.91
CA GLU D 508 -43.46 24.31 13.63
C GLU D 508 -43.12 25.43 12.67
N PHE D 509 -43.48 26.65 13.03
CA PHE D 509 -43.18 27.81 12.20
C PHE D 509 -41.89 28.45 12.68
N VAL D 510 -40.97 28.67 11.75
CA VAL D 510 -39.76 29.43 12.02
C VAL D 510 -39.81 30.72 11.22
N ASP D 511 -39.12 31.72 11.70
CA ASP D 511 -39.04 32.98 10.99
C ASP D 511 -37.72 33.02 10.22
N PRO D 512 -37.75 33.28 8.90
CA PRO D 512 -36.48 33.49 8.17
C PRO D 512 -35.68 34.69 8.63
N LYS D 513 -36.33 35.67 9.27
CA LYS D 513 -35.60 36.75 9.94
C LYS D 513 -34.89 36.27 11.19
N SER D 514 -35.39 35.22 11.85
CA SER D 514 -34.87 34.78 13.14
C SER D 514 -33.60 33.94 13.03
N HIS D 515 -33.01 33.81 11.85
CA HIS D 515 -31.76 33.08 11.71
C HIS D 515 -30.63 34.08 11.88
N LYS D 516 -30.14 34.21 13.11
CA LYS D 516 -29.07 35.14 13.44
C LYS D 516 -27.87 34.39 13.99
N PHE D 517 -26.68 34.95 13.75
CA PHE D 517 -25.43 34.23 13.90
C PHE D 517 -24.39 35.10 14.59
N VAL D 518 -23.43 34.44 15.25
CA VAL D 518 -22.30 35.08 15.89
C VAL D 518 -21.03 34.46 15.35
N MET D 519 -19.88 35.00 15.75
CA MET D 519 -18.58 34.54 15.27
C MET D 519 -17.88 33.63 16.27
N ARG D 520 -18.47 33.43 17.45
CA ARG D 520 -17.81 32.67 18.50
C ARG D 520 -18.33 31.24 18.53
N LEU D 521 -17.41 30.29 18.34
CA LEU D 521 -17.65 28.84 18.46
C LEU D 521 -18.74 28.34 17.52
N VAL E 115 -53.49 24.06 -27.95
CA VAL E 115 -53.91 23.91 -26.56
C VAL E 115 -55.16 24.78 -26.35
N ALA E 116 -55.41 25.69 -27.30
CA ALA E 116 -56.60 26.52 -27.22
C ALA E 116 -57.86 25.73 -27.59
N ALA E 117 -57.70 24.73 -28.46
CA ALA E 117 -58.83 23.90 -28.84
C ALA E 117 -59.29 23.02 -27.67
N GLY E 118 -58.35 22.61 -26.82
CA GLY E 118 -58.73 21.86 -25.63
C GLY E 118 -59.52 22.70 -24.63
N ALA E 119 -59.13 23.96 -24.45
CA ALA E 119 -59.88 24.87 -23.58
C ALA E 119 -61.23 25.20 -24.19
N THR E 120 -61.31 25.30 -25.52
CA THR E 120 -62.57 25.53 -26.19
C THR E 120 -63.52 24.35 -26.02
N LEU E 121 -63.00 23.12 -26.16
CA LEU E 121 -63.80 21.93 -25.93
C LEU E 121 -64.23 21.81 -24.48
N ALA E 122 -63.36 22.20 -23.54
CA ALA E 122 -63.71 22.14 -22.13
C ALA E 122 -64.81 23.13 -21.77
N LEU E 123 -64.71 24.37 -22.28
CA LEU E 123 -65.73 25.37 -22.01
C LEU E 123 -67.05 25.02 -22.68
N LEU E 124 -66.99 24.50 -23.91
CA LEU E 124 -68.21 24.10 -24.62
C LEU E 124 -68.86 22.91 -23.93
N SER E 125 -68.07 21.95 -23.46
CA SER E 125 -68.62 20.78 -22.79
C SER E 125 -69.18 21.13 -21.42
N PHE E 126 -68.63 22.16 -20.78
CA PHE E 126 -69.21 22.56 -19.50
C PHE E 126 -70.50 23.37 -19.69
N LEU E 127 -70.56 24.19 -20.74
CA LEU E 127 -71.73 25.03 -20.95
C LEU E 127 -72.87 24.31 -21.69
N THR E 128 -72.58 23.20 -22.36
CA THR E 128 -73.61 22.49 -23.12
C THR E 128 -74.75 21.90 -22.29
N PRO E 129 -74.55 21.27 -21.10
CA PRO E 129 -75.72 20.84 -20.34
C PRO E 129 -76.54 22.00 -19.79
N LEU E 130 -75.88 23.08 -19.39
CA LEU E 130 -76.60 24.26 -18.93
C LEU E 130 -77.39 24.90 -20.06
N ALA E 131 -76.86 24.88 -21.28
CA ALA E 131 -77.62 25.36 -22.43
C ALA E 131 -78.81 24.45 -22.71
N PHE E 132 -78.61 23.13 -22.61
CA PHE E 132 -79.70 22.19 -22.87
C PHE E 132 -80.80 22.30 -21.83
N LEU E 133 -80.46 22.71 -20.61
CA LEU E 133 -81.48 22.92 -19.60
C LEU E 133 -82.12 24.29 -19.65
N LEU E 134 -81.40 25.33 -20.08
CA LEU E 134 -81.90 26.68 -19.99
C LEU E 134 -82.49 27.23 -21.29
N LEU E 135 -82.30 26.56 -22.42
CA LEU E 135 -82.99 27.05 -23.62
C LEU E 135 -84.52 26.83 -23.68
N PRO E 136 -85.10 25.71 -23.22
CA PRO E 136 -86.59 25.61 -23.27
C PRO E 136 -87.32 26.56 -22.32
N PRO E 137 -86.84 26.87 -21.10
CA PRO E 137 -87.54 27.94 -20.35
C PRO E 137 -87.35 29.33 -20.92
N LEU E 138 -86.30 29.57 -21.70
CA LEU E 138 -86.10 30.91 -22.26
C LEU E 138 -86.78 31.09 -23.61
N LEU E 139 -86.99 30.01 -24.36
CA LEU E 139 -87.53 30.19 -25.71
C LEU E 139 -89.02 29.87 -25.79
N TRP E 140 -89.43 28.66 -25.38
CA TRP E 140 -90.85 28.33 -25.33
C TRP E 140 -91.21 27.96 -23.88
N ARG E 141 -91.55 28.98 -23.09
CA ARG E 141 -91.89 28.72 -21.69
C ARG E 141 -93.34 28.31 -21.53
N GLU E 142 -94.27 29.06 -22.15
CA GLU E 142 -95.68 28.74 -22.02
C GLU E 142 -96.08 27.53 -22.84
N GLU E 143 -95.36 27.26 -23.93
CA GLU E 143 -95.56 26.03 -24.69
C GLU E 143 -95.09 24.80 -23.92
N LEU E 144 -94.15 24.99 -23.00
CA LEU E 144 -93.50 23.87 -22.33
C LEU E 144 -94.44 23.19 -21.34
N GLU E 145 -94.43 21.85 -21.35
CA GLU E 145 -95.28 21.09 -20.44
C GLU E 145 -94.71 21.16 -19.03
N PRO E 146 -95.55 21.32 -18.00
CA PRO E 146 -95.05 21.22 -16.63
C PRO E 146 -94.80 19.77 -16.26
N CYS E 147 -93.72 19.55 -15.51
CA CYS E 147 -93.34 18.22 -15.07
C CYS E 147 -93.08 18.24 -13.57
N GLY E 148 -93.14 17.06 -12.97
CA GLY E 148 -93.13 16.95 -11.52
C GLY E 148 -91.77 17.10 -10.85
N THR E 149 -91.62 16.44 -9.71
CA THR E 149 -90.40 16.57 -8.92
C THR E 149 -89.24 15.76 -9.48
N ALA E 150 -89.51 14.85 -10.43
CA ALA E 150 -88.45 14.10 -11.07
C ALA E 150 -87.51 15.02 -11.84
N CYS E 151 -88.08 16.05 -12.49
CA CYS E 151 -87.28 17.03 -13.22
C CYS E 151 -86.35 17.79 -12.28
N GLU E 152 -86.87 18.23 -11.13
CA GLU E 152 -86.05 19.01 -10.20
C GLU E 152 -84.99 18.16 -9.50
N GLY E 153 -85.31 16.89 -9.22
CA GLY E 153 -84.29 15.98 -8.73
C GLY E 153 -83.19 15.74 -9.75
N LEU E 154 -83.56 15.67 -11.02
CA LEU E 154 -82.54 15.56 -12.04
C LEU E 154 -81.76 16.87 -12.23
N PHE E 155 -82.37 18.02 -11.92
CA PHE E 155 -81.60 19.27 -11.88
C PHE E 155 -80.54 19.23 -10.79
N ILE E 156 -80.90 18.68 -9.63
CA ILE E 156 -79.94 18.51 -8.53
C ILE E 156 -78.81 17.57 -8.95
N SER E 157 -79.17 16.49 -9.65
CA SER E 157 -78.15 15.56 -10.12
C SER E 157 -77.23 16.20 -11.16
N VAL E 158 -77.79 17.02 -12.07
CA VAL E 158 -76.97 17.75 -13.04
C VAL E 158 -76.01 18.71 -12.33
N ALA E 159 -76.49 19.42 -11.32
CA ALA E 159 -75.66 20.39 -10.61
C ALA E 159 -74.50 19.71 -9.89
N PHE E 160 -74.78 18.63 -9.15
CA PHE E 160 -73.70 17.97 -8.41
C PHE E 160 -72.75 17.20 -9.32
N LYS E 161 -73.26 16.60 -10.40
CA LYS E 161 -72.38 15.89 -11.31
C LYS E 161 -71.53 16.85 -12.14
N LEU E 162 -72.04 18.05 -12.43
CA LEU E 162 -71.21 19.05 -13.09
C LEU E 162 -70.14 19.60 -12.14
N LEU E 163 -70.46 19.68 -10.85
CA LEU E 163 -69.42 20.06 -9.88
C LEU E 163 -68.34 18.99 -9.78
N ILE E 164 -68.74 17.71 -9.82
CA ILE E 164 -67.78 16.60 -9.84
C ILE E 164 -66.92 16.65 -11.10
N LEU E 165 -67.52 16.92 -12.25
CA LEU E 165 -66.79 17.01 -13.50
C LEU E 165 -65.80 18.18 -13.49
N LEU E 166 -66.22 19.31 -12.92
CA LEU E 166 -65.34 20.47 -12.85
C LEU E 166 -64.17 20.23 -11.91
N LEU E 167 -64.41 19.59 -10.76
CA LEU E 167 -63.33 19.33 -9.82
C LEU E 167 -62.37 18.26 -10.35
N GLY E 168 -62.89 17.27 -11.08
CA GLY E 168 -62.00 16.27 -11.66
C GLY E 168 -61.16 16.81 -12.80
N SER E 169 -61.77 17.63 -13.66
CA SER E 169 -61.01 18.26 -14.74
C SER E 169 -60.04 19.29 -14.21
N TRP E 170 -60.34 19.90 -13.06
CA TRP E 170 -59.34 20.74 -12.40
C TRP E 170 -58.18 19.91 -11.87
N ALA E 171 -58.50 18.78 -11.24
CA ALA E 171 -57.47 18.00 -10.56
C ALA E 171 -56.52 17.32 -11.52
N LEU E 172 -56.99 16.93 -12.69
CA LEU E 172 -56.11 16.20 -13.59
C LEU E 172 -55.80 16.87 -14.91
N PHE E 173 -56.61 17.80 -15.37
CA PHE E 173 -56.44 18.26 -16.75
C PHE E 173 -56.33 19.78 -16.89
N PHE E 174 -56.45 20.54 -15.81
CA PHE E 174 -56.20 21.98 -15.87
C PHE E 174 -54.78 22.28 -15.41
N ARG E 175 -53.82 21.78 -16.18
CA ARG E 175 -52.41 21.94 -15.90
C ARG E 175 -51.64 22.14 -17.19
N ARG E 176 -50.47 22.75 -17.08
CA ARG E 176 -49.64 23.03 -18.24
C ARG E 176 -49.06 21.73 -18.79
N PRO E 177 -48.83 21.66 -20.10
CA PRO E 177 -48.18 20.48 -20.69
C PRO E 177 -46.75 20.37 -20.22
N LYS E 178 -46.38 19.16 -19.78
CA LYS E 178 -45.04 18.96 -19.21
C LYS E 178 -44.00 18.75 -20.30
N ALA E 179 -44.42 18.53 -21.53
CA ALA E 179 -43.50 18.24 -22.61
C ALA E 179 -44.08 18.65 -23.95
N SER E 180 -43.18 18.86 -24.90
CA SER E 180 -43.55 19.08 -26.30
C SER E 180 -43.13 17.86 -27.10
N LEU E 181 -44.08 17.06 -27.47
CA LEU E 181 -43.80 15.82 -28.19
C LEU E 181 -43.57 16.09 -29.67
N PRO E 182 -42.69 15.31 -30.31
CA PRO E 182 -42.39 15.56 -31.72
C PRO E 182 -43.54 15.24 -32.66
N ARG E 183 -44.39 14.27 -32.29
CA ARG E 183 -45.59 13.99 -33.05
C ARG E 183 -46.80 14.19 -32.15
N VAL E 184 -47.96 13.83 -32.67
CA VAL E 184 -49.22 14.07 -31.97
C VAL E 184 -49.34 13.10 -30.80
N PHE E 185 -49.85 13.61 -29.68
CA PHE E 185 -50.25 12.77 -28.57
C PHE E 185 -51.44 11.95 -29.06
N VAL E 186 -51.28 10.64 -29.23
CA VAL E 186 -52.31 9.85 -29.91
C VAL E 186 -53.55 9.69 -29.04
N LEU E 187 -53.35 9.39 -27.75
CA LEU E 187 -54.51 9.16 -26.89
C LEU E 187 -55.20 10.45 -26.51
N ARG E 188 -54.46 11.55 -26.37
CA ARG E 188 -55.08 12.83 -26.05
C ARG E 188 -55.84 13.38 -27.25
N ALA E 189 -55.32 13.18 -28.46
CA ALA E 189 -56.08 13.54 -29.66
C ALA E 189 -57.30 12.66 -29.83
N LEU E 190 -57.20 11.38 -29.45
CA LEU E 190 -58.37 10.50 -29.44
C LEU E 190 -59.43 11.00 -28.48
N LEU E 191 -59.01 11.46 -27.30
CA LEU E 191 -59.95 12.00 -26.32
C LEU E 191 -60.56 13.31 -26.79
N MET E 192 -59.79 14.15 -27.46
CA MET E 192 -60.32 15.42 -27.95
C MET E 192 -61.32 15.20 -29.10
N VAL E 193 -61.02 14.24 -29.98
CA VAL E 193 -61.96 13.86 -31.03
C VAL E 193 -63.21 13.23 -30.43
N LEU E 194 -63.07 12.47 -29.34
CA LEU E 194 -64.25 11.87 -28.71
C LEU E 194 -65.13 12.92 -28.03
N VAL E 195 -64.51 13.88 -27.32
CA VAL E 195 -65.26 14.99 -26.73
C VAL E 195 -65.94 15.81 -27.82
N PHE E 196 -65.23 16.07 -28.92
CA PHE E 196 -65.79 16.88 -30.00
C PHE E 196 -66.96 16.18 -30.68
N LEU E 197 -66.80 14.90 -31.01
CA LEU E 197 -67.88 14.19 -31.69
C LEU E 197 -69.07 13.95 -30.77
N LEU E 198 -68.81 13.72 -29.48
CA LEU E 198 -69.90 13.54 -28.52
C LEU E 198 -70.70 14.83 -28.36
N VAL E 199 -70.02 15.95 -28.08
CA VAL E 199 -70.73 17.20 -27.83
C VAL E 199 -71.39 17.73 -29.10
N VAL E 200 -70.74 17.57 -30.25
CA VAL E 200 -71.34 17.97 -31.52
C VAL E 200 -72.56 17.11 -31.86
N SER E 201 -72.51 15.80 -31.54
CA SER E 201 -73.67 14.95 -31.81
C SER E 201 -74.83 15.27 -30.88
N TYR E 202 -74.55 15.59 -29.62
CA TYR E 202 -75.61 16.04 -28.71
C TYR E 202 -76.19 17.38 -29.15
N TRP E 203 -75.34 18.29 -29.66
CA TRP E 203 -75.86 19.56 -30.19
C TRP E 203 -76.71 19.35 -31.44
N LEU E 204 -76.30 18.44 -32.32
CA LEU E 204 -77.06 18.19 -33.54
C LEU E 204 -78.40 17.57 -33.23
N PHE E 205 -78.44 16.61 -32.30
CA PHE E 205 -79.72 16.00 -31.93
C PHE E 205 -80.61 17.00 -31.20
N TYR E 206 -80.03 17.81 -30.31
CA TYR E 206 -80.81 18.81 -29.58
C TYR E 206 -81.34 19.87 -30.53
N GLY E 207 -80.60 20.18 -31.59
CA GLY E 207 -81.11 21.12 -32.58
C GLY E 207 -82.23 20.55 -33.41
N VAL E 208 -81.96 19.40 -34.07
CA VAL E 208 -82.91 18.92 -35.07
C VAL E 208 -84.08 18.14 -34.48
N ARG E 209 -84.06 17.81 -33.19
CA ARG E 209 -85.18 17.07 -32.61
C ARG E 209 -85.77 17.69 -31.35
N ILE E 210 -85.15 18.70 -30.76
CA ILE E 210 -85.68 19.38 -29.59
C ILE E 210 -85.86 20.87 -29.83
N LEU E 211 -84.81 21.52 -30.35
CA LEU E 211 -84.85 22.97 -30.52
C LEU E 211 -85.72 23.38 -31.70
N ASP E 212 -85.51 22.74 -32.86
CA ASP E 212 -86.31 23.06 -34.04
C ASP E 212 -87.72 22.52 -33.91
N ALA E 213 -87.87 21.32 -33.34
CA ALA E 213 -89.18 20.71 -33.20
C ALA E 213 -90.01 21.30 -32.07
N ARG E 214 -89.38 22.10 -31.18
CA ARG E 214 -90.01 22.72 -30.01
C ARG E 214 -90.64 21.66 -29.11
N GLU E 215 -89.75 20.84 -28.53
CA GLU E 215 -90.15 19.71 -27.70
C GLU E 215 -90.90 20.17 -26.45
N ARG E 216 -92.05 19.54 -26.21
CA ARG E 216 -92.89 19.88 -25.06
C ARG E 216 -92.54 19.06 -23.83
N SER E 217 -92.16 17.80 -24.01
CA SER E 217 -91.83 16.92 -22.88
C SER E 217 -90.49 17.36 -22.30
N TYR E 218 -90.55 18.20 -21.27
CA TYR E 218 -89.34 18.74 -20.66
C TYR E 218 -88.60 17.72 -19.82
N GLN E 219 -89.31 16.69 -19.35
CA GLN E 219 -88.65 15.59 -18.63
C GLN E 219 -87.66 14.86 -19.51
N GLY E 220 -88.00 14.68 -20.79
CA GLY E 220 -87.06 14.09 -21.73
C GLY E 220 -85.84 14.95 -21.99
N VAL E 221 -86.02 16.28 -22.00
CA VAL E 221 -84.90 17.19 -22.19
C VAL E 221 -83.97 17.17 -20.97
N VAL E 222 -84.55 17.09 -19.77
CA VAL E 222 -83.70 17.07 -18.58
C VAL E 222 -83.00 15.72 -18.43
N GLN E 223 -83.67 14.62 -18.78
CA GLN E 223 -83.00 13.31 -18.84
C GLN E 223 -81.91 13.28 -19.91
N PHE E 224 -82.12 13.99 -21.01
CA PHE E 224 -81.12 14.13 -22.05
C PHE E 224 -79.88 14.87 -21.54
N ALA E 225 -80.09 15.92 -20.74
CA ALA E 225 -78.96 16.61 -20.13
C ALA E 225 -78.26 15.76 -19.07
N VAL E 226 -79.02 14.97 -18.32
CA VAL E 226 -78.44 14.03 -17.34
C VAL E 226 -77.55 13.01 -18.04
N SER E 227 -78.03 12.48 -19.17
CA SER E 227 -77.24 11.54 -19.96
C SER E 227 -76.00 12.20 -20.55
N LEU E 228 -76.09 13.49 -20.90
CA LEU E 228 -74.92 14.22 -21.36
C LEU E 228 -73.87 14.38 -20.27
N VAL E 229 -74.29 14.72 -19.05
CA VAL E 229 -73.32 14.89 -17.97
C VAL E 229 -72.72 13.55 -17.55
N ASP E 230 -73.53 12.48 -17.59
CA ASP E 230 -73.00 11.14 -17.34
C ASP E 230 -72.00 10.73 -18.41
N ALA E 231 -72.26 11.09 -19.67
CA ALA E 231 -71.32 10.79 -20.74
C ALA E 231 -70.04 11.59 -20.61
N LEU E 232 -70.12 12.84 -20.14
CA LEU E 232 -68.91 13.63 -19.95
C LEU E 232 -68.07 13.10 -18.79
N LEU E 233 -68.72 12.66 -17.72
CA LEU E 233 -67.99 12.03 -16.62
C LEU E 233 -67.38 10.70 -17.04
N PHE E 234 -68.04 9.97 -17.93
CA PHE E 234 -67.46 8.74 -18.44
C PHE E 234 -66.32 9.00 -19.42
N VAL E 235 -66.37 10.11 -20.16
CA VAL E 235 -65.23 10.49 -21.01
C VAL E 235 -64.05 10.91 -20.14
N HIS E 236 -64.33 11.60 -19.02
CA HIS E 236 -63.28 11.94 -18.08
C HIS E 236 -62.65 10.70 -17.46
N TYR E 237 -63.47 9.71 -17.13
CA TYR E 237 -62.97 8.43 -16.63
C TYR E 237 -62.14 7.71 -17.68
N LEU E 238 -62.59 7.73 -18.94
CA LEU E 238 -61.82 7.14 -20.04
C LEU E 238 -60.52 7.89 -20.26
N ALA E 239 -60.51 9.19 -20.01
CA ALA E 239 -59.28 9.98 -20.12
C ALA E 239 -58.28 9.59 -19.06
N VAL E 240 -58.76 9.32 -17.85
CA VAL E 240 -57.87 8.85 -16.79
C VAL E 240 -57.36 7.44 -17.10
N VAL E 241 -58.22 6.60 -17.67
CA VAL E 241 -57.82 5.24 -18.04
C VAL E 241 -56.76 5.25 -19.13
N LEU E 242 -56.98 6.04 -20.17
CA LEU E 242 -56.05 6.06 -21.31
C LEU E 242 -54.75 6.76 -20.96
N LEU E 243 -54.82 7.90 -20.28
CA LEU E 243 -53.63 8.71 -20.10
C LEU E 243 -52.81 8.32 -18.88
N GLU E 244 -53.44 7.76 -17.85
CA GLU E 244 -52.70 7.54 -16.61
C GLU E 244 -52.73 6.11 -16.13
N LEU E 245 -53.83 5.40 -16.33
CA LEU E 245 -53.97 4.07 -15.75
C LEU E 245 -53.43 2.97 -16.65
N ARG E 246 -53.24 3.25 -17.94
CA ARG E 246 -52.80 2.23 -18.88
C ARG E 246 -51.36 1.82 -18.62
N GLN E 247 -50.51 2.75 -18.18
CA GLN E 247 -49.10 2.47 -18.01
C GLN E 247 -48.71 2.15 -16.57
N LEU E 248 -49.67 1.90 -15.68
CA LEU E 248 -49.31 1.54 -14.31
C LEU E 248 -48.76 0.14 -14.23
N GLN E 249 -49.38 -0.80 -14.92
CA GLN E 249 -48.93 -2.19 -14.94
C GLN E 249 -47.64 -2.29 -15.72
N PRO E 250 -46.52 -2.67 -15.10
CA PRO E 250 -45.22 -2.66 -15.79
C PRO E 250 -45.13 -3.79 -16.81
N GLN E 251 -44.87 -3.42 -18.05
CA GLN E 251 -44.80 -4.37 -19.15
C GLN E 251 -43.40 -4.56 -19.70
N PHE E 252 -42.54 -3.55 -19.60
CA PHE E 252 -41.24 -3.57 -20.24
C PHE E 252 -40.18 -3.11 -19.26
N THR E 253 -38.97 -3.63 -19.44
CA THR E 253 -37.79 -3.17 -18.74
C THR E 253 -36.92 -2.39 -19.71
N LEU E 254 -36.58 -1.17 -19.33
CA LEU E 254 -35.78 -0.26 -20.13
C LEU E 254 -34.38 -0.19 -19.53
N LYS E 255 -33.38 -0.51 -20.34
CA LYS E 255 -31.99 -0.23 -20.00
C LYS E 255 -31.63 1.10 -20.64
N VAL E 256 -31.31 2.09 -19.82
CA VAL E 256 -30.96 3.43 -20.30
C VAL E 256 -29.50 3.66 -19.94
N VAL E 257 -28.68 3.86 -20.97
CA VAL E 257 -27.23 3.98 -20.83
C VAL E 257 -26.80 5.27 -21.51
N ARG E 258 -26.00 6.10 -20.82
CA ARG E 258 -25.38 7.21 -21.51
C ARG E 258 -24.28 6.70 -22.44
N SER E 259 -24.28 7.22 -23.66
CA SER E 259 -23.34 6.78 -24.67
C SER E 259 -21.91 7.21 -24.40
N THR E 260 -21.68 8.11 -23.44
CA THR E 260 -20.36 8.66 -23.17
C THR E 260 -19.65 7.96 -22.00
N ASP E 261 -20.27 7.94 -20.83
CA ASP E 261 -19.64 7.34 -19.66
C ASP E 261 -20.29 6.04 -19.21
N GLY E 262 -21.37 5.62 -19.84
CA GLY E 262 -21.96 4.35 -19.49
C GLY E 262 -22.70 4.31 -18.17
N ALA E 263 -23.18 5.44 -17.69
CA ALA E 263 -24.10 5.42 -16.57
C ALA E 263 -25.40 4.75 -17.01
N SER E 264 -25.78 3.69 -16.31
CA SER E 264 -26.89 2.85 -16.74
C SER E 264 -27.89 2.71 -15.61
N ARG E 265 -29.17 2.86 -15.92
CA ARG E 265 -30.24 2.53 -14.99
C ARG E 265 -31.28 1.68 -15.70
N PHE E 266 -31.98 0.85 -14.94
CA PHE E 266 -33.06 0.07 -15.52
C PHE E 266 -34.38 0.54 -14.92
N TYR E 267 -35.43 0.46 -15.72
CA TYR E 267 -36.74 0.92 -15.29
C TYR E 267 -37.80 -0.06 -15.74
N ASN E 268 -38.93 -0.07 -15.05
CA ASN E 268 -40.13 -0.75 -15.51
C ASN E 268 -41.12 0.28 -16.02
N VAL E 269 -41.61 0.07 -17.23
CA VAL E 269 -42.56 0.98 -17.86
C VAL E 269 -43.73 0.15 -18.35
N GLY E 270 -44.89 0.79 -18.47
CA GLY E 270 -46.09 0.15 -18.96
C GLY E 270 -46.29 0.37 -20.44
N HIS E 271 -47.54 0.21 -20.87
CA HIS E 271 -47.90 0.46 -22.27
C HIS E 271 -47.92 1.95 -22.53
N LEU E 272 -46.84 2.45 -23.11
CA LEU E 272 -46.77 3.82 -23.59
C LEU E 272 -46.18 3.82 -24.98
N SER E 273 -46.41 4.91 -25.71
CA SER E 273 -45.73 5.11 -26.97
C SER E 273 -44.26 5.46 -26.73
N ILE E 274 -43.48 5.48 -27.81
CA ILE E 274 -42.04 5.70 -27.69
C ILE E 274 -41.74 7.12 -27.25
N GLN E 275 -42.54 8.10 -27.67
CA GLN E 275 -42.29 9.48 -27.26
C GLN E 275 -42.69 9.72 -25.81
N ARG E 276 -43.73 9.04 -25.31
CA ARG E 276 -44.11 9.20 -23.92
C ARG E 276 -43.14 8.47 -23.00
N VAL E 277 -42.64 7.32 -23.44
CA VAL E 277 -41.54 6.64 -22.76
C VAL E 277 -40.30 7.51 -22.74
N ALA E 278 -40.06 8.26 -23.82
CA ALA E 278 -38.89 9.13 -23.89
C ALA E 278 -38.99 10.28 -22.91
N VAL E 279 -40.16 10.90 -22.79
CA VAL E 279 -40.36 11.97 -21.81
C VAL E 279 -40.27 11.41 -20.39
N TRP E 280 -40.78 10.19 -20.19
CA TRP E 280 -40.70 9.52 -18.89
C TRP E 280 -39.25 9.25 -18.49
N ILE E 281 -38.43 8.82 -19.45
CA ILE E 281 -37.01 8.57 -19.21
C ILE E 281 -36.28 9.88 -18.95
N LEU E 282 -36.68 10.96 -19.63
CA LEU E 282 -36.02 12.24 -19.37
C LEU E 282 -36.40 12.80 -18.00
N GLU E 283 -37.59 12.49 -17.51
CA GLU E 283 -37.94 12.84 -16.14
C GLU E 283 -37.14 12.01 -15.14
N LYS E 284 -36.88 10.74 -15.46
CA LYS E 284 -36.02 9.94 -14.59
C LYS E 284 -34.56 10.35 -14.68
N TYR E 285 -34.14 10.90 -15.82
CA TYR E 285 -32.72 11.14 -16.08
C TYR E 285 -32.17 12.26 -15.21
N TYR E 286 -32.95 13.32 -15.00
CA TYR E 286 -32.42 14.47 -14.30
C TYR E 286 -32.22 14.24 -12.82
N HIS E 287 -32.76 13.17 -12.25
CA HIS E 287 -32.48 12.86 -10.86
C HIS E 287 -31.85 11.48 -10.65
N ASP E 288 -31.75 10.64 -11.68
CA ASP E 288 -31.17 9.32 -11.51
C ASP E 288 -29.72 9.21 -11.97
N PHE E 289 -29.37 9.74 -13.14
CA PHE E 289 -28.00 9.57 -13.57
C PHE E 289 -27.16 10.67 -12.94
N PRO E 290 -25.85 10.46 -12.80
CA PRO E 290 -24.97 11.60 -12.49
C PRO E 290 -24.95 12.60 -13.63
N VAL E 291 -24.56 13.83 -13.29
CA VAL E 291 -24.54 14.91 -14.27
C VAL E 291 -23.46 14.62 -15.32
N TYR E 292 -23.73 15.01 -16.56
CA TYR E 292 -22.77 14.78 -17.62
C TYR E 292 -21.56 15.67 -17.44
N ASN E 293 -20.37 15.07 -17.54
CA ASN E 293 -19.12 15.80 -17.38
C ASN E 293 -18.23 15.48 -18.58
N PRO E 294 -18.12 16.40 -19.54
CA PRO E 294 -17.22 16.16 -20.68
C PRO E 294 -15.75 16.29 -20.33
N ALA E 295 -15.42 16.79 -19.13
CA ALA E 295 -14.05 16.84 -18.65
C ALA E 295 -13.59 15.52 -18.04
N LEU E 296 -14.44 14.51 -18.02
CA LEU E 296 -14.04 13.19 -17.52
C LEU E 296 -13.85 12.21 -18.67
N VAL E 332 -1.91 -10.29 -36.88
CA VAL E 332 -1.50 -8.92 -37.09
C VAL E 332 -2.02 -8.03 -35.99
N ILE E 333 -3.35 -7.94 -35.89
CA ILE E 333 -3.96 -7.03 -34.92
C ILE E 333 -3.96 -7.68 -33.53
N ALA E 334 -4.20 -8.98 -33.47
CA ALA E 334 -4.19 -9.68 -32.19
C ALA E 334 -2.78 -9.79 -31.63
N ALA E 335 -1.77 -9.83 -32.51
CA ALA E 335 -0.39 -9.85 -32.05
C ALA E 335 0.00 -8.50 -31.45
N ALA E 336 -0.45 -7.40 -32.07
CA ALA E 336 -0.21 -6.08 -31.49
C ALA E 336 -0.97 -5.89 -30.20
N ALA E 337 -2.16 -6.50 -30.08
CA ALA E 337 -2.91 -6.43 -28.83
C ALA E 337 -2.22 -7.23 -27.73
N ARG E 338 -1.62 -8.37 -28.08
CA ARG E 338 -0.87 -9.14 -27.10
C ARG E 338 0.41 -8.43 -26.69
N ARG E 339 1.05 -7.71 -27.63
CA ARG E 339 2.23 -6.92 -27.30
C ARG E 339 1.88 -5.73 -26.42
N ARG E 340 0.72 -5.11 -26.65
CA ARG E 340 0.32 -3.95 -25.87
C ARG E 340 -0.18 -4.35 -24.49
N ASP E 341 -0.90 -5.46 -24.39
CA ASP E 341 -1.43 -5.89 -23.10
C ASP E 341 -0.35 -6.47 -22.19
N ASN E 342 0.83 -6.78 -22.75
CA ASN E 342 1.96 -7.22 -21.95
C ASN E 342 2.88 -6.07 -21.54
N SER E 343 2.56 -4.84 -21.92
CA SER E 343 3.39 -3.68 -21.63
C SER E 343 3.12 -3.20 -20.20
N HIS E 344 3.63 -2.02 -19.87
CA HIS E 344 3.42 -1.45 -18.55
C HIS E 344 1.97 -0.97 -18.41
N ASN E 345 1.32 -1.36 -17.32
CA ASN E 345 -0.08 -1.04 -17.10
C ASN E 345 -0.16 0.38 -16.54
N GLU E 346 -0.03 1.35 -17.46
CA GLU E 346 0.05 2.75 -17.09
C GLU E 346 -1.28 3.26 -16.53
N TYR E 347 -2.39 2.78 -17.10
CA TYR E 347 -3.72 3.26 -16.70
C TYR E 347 -4.09 2.82 -15.30
N TYR E 348 -3.63 1.64 -14.89
CA TYR E 348 -3.86 1.16 -13.52
C TYR E 348 -3.21 2.08 -12.49
N TYR E 349 -1.96 2.47 -12.74
CA TYR E 349 -1.28 3.30 -11.76
C TYR E 349 -1.73 4.75 -11.84
N GLU E 350 -2.12 5.23 -13.02
CA GLU E 350 -2.72 6.56 -13.09
C GLU E 350 -4.08 6.61 -12.39
N GLU E 351 -4.84 5.52 -12.48
CA GLU E 351 -6.11 5.42 -11.75
C GLU E 351 -5.89 5.38 -10.25
N ALA E 352 -4.87 4.64 -9.79
CA ALA E 352 -4.58 4.58 -8.36
C ALA E 352 -4.07 5.92 -7.83
N GLU E 353 -3.24 6.62 -8.62
CA GLU E 353 -2.80 7.97 -8.27
C GLU E 353 -3.97 8.94 -8.20
N HIS E 354 -4.91 8.84 -9.13
CA HIS E 354 -6.05 9.74 -9.13
C HIS E 354 -6.97 9.48 -7.94
N GLU E 355 -7.20 8.20 -7.61
CA GLU E 355 -8.02 7.87 -6.44
C GLU E 355 -7.35 8.33 -5.15
N ARG E 356 -6.02 8.17 -5.06
CA ARG E 356 -5.30 8.59 -3.88
C ARG E 356 -5.31 10.10 -3.71
N ARG E 357 -5.11 10.86 -4.79
CA ARG E 357 -5.11 12.31 -4.64
C ARG E 357 -6.51 12.86 -4.46
N VAL E 358 -7.54 12.17 -4.99
CA VAL E 358 -8.91 12.58 -4.70
C VAL E 358 -9.25 12.35 -3.23
N ARG E 359 -8.78 11.24 -2.65
CA ARG E 359 -8.99 11.01 -1.22
C ARG E 359 -8.24 12.01 -0.36
N LYS E 360 -7.04 12.42 -0.80
CA LYS E 360 -6.28 13.40 -0.03
C LYS E 360 -6.91 14.79 -0.08
N ARG E 361 -7.33 15.23 -1.28
CA ARG E 361 -8.02 16.52 -1.39
C ARG E 361 -9.37 16.48 -0.69
N ARG E 362 -10.03 15.31 -0.66
CA ARG E 362 -11.28 15.15 0.06
C ARG E 362 -11.07 15.27 1.56
N ALA E 363 -9.98 14.71 2.09
CA ALA E 363 -9.69 14.82 3.50
C ALA E 363 -9.36 16.26 3.90
N ARG E 364 -8.58 16.95 3.05
CA ARG E 364 -8.33 18.38 3.26
C ARG E 364 -9.62 19.19 3.25
N LEU E 365 -10.54 18.84 2.34
CA LEU E 365 -11.82 19.54 2.25
C LEU E 365 -12.70 19.28 3.47
N VAL E 366 -12.70 18.04 3.97
CA VAL E 366 -13.52 17.72 5.14
C VAL E 366 -13.00 18.45 6.38
N VAL E 367 -11.68 18.47 6.57
CA VAL E 367 -11.10 19.21 7.70
C VAL E 367 -11.35 20.70 7.56
N ALA E 368 -11.27 21.22 6.32
CA ALA E 368 -11.48 22.64 6.08
C ALA E 368 -12.92 23.05 6.37
N VAL E 369 -13.89 22.25 5.94
CA VAL E 369 -15.28 22.62 6.13
C VAL E 369 -15.71 22.41 7.58
N GLU E 370 -15.14 21.43 8.28
CA GLU E 370 -15.39 21.29 9.72
C GLU E 370 -14.86 22.48 10.51
N GLU E 371 -13.59 22.86 10.26
CA GLU E 371 -13.01 24.00 10.94
C GLU E 371 -13.67 25.31 10.49
N ALA E 372 -14.28 25.32 9.31
CA ALA E 372 -15.04 26.48 8.88
C ALA E 372 -16.36 26.60 9.62
N PHE E 373 -17.08 25.49 9.80
CA PHE E 373 -18.37 25.59 10.46
C PHE E 373 -18.23 25.74 11.96
N THR E 374 -17.04 25.45 12.51
CA THR E 374 -16.81 25.79 13.91
C THR E 374 -16.52 27.27 14.13
N HIS E 375 -16.53 28.09 13.09
CA HIS E 375 -16.31 29.53 13.26
C HIS E 375 -17.59 30.30 13.53
N ILE E 376 -18.76 29.67 13.53
CA ILE E 376 -20.02 30.35 13.79
C ILE E 376 -20.86 29.52 14.75
N LYS E 377 -21.91 30.16 15.27
CA LYS E 377 -22.81 29.56 16.24
C LYS E 377 -24.15 30.32 16.15
N ARG E 378 -25.23 29.63 16.52
CA ARG E 378 -26.55 30.25 16.53
C ARG E 378 -26.62 31.38 17.54
N LEU E 379 -27.62 32.25 17.38
CA LEU E 379 -27.86 33.32 18.34
C LEU E 379 -29.34 33.40 18.69
N VAL E 390 -24.80 39.87 16.19
CA VAL E 390 -25.77 39.77 15.11
C VAL E 390 -25.05 39.72 13.76
N MET E 391 -25.43 38.76 12.93
CA MET E 391 -24.82 38.51 11.63
C MET E 391 -25.74 37.65 10.79
N ASP E 392 -26.00 38.09 9.56
CA ASP E 392 -26.88 37.39 8.64
C ASP E 392 -26.28 36.04 8.23
N PRO E 393 -27.11 35.08 7.83
CA PRO E 393 -26.55 33.83 7.27
C PRO E 393 -25.79 34.02 5.98
N ARG E 394 -26.14 35.02 5.18
CA ARG E 394 -25.31 35.39 4.03
C ARG E 394 -23.96 35.92 4.48
N GLU E 395 -23.95 36.79 5.50
CA GLU E 395 -22.71 37.33 6.03
C GLU E 395 -21.90 36.26 6.76
N ALA E 396 -22.57 35.33 7.45
CA ALA E 396 -21.85 34.26 8.12
C ALA E 396 -21.26 33.27 7.13
N ALA E 397 -22.00 32.99 6.05
CA ALA E 397 -21.48 32.13 4.99
C ALA E 397 -20.30 32.76 4.29
N GLN E 398 -20.38 34.07 4.03
CA GLN E 398 -19.26 34.79 3.43
C GLN E 398 -18.06 34.86 4.37
N ALA E 399 -18.31 34.87 5.68
CA ALA E 399 -17.21 34.88 6.64
C ALA E 399 -16.51 33.52 6.70
N ILE E 400 -17.29 32.43 6.78
CA ILE E 400 -16.70 31.10 6.91
C ILE E 400 -16.30 30.49 5.58
N PHE E 401 -16.58 31.17 4.45
CA PHE E 401 -16.13 30.65 3.17
C PHE E 401 -14.64 30.88 2.96
N ALA E 402 -14.07 31.90 3.61
CA ALA E 402 -12.66 32.22 3.41
C ALA E 402 -11.75 31.15 4.00
N SER E 403 -12.19 30.45 5.04
CA SER E 403 -11.40 29.38 5.63
C SER E 403 -11.57 28.04 4.92
N MET E 404 -12.34 27.99 3.84
CA MET E 404 -12.56 26.74 3.13
C MET E 404 -12.53 26.90 1.61
N ALA E 405 -12.30 28.09 1.08
CA ALA E 405 -12.37 28.31 -0.36
C ALA E 405 -11.21 27.64 -1.08
N ARG E 406 -10.05 27.57 -0.44
CA ARG E 406 -8.87 27.01 -1.09
C ARG E 406 -8.98 25.50 -1.22
N ALA E 407 -9.41 24.83 -0.15
CA ALA E 407 -9.57 23.37 -0.21
C ALA E 407 -10.75 22.97 -1.08
N MET E 408 -11.81 23.78 -1.10
CA MET E 408 -12.91 23.53 -2.03
C MET E 408 -12.46 23.70 -3.47
N GLN E 409 -11.65 24.72 -3.75
CA GLN E 409 -11.16 24.94 -5.11
C GLN E 409 -10.22 23.81 -5.54
N LYS E 410 -9.40 23.31 -4.61
CA LYS E 410 -8.51 22.19 -4.93
C LYS E 410 -9.29 20.90 -5.16
N TYR E 411 -10.33 20.65 -4.38
CA TYR E 411 -11.12 19.44 -4.57
C TYR E 411 -11.95 19.51 -5.84
N LEU E 412 -12.46 20.69 -6.19
CA LEU E 412 -13.19 20.81 -7.44
C LEU E 412 -12.27 20.83 -8.65
N ARG E 413 -10.99 21.16 -8.46
CA ARG E 413 -10.05 20.98 -9.57
C ARG E 413 -9.67 19.52 -9.74
N THR E 414 -9.47 18.78 -8.65
CA THR E 414 -9.01 17.40 -8.80
C THR E 414 -10.11 16.43 -9.20
N THR E 415 -11.38 16.83 -9.11
CA THR E 415 -12.49 15.97 -9.51
C THR E 415 -13.22 16.50 -10.74
N LYS E 416 -12.64 17.51 -11.41
CA LYS E 416 -13.13 18.06 -12.68
C LYS E 416 -14.54 18.65 -12.54
N GLN E 417 -14.83 19.22 -11.38
CA GLN E 417 -16.13 19.79 -11.09
C GLN E 417 -16.08 21.32 -10.99
N GLN E 418 -15.21 21.95 -11.79
CA GLN E 418 -15.05 23.40 -11.67
C GLN E 418 -16.24 24.20 -12.21
N PRO E 419 -16.76 23.98 -13.44
CA PRO E 419 -17.85 24.86 -13.89
C PRO E 419 -19.22 24.51 -13.32
N TYR E 420 -19.30 23.49 -12.45
CA TYR E 420 -20.56 23.16 -11.81
C TYR E 420 -20.86 24.07 -10.63
N HIS E 421 -19.81 24.60 -10.00
CA HIS E 421 -19.93 25.32 -8.74
C HIS E 421 -19.22 26.66 -8.89
N THR E 422 -19.98 27.73 -9.06
CA THR E 422 -19.39 29.05 -8.94
C THR E 422 -19.25 29.42 -7.47
N MET E 423 -18.55 30.54 -7.23
CA MET E 423 -18.39 31.03 -5.86
C MET E 423 -19.73 31.46 -5.27
N GLU E 424 -20.59 32.05 -6.10
CA GLU E 424 -21.89 32.49 -5.62
C GLU E 424 -22.79 31.31 -5.29
N SER E 425 -22.69 30.21 -6.05
CA SER E 425 -23.48 29.03 -5.77
C SER E 425 -23.03 28.35 -4.47
N ILE E 426 -21.71 28.33 -4.22
CA ILE E 426 -21.21 27.76 -2.97
C ILE E 426 -21.58 28.64 -1.79
N LEU E 427 -21.61 29.96 -1.99
CA LEU E 427 -22.05 30.87 -0.92
C LEU E 427 -23.53 30.71 -0.63
N GLN E 428 -24.36 30.54 -1.67
CA GLN E 428 -25.78 30.30 -1.46
C GLN E 428 -26.03 28.97 -0.78
N HIS E 429 -25.23 27.95 -1.11
CA HIS E 429 -25.43 26.66 -0.46
C HIS E 429 -24.88 26.65 0.96
N LEU E 430 -23.85 27.45 1.24
CA LEU E 430 -23.40 27.64 2.61
C LEU E 430 -24.45 28.34 3.46
N GLU E 431 -25.07 29.39 2.91
CA GLU E 431 -26.16 30.08 3.59
C GLU E 431 -27.34 29.14 3.81
N PHE E 432 -27.60 28.28 2.83
CA PHE E 432 -28.64 27.26 2.93
C PHE E 432 -28.34 26.26 4.03
N CYS E 433 -27.09 25.82 4.15
CA CYS E 433 -26.76 24.81 5.14
C CYS E 433 -26.72 25.37 6.54
N ILE E 434 -26.18 26.57 6.74
CA ILE E 434 -26.13 27.11 8.09
C ILE E 434 -27.49 27.67 8.50
N THR E 435 -28.37 28.00 7.54
CA THR E 435 -29.72 28.39 7.89
C THR E 435 -30.51 27.22 8.44
N HIS E 436 -30.40 26.05 7.81
CA HIS E 436 -31.18 24.88 8.20
C HIS E 436 -30.41 23.94 9.12
N ASP E 437 -29.34 24.44 9.76
CA ASP E 437 -28.57 23.73 10.78
C ASP E 437 -27.96 22.44 10.26
N MET E 438 -27.43 22.49 9.05
CA MET E 438 -26.79 21.34 8.44
C MET E 438 -25.32 21.27 8.86
N THR E 439 -24.84 20.05 9.07
CA THR E 439 -23.47 19.80 9.50
C THR E 439 -22.51 20.02 8.32
N PRO E 440 -21.18 20.01 8.55
CA PRO E 440 -20.26 20.06 7.40
C PRO E 440 -20.39 18.92 6.40
N LYS E 441 -20.75 17.72 6.85
CA LYS E 441 -20.85 16.60 5.91
C LYS E 441 -22.10 16.73 5.03
N ALA E 442 -23.17 17.26 5.60
CA ALA E 442 -24.37 17.57 4.83
C ALA E 442 -24.17 18.75 3.90
N PHE E 443 -23.21 19.62 4.19
CA PHE E 443 -22.78 20.60 3.20
C PHE E 443 -22.00 19.94 2.09
N LEU E 444 -21.10 19.04 2.44
CA LEU E 444 -20.16 18.48 1.47
C LEU E 444 -20.76 17.44 0.56
N GLU E 445 -21.94 16.88 0.88
CA GLU E 445 -22.52 15.84 0.03
C GLU E 445 -22.85 16.36 -1.37
N ARG E 446 -23.08 17.65 -1.52
CA ARG E 446 -23.28 18.25 -2.84
C ARG E 446 -21.99 18.27 -3.65
N TYR E 447 -20.83 18.26 -2.99
CA TYR E 447 -19.56 18.50 -3.66
C TYR E 447 -18.67 17.28 -3.76
N LEU E 448 -18.84 16.28 -2.90
CA LEU E 448 -17.92 15.15 -2.91
C LEU E 448 -18.19 14.23 -4.10
N ALA E 449 -19.45 13.92 -4.35
CA ALA E 449 -19.83 13.15 -5.53
C ALA E 449 -20.32 14.07 -6.63
N ALA E 450 -20.52 13.49 -7.81
CA ALA E 450 -20.96 14.28 -8.96
C ALA E 450 -22.40 14.75 -8.79
N GLY E 451 -23.32 13.83 -8.52
CA GLY E 451 -24.70 14.18 -8.34
C GLY E 451 -25.44 14.36 -9.65
N PRO E 452 -26.76 14.36 -9.60
CA PRO E 452 -27.55 14.40 -10.83
C PRO E 452 -27.66 15.78 -11.44
N THR E 453 -28.30 15.83 -12.60
CA THR E 453 -28.30 17.03 -13.45
C THR E 453 -29.18 18.12 -12.88
N ILE E 454 -30.28 17.75 -12.21
CA ILE E 454 -31.21 18.76 -11.72
C ILE E 454 -30.67 19.42 -10.45
N GLN E 455 -29.60 18.87 -9.88
CA GLN E 455 -28.96 19.49 -8.72
C GLN E 455 -28.28 20.80 -9.09
N TYR E 456 -28.02 21.02 -10.38
CA TYR E 456 -27.22 22.14 -10.83
C TYR E 456 -28.08 23.20 -11.51
N HIS E 457 -27.40 24.18 -12.11
CA HIS E 457 -28.07 25.37 -12.61
C HIS E 457 -28.83 25.06 -13.89
N LYS E 458 -29.84 25.89 -14.18
CA LYS E 458 -30.76 25.64 -15.29
C LYS E 458 -30.11 25.78 -16.66
N GLU E 459 -28.97 26.47 -16.76
CA GLU E 459 -28.26 26.56 -18.04
C GLU E 459 -27.58 25.26 -18.42
N ARG E 460 -27.50 24.31 -17.49
CA ARG E 460 -26.85 23.03 -17.69
C ARG E 460 -27.85 21.91 -17.94
N TRP E 461 -29.14 22.16 -17.67
CA TRP E 461 -30.16 21.15 -17.91
C TRP E 461 -30.35 20.93 -19.40
N LEU E 462 -30.63 22.02 -20.14
CA LEU E 462 -30.85 22.03 -21.59
C LEU E 462 -31.94 21.04 -22.00
N ALA E 463 -33.07 21.12 -21.28
CA ALA E 463 -34.17 20.19 -21.47
C ALA E 463 -34.94 20.42 -22.75
N LYS E 464 -34.76 21.57 -23.40
CA LYS E 464 -35.41 21.88 -24.66
C LYS E 464 -34.56 21.48 -25.86
N GLN E 465 -33.51 20.68 -25.63
CA GLN E 465 -32.59 20.33 -26.70
C GLN E 465 -32.43 18.83 -26.85
N TRP E 466 -33.45 18.06 -26.45
CA TRP E 466 -33.43 16.62 -26.61
C TRP E 466 -33.99 16.22 -27.96
N THR E 467 -33.51 15.10 -28.48
CA THR E 467 -33.87 14.65 -29.81
C THR E 467 -34.17 13.16 -29.74
N LEU E 468 -35.31 12.76 -30.29
CA LEU E 468 -35.77 11.37 -30.22
C LEU E 468 -35.45 10.66 -31.53
N VAL E 469 -34.50 9.74 -31.48
CA VAL E 469 -34.00 9.04 -32.66
C VAL E 469 -34.47 7.60 -32.58
N SER E 470 -35.44 7.24 -33.42
CA SER E 470 -35.99 5.89 -33.40
C SER E 470 -36.22 5.44 -34.83
N GLU E 471 -35.94 4.15 -35.10
CA GLU E 471 -36.21 3.60 -36.41
C GLU E 471 -37.69 3.32 -36.60
N GLU E 472 -38.42 3.12 -35.51
CA GLU E 472 -39.86 2.99 -35.47
C GLU E 472 -40.49 4.38 -35.42
N PRO E 473 -41.67 4.55 -36.02
CA PRO E 473 -42.41 5.80 -35.83
C PRO E 473 -42.88 5.90 -34.39
N VAL E 474 -42.60 7.07 -33.77
CA VAL E 474 -42.56 7.17 -32.32
C VAL E 474 -43.94 7.21 -31.66
N THR E 475 -45.01 7.17 -32.43
CA THR E 475 -46.34 7.05 -31.87
C THR E 475 -46.75 5.62 -31.59
N ASN E 476 -45.94 4.64 -31.98
CA ASN E 476 -46.22 3.25 -31.66
C ASN E 476 -45.73 2.91 -30.26
N GLY E 477 -46.41 1.95 -29.64
CA GLY E 477 -46.00 1.49 -28.33
C GLY E 477 -44.72 0.69 -28.37
N LEU E 478 -44.18 0.43 -27.20
CA LEU E 478 -42.96 -0.35 -27.11
C LEU E 478 -43.24 -1.82 -27.38
N LYS E 479 -42.18 -2.53 -27.76
CA LYS E 479 -42.21 -3.97 -27.86
C LYS E 479 -40.81 -4.48 -27.56
N ASP E 480 -40.67 -5.80 -27.49
CA ASP E 480 -39.40 -6.41 -27.14
C ASP E 480 -38.40 -6.19 -28.28
N GLY E 481 -37.38 -5.38 -28.00
CA GLY E 481 -36.33 -5.10 -28.97
C GLY E 481 -36.29 -3.68 -29.47
N ILE E 482 -37.14 -2.79 -28.97
CA ILE E 482 -37.12 -1.39 -29.38
C ILE E 482 -35.89 -0.72 -28.79
N VAL E 483 -35.07 -0.12 -29.64
CA VAL E 483 -33.93 0.67 -29.22
C VAL E 483 -34.11 2.06 -29.77
N PHE E 484 -34.04 3.06 -28.90
CA PHE E 484 -34.09 4.44 -29.37
C PHE E 484 -33.09 5.30 -28.61
N LEU E 485 -32.70 6.39 -29.25
CA LEU E 485 -31.73 7.32 -28.70
C LEU E 485 -32.45 8.58 -28.24
N LEU E 486 -32.03 9.08 -27.09
CA LEU E 486 -32.38 10.42 -26.64
C LEU E 486 -31.11 11.24 -26.77
N LYS E 487 -30.91 11.81 -27.95
CA LYS E 487 -29.70 12.55 -28.21
C LYS E 487 -29.78 13.96 -27.65
N ARG E 488 -28.59 14.51 -27.41
CA ARG E 488 -28.39 15.87 -26.98
C ARG E 488 -27.13 16.30 -27.71
N GLN E 489 -26.74 17.56 -27.57
CA GLN E 489 -25.54 18.03 -28.25
C GLN E 489 -24.29 17.42 -27.63
N ASP E 490 -24.40 16.96 -26.38
CA ASP E 490 -23.23 16.51 -25.64
C ASP E 490 -23.12 14.98 -25.66
N PHE E 491 -24.23 14.29 -25.50
CA PHE E 491 -24.23 12.85 -25.29
C PHE E 491 -25.50 12.26 -25.90
N SER E 492 -25.78 11.01 -25.58
CA SER E 492 -27.00 10.35 -26.04
C SER E 492 -27.39 9.27 -25.04
N LEU E 493 -28.69 9.19 -24.74
CA LEU E 493 -29.25 8.15 -23.90
C LEU E 493 -29.72 7.01 -24.78
N VAL E 494 -28.99 5.90 -24.77
CA VAL E 494 -29.36 4.73 -25.54
C VAL E 494 -30.33 3.91 -24.70
N VAL E 495 -31.52 3.64 -25.22
CA VAL E 495 -32.58 2.97 -24.49
C VAL E 495 -32.90 1.67 -25.20
N SER E 496 -32.73 0.56 -24.49
CA SER E 496 -33.08 -0.77 -24.96
C SER E 496 -34.31 -1.26 -24.21
N THR E 497 -35.25 -1.85 -24.94
CA THR E 497 -36.51 -2.33 -24.36
C THR E 497 -36.52 -3.85 -24.38
N LYS E 498 -36.81 -4.45 -23.24
CA LYS E 498 -37.05 -5.88 -23.15
C LYS E 498 -38.40 -6.13 -22.51
N LYS E 499 -39.05 -7.21 -22.90
CA LYS E 499 -40.34 -7.57 -22.34
C LYS E 499 -40.11 -8.16 -20.96
N VAL E 500 -40.91 -7.73 -19.99
CA VAL E 500 -40.93 -8.37 -18.67
C VAL E 500 -41.46 -9.78 -18.85
N PRO E 501 -40.72 -10.81 -18.43
CA PRO E 501 -41.08 -12.18 -18.80
C PRO E 501 -42.30 -12.70 -18.06
N PHE E 502 -42.93 -13.69 -18.68
CA PHE E 502 -44.07 -14.36 -18.07
C PHE E 502 -43.60 -15.19 -16.88
N PHE E 503 -44.31 -15.10 -15.77
CA PHE E 503 -43.96 -15.85 -14.58
C PHE E 503 -44.95 -16.98 -14.37
N LYS E 504 -44.44 -18.14 -13.97
CA LYS E 504 -45.28 -19.25 -13.53
C LYS E 504 -44.87 -19.55 -12.10
N LEU E 505 -45.58 -18.97 -11.14
CA LEU E 505 -45.38 -19.34 -9.75
C LEU E 505 -46.09 -20.64 -9.43
N SER E 506 -45.40 -21.50 -8.69
CA SER E 506 -45.98 -22.66 -8.05
C SER E 506 -46.01 -22.41 -6.55
N GLU E 507 -46.85 -23.14 -5.85
CA GLU E 507 -46.93 -23.01 -4.40
C GLU E 507 -46.36 -24.26 -3.76
N GLU E 508 -45.52 -24.07 -2.75
CA GLU E 508 -44.95 -25.16 -1.97
C GLU E 508 -45.16 -24.85 -0.50
N PHE E 509 -45.79 -25.77 0.22
CA PHE E 509 -46.03 -25.61 1.64
C PHE E 509 -44.92 -26.30 2.41
N VAL E 510 -44.32 -25.57 3.35
CA VAL E 510 -43.37 -26.16 4.28
C VAL E 510 -43.97 -26.08 5.69
N ASP E 511 -43.53 -26.97 6.52
CA ASP E 511 -43.97 -26.95 7.91
C ASP E 511 -42.91 -26.26 8.77
N PRO E 512 -43.28 -25.24 9.55
CA PRO E 512 -42.31 -24.67 10.50
C PRO E 512 -41.84 -25.64 11.58
N LYS E 513 -42.60 -26.69 11.86
CA LYS E 513 -42.13 -27.78 12.71
C LYS E 513 -41.07 -28.61 12.01
N SER E 514 -41.09 -28.70 10.68
CA SER E 514 -40.21 -29.59 9.94
C SER E 514 -38.79 -29.05 9.75
N HIS E 515 -38.44 -27.94 10.37
CA HIS E 515 -37.07 -27.42 10.30
C HIS E 515 -36.29 -28.02 11.46
N LYS E 516 -35.62 -29.15 11.18
CA LYS E 516 -34.86 -29.87 12.19
C LYS E 516 -33.40 -29.94 11.77
N PHE E 517 -32.51 -29.97 12.75
CA PHE E 517 -31.09 -29.72 12.56
C PHE E 517 -30.24 -30.72 13.34
N VAL E 518 -29.03 -30.94 12.85
CA VAL E 518 -28.04 -31.78 13.49
C VAL E 518 -26.77 -30.96 13.68
N MET E 519 -25.78 -31.55 14.37
CA MET E 519 -24.54 -30.87 14.68
C MET E 519 -23.40 -31.28 13.74
N ARG E 520 -23.64 -32.22 12.84
CA ARG E 520 -22.60 -32.75 11.99
C ARG E 520 -22.64 -32.09 10.62
N LEU E 521 -21.54 -31.43 10.25
CA LEU E 521 -21.29 -30.84 8.93
C LEU E 521 -22.36 -29.81 8.54
N VAL F 115 -62.76 11.21 12.64
CA VAL F 115 -62.84 10.06 11.75
C VAL F 115 -64.21 9.42 11.92
N ALA F 116 -64.91 9.80 13.00
CA ALA F 116 -66.26 9.29 13.21
C ALA F 116 -67.26 9.97 12.28
N ALA F 117 -66.98 11.21 11.89
CA ALA F 117 -67.86 11.91 10.97
C ALA F 117 -67.78 11.31 9.57
N GLY F 118 -66.62 10.78 9.19
CA GLY F 118 -66.51 10.10 7.91
C GLY F 118 -67.31 8.79 7.87
N ALA F 119 -67.28 8.04 8.98
CA ALA F 119 -68.08 6.83 9.06
C ALA F 119 -69.57 7.15 9.11
N THR F 120 -69.93 8.27 9.75
CA THR F 120 -71.33 8.70 9.78
C THR F 120 -71.81 9.10 8.38
N LEU F 121 -70.98 9.84 7.64
CA LEU F 121 -71.32 10.19 6.26
C LEU F 121 -71.38 8.96 5.37
N ALA F 122 -70.51 7.98 5.59
CA ALA F 122 -70.53 6.76 4.79
C ALA F 122 -71.80 5.95 5.05
N LEU F 123 -72.18 5.79 6.32
CA LEU F 123 -73.38 5.04 6.65
C LEU F 123 -74.63 5.76 6.18
N LEU F 124 -74.67 7.09 6.32
CA LEU F 124 -75.81 7.87 5.86
C LEU F 124 -75.93 7.82 4.34
N SER F 125 -74.80 7.91 3.64
CA SER F 125 -74.82 7.87 2.19
C SER F 125 -75.17 6.48 1.66
N PHE F 126 -74.85 5.43 2.42
CA PHE F 126 -75.26 4.10 1.97
C PHE F 126 -76.74 3.85 2.26
N LEU F 127 -77.26 4.36 3.37
CA LEU F 127 -78.66 4.11 3.72
C LEU F 127 -79.64 5.08 3.06
N THR F 128 -79.16 6.21 2.55
CA THR F 128 -80.06 7.18 1.92
C THR F 128 -80.78 6.72 0.65
N PRO F 129 -80.16 6.00 -0.31
CA PRO F 129 -80.97 5.49 -1.44
C PRO F 129 -81.98 4.43 -1.03
N LEU F 130 -81.62 3.57 -0.06
CA LEU F 130 -82.55 2.58 0.43
C LEU F 130 -83.71 3.24 1.17
N ALA F 131 -83.45 4.32 1.89
CA ALA F 131 -84.53 5.08 2.51
C ALA F 131 -85.41 5.74 1.47
N PHE F 132 -84.80 6.28 0.41
CA PHE F 132 -85.59 6.94 -0.64
C PHE F 132 -86.44 5.95 -1.43
N LEU F 133 -86.01 4.69 -1.50
CA LEU F 133 -86.82 3.67 -2.15
C LEU F 133 -87.85 3.04 -1.22
N LEU F 134 -87.57 2.95 0.08
CA LEU F 134 -88.44 2.18 0.97
C LEU F 134 -89.40 3.04 1.77
N LEU F 135 -89.26 4.36 1.80
CA LEU F 135 -90.29 5.15 2.48
C LEU F 135 -91.65 5.27 1.77
N PRO F 136 -91.77 5.39 0.44
CA PRO F 136 -93.13 5.44 -0.16
C PRO F 136 -93.91 4.14 -0.08
N PRO F 137 -93.32 2.93 -0.19
CA PRO F 137 -94.15 1.74 0.10
C PRO F 137 -94.50 1.57 1.57
N LEU F 138 -93.76 2.16 2.50
CA LEU F 138 -94.09 2.01 3.90
C LEU F 138 -95.04 3.09 4.41
N LEU F 139 -95.06 4.25 3.78
CA LEU F 139 -95.88 5.33 4.33
C LEU F 139 -97.18 5.52 3.56
N TRP F 140 -97.13 5.72 2.24
CA TRP F 140 -98.34 5.80 1.43
C TRP F 140 -98.27 4.70 0.37
N ARG F 141 -98.73 3.51 0.72
CA ARG F 141 -98.70 2.42 -0.24
C ARG F 141 -99.90 2.43 -1.17
N GLU F 142 -101.11 2.58 -0.62
CA GLU F 142 -102.31 2.57 -1.46
C GLU F 142 -102.47 3.87 -2.23
N GLU F 143 -101.93 4.99 -1.71
CA GLU F 143 -101.90 6.23 -2.45
C GLU F 143 -100.94 6.18 -3.62
N LEU F 144 -99.93 5.30 -3.54
CA LEU F 144 -98.84 5.27 -4.51
C LEU F 144 -99.33 4.72 -5.86
N GLU F 145 -98.91 5.37 -6.94
CA GLU F 145 -99.28 4.91 -8.27
C GLU F 145 -98.49 3.66 -8.64
N PRO F 146 -99.12 2.67 -9.26
CA PRO F 146 -98.35 1.53 -9.78
C PRO F 146 -97.59 1.93 -11.04
N CYS F 147 -96.38 1.39 -11.15
CA CYS F 147 -95.54 1.67 -12.31
C CYS F 147 -95.00 0.36 -12.86
N GLY F 148 -94.58 0.40 -14.12
CA GLY F 148 -94.24 -0.81 -14.84
C GLY F 148 -92.89 -1.43 -14.52
N THR F 149 -92.32 -2.12 -15.51
CA THR F 149 -91.07 -2.83 -15.32
C THR F 149 -89.85 -1.92 -15.32
N ALA F 150 -90.02 -0.66 -15.73
CA ALA F 150 -88.92 0.31 -15.68
C ALA F 150 -88.49 0.57 -14.25
N CYS F 151 -89.46 0.62 -13.32
CA CYS F 151 -89.16 0.80 -11.90
C CYS F 151 -88.33 -0.36 -11.36
N GLU F 152 -88.73 -1.60 -11.70
CA GLU F 152 -88.02 -2.77 -11.17
C GLU F 152 -86.63 -2.93 -11.79
N GLY F 153 -86.49 -2.58 -13.08
CA GLY F 153 -85.16 -2.55 -13.67
C GLY F 153 -84.27 -1.50 -13.02
N LEU F 154 -84.85 -0.36 -12.64
CA LEU F 154 -84.07 0.62 -11.90
C LEU F 154 -83.78 0.16 -10.48
N PHE F 155 -84.63 -0.69 -9.89
CA PHE F 155 -84.29 -1.30 -8.59
C PHE F 155 -83.07 -2.21 -8.73
N ILE F 156 -83.00 -2.96 -9.82
CA ILE F 156 -81.84 -3.81 -10.09
C ILE F 156 -80.59 -2.97 -10.28
N SER F 157 -80.73 -1.84 -10.97
CA SER F 157 -79.59 -0.94 -11.17
C SER F 157 -79.14 -0.32 -9.85
N VAL F 158 -80.08 0.05 -8.98
CA VAL F 158 -79.75 0.57 -7.64
C VAL F 158 -79.00 -0.48 -6.83
N ALA F 159 -79.47 -1.73 -6.87
CA ALA F 159 -78.84 -2.79 -6.09
C ALA F 159 -77.40 -3.05 -6.54
N PHE F 160 -77.19 -3.18 -7.85
CA PHE F 160 -75.84 -3.49 -8.33
C PHE F 160 -74.91 -2.29 -8.21
N LYS F 161 -75.42 -1.07 -8.41
CA LYS F 161 -74.55 0.10 -8.27
C LYS F 161 -74.22 0.38 -6.81
N LEU F 162 -75.12 0.04 -5.88
CA LEU F 162 -74.78 0.14 -4.46
C LEU F 162 -73.76 -0.92 -4.05
N LEU F 163 -73.83 -2.09 -4.67
CA LEU F 163 -72.79 -3.10 -4.41
C LEU F 163 -71.43 -2.63 -4.95
N ILE F 164 -71.42 -1.98 -6.12
CA ILE F 164 -70.20 -1.41 -6.67
C ILE F 164 -69.65 -0.31 -5.76
N LEU F 165 -70.53 0.55 -5.25
CA LEU F 165 -70.12 1.63 -4.35
C LEU F 165 -69.56 1.08 -3.04
N LEU F 166 -70.18 0.02 -2.51
CA LEU F 166 -69.70 -0.58 -1.28
C LEU F 166 -68.35 -1.26 -1.48
N LEU F 167 -68.16 -1.96 -2.59
CA LEU F 167 -66.88 -2.62 -2.83
C LEU F 167 -65.76 -1.62 -3.12
N GLY F 168 -66.08 -0.51 -3.80
CA GLY F 168 -65.07 0.50 -4.04
C GLY F 168 -64.68 1.25 -2.78
N SER F 169 -65.67 1.60 -1.95
CA SER F 169 -65.37 2.26 -0.68
C SER F 169 -64.67 1.32 0.29
N TRP F 170 -64.91 0.01 0.16
CA TRP F 170 -64.11 -0.95 0.91
C TRP F 170 -62.67 -0.97 0.42
N ALA F 171 -62.49 -0.98 -0.90
CA ALA F 171 -61.16 -1.18 -1.47
C ALA F 171 -60.26 0.02 -1.25
N LEU F 172 -60.81 1.23 -1.22
CA LEU F 172 -59.94 2.39 -1.11
C LEU F 172 -60.13 3.23 0.15
N PHE F 173 -61.26 3.16 0.82
CA PHE F 173 -61.52 4.13 1.87
C PHE F 173 -61.90 3.54 3.21
N PHE F 174 -62.03 2.22 3.32
CA PHE F 174 -62.24 1.59 4.61
C PHE F 174 -60.92 1.08 5.17
N ARG F 175 -60.03 2.02 5.45
CA ARG F 175 -58.71 1.72 5.97
C ARG F 175 -58.32 2.79 6.98
N ARG F 176 -57.39 2.41 7.86
CA ARG F 176 -56.93 3.31 8.90
C ARG F 176 -56.10 4.45 8.30
N PRO F 177 -56.13 5.63 8.90
CA PRO F 177 -55.28 6.74 8.43
C PRO F 177 -53.80 6.42 8.65
N LYS F 178 -53.01 6.63 7.60
CA LYS F 178 -51.60 6.27 7.66
C LYS F 178 -50.78 7.36 8.35
N ALA F 179 -51.35 8.53 8.56
CA ALA F 179 -50.61 9.64 9.14
C ALA F 179 -51.55 10.59 9.86
N SER F 180 -50.97 11.36 10.77
CA SER F 180 -51.66 12.45 11.44
C SER F 180 -51.04 13.76 10.94
N LEU F 181 -51.76 14.44 10.12
CA LEU F 181 -51.27 15.67 9.51
C LEU F 181 -51.42 16.85 10.48
N PRO F 182 -50.49 17.81 10.44
CA PRO F 182 -50.58 18.93 11.39
C PRO F 182 -51.73 19.87 11.11
N ARG F 183 -52.16 20.00 9.85
CA ARG F 183 -53.34 20.76 9.51
C ARG F 183 -54.35 19.84 8.84
N VAL F 184 -55.42 20.44 8.36
CA VAL F 184 -56.53 19.69 7.79
C VAL F 184 -56.12 19.12 6.43
N PHE F 185 -56.52 17.88 6.17
CA PHE F 185 -56.42 17.32 4.84
C PHE F 185 -57.37 18.10 3.95
N VAL F 186 -56.86 18.89 3.02
CA VAL F 186 -57.71 19.84 2.30
C VAL F 186 -58.64 19.11 1.34
N LEU F 187 -58.12 18.15 0.58
CA LEU F 187 -58.95 17.47 -0.41
C LEU F 187 -59.92 16.49 0.24
N ARG F 188 -59.53 15.86 1.35
CA ARG F 188 -60.44 14.94 2.02
C ARG F 188 -61.55 15.70 2.73
N ALA F 189 -61.24 16.88 3.28
CA ALA F 189 -62.29 17.72 3.85
C ALA F 189 -63.20 18.27 2.74
N LEU F 190 -62.64 18.55 1.57
CA LEU F 190 -63.47 18.95 0.43
C LEU F 190 -64.42 17.83 0.02
N LEU F 191 -63.92 16.59 0.03
CA LEU F 191 -64.77 15.44 -0.30
C LEU F 191 -65.84 15.20 0.76
N MET F 192 -65.51 15.41 2.03
CA MET F 192 -66.50 15.21 3.09
C MET F 192 -67.57 16.28 3.05
N VAL F 193 -67.18 17.53 2.76
CA VAL F 193 -68.15 18.60 2.58
C VAL F 193 -69.01 18.35 1.34
N LEU F 194 -68.43 17.77 0.29
CA LEU F 194 -69.20 17.47 -0.91
C LEU F 194 -70.21 16.35 -0.67
N VAL F 195 -69.79 15.28 0.02
CA VAL F 195 -70.71 14.21 0.40
C VAL F 195 -71.81 14.75 1.30
N PHE F 196 -71.46 15.60 2.27
CA PHE F 196 -72.43 16.14 3.21
C PHE F 196 -73.44 17.03 2.51
N LEU F 197 -72.98 17.95 1.66
CA LEU F 197 -73.90 18.86 0.99
C LEU F 197 -74.75 18.14 -0.04
N LEU F 198 -74.18 17.13 -0.71
CA LEU F 198 -74.95 16.34 -1.67
C LEU F 198 -76.05 15.55 -0.98
N VAL F 199 -75.71 14.80 0.07
CA VAL F 199 -76.70 13.94 0.71
C VAL F 199 -77.73 14.78 1.47
N VAL F 200 -77.30 15.89 2.09
CA VAL F 200 -78.24 16.79 2.76
C VAL F 200 -79.17 17.46 1.76
N SER F 201 -78.67 17.82 0.57
CA SER F 201 -79.54 18.43 -0.43
C SER F 201 -80.54 17.44 -1.00
N TYR F 202 -80.12 16.18 -1.19
CA TYR F 202 -81.06 15.14 -1.61
C TYR F 202 -82.10 14.85 -0.54
N TRP F 203 -81.70 14.89 0.75
CA TRP F 203 -82.67 14.72 1.84
C TRP F 203 -83.64 15.89 1.91
N LEU F 204 -83.16 17.12 1.71
CA LEU F 204 -84.03 18.29 1.76
C LEU F 204 -85.03 18.29 0.62
N PHE F 205 -84.59 17.93 -0.59
CA PHE F 205 -85.51 17.86 -1.70
C PHE F 205 -86.52 16.72 -1.54
N TYR F 206 -86.05 15.56 -1.07
CA TYR F 206 -86.93 14.42 -0.85
C TYR F 206 -87.94 14.70 0.25
N GLY F 207 -87.55 15.51 1.25
CA GLY F 207 -88.50 15.91 2.27
C GLY F 207 -89.53 16.89 1.76
N VAL F 208 -89.07 18.02 1.21
CA VAL F 208 -90.00 19.10 0.91
C VAL F 208 -90.75 18.94 -0.41
N ARG F 209 -90.38 17.96 -1.25
CA ARG F 209 -91.07 17.79 -2.52
C ARG F 209 -91.56 16.37 -2.79
N ILE F 210 -91.17 15.38 -1.99
CA ILE F 210 -91.64 14.01 -2.15
C ILE F 210 -92.31 13.50 -0.88
N LEU F 211 -91.64 13.65 0.27
CA LEU F 211 -92.15 13.10 1.52
C LEU F 211 -93.32 13.92 2.06
N ASP F 212 -93.16 15.25 2.12
CA ASP F 212 -94.23 16.10 2.62
C ASP F 212 -95.36 16.21 1.60
N ALA F 213 -95.01 16.29 0.32
CA ALA F 213 -96.02 16.43 -0.73
C ALA F 213 -96.74 15.13 -1.04
N ARG F 214 -96.23 13.99 -0.55
CA ARG F 214 -96.78 12.65 -0.79
C ARG F 214 -96.86 12.35 -2.30
N GLU F 215 -95.67 12.27 -2.89
CA GLU F 215 -95.53 12.08 -4.33
C GLU F 215 -96.12 10.74 -4.78
N ARG F 216 -96.94 10.79 -5.82
CA ARG F 216 -97.61 9.62 -6.35
C ARG F 216 -96.79 8.94 -7.44
N SER F 217 -96.08 9.71 -8.27
CA SER F 217 -95.28 9.16 -9.36
C SER F 217 -94.06 8.49 -8.79
N TYR F 218 -94.16 7.18 -8.57
CA TYR F 218 -93.09 6.42 -7.95
C TYR F 218 -91.91 6.19 -8.89
N GLN F 219 -92.15 6.26 -10.21
CA GLN F 219 -91.08 6.18 -11.19
C GLN F 219 -90.10 7.34 -11.02
N GLY F 220 -90.61 8.53 -10.74
CA GLY F 220 -89.75 9.67 -10.46
C GLY F 220 -88.93 9.50 -9.20
N VAL F 221 -89.51 8.87 -8.18
CA VAL F 221 -88.77 8.63 -6.93
C VAL F 221 -87.66 7.60 -7.15
N VAL F 222 -87.93 6.57 -7.96
CA VAL F 222 -86.90 5.56 -8.20
C VAL F 222 -85.80 6.11 -9.11
N GLN F 223 -86.17 6.94 -10.10
CA GLN F 223 -85.16 7.63 -10.90
C GLN F 223 -84.34 8.61 -10.07
N PHE F 224 -84.97 9.22 -9.07
CA PHE F 224 -84.29 10.10 -8.13
C PHE F 224 -83.25 9.32 -7.30
N ALA F 225 -83.61 8.12 -6.87
CA ALA F 225 -82.66 7.27 -6.16
C ALA F 225 -81.53 6.79 -7.07
N VAL F 226 -81.85 6.48 -8.34
CA VAL F 226 -80.83 6.10 -9.32
C VAL F 226 -79.83 7.23 -9.53
N SER F 227 -80.34 8.46 -9.64
CA SER F 227 -79.46 9.63 -9.78
C SER F 227 -78.63 9.85 -8.52
N LEU F 228 -79.18 9.54 -7.34
CA LEU F 228 -78.40 9.62 -6.10
C LEU F 228 -77.26 8.62 -6.08
N VAL F 229 -77.51 7.37 -6.50
CA VAL F 229 -76.44 6.38 -6.48
C VAL F 229 -75.40 6.68 -7.55
N ASP F 230 -75.82 7.20 -8.70
CA ASP F 230 -74.88 7.65 -9.72
C ASP F 230 -74.03 8.81 -9.22
N ALA F 231 -74.64 9.74 -8.46
CA ALA F 231 -73.89 10.84 -7.89
C ALA F 231 -72.92 10.37 -6.83
N LEU F 232 -73.27 9.35 -6.04
CA LEU F 232 -72.34 8.84 -5.03
C LEU F 232 -71.18 8.11 -5.68
N LEU F 233 -71.43 7.36 -6.75
CA LEU F 233 -70.34 6.73 -7.49
C LEU F 233 -69.45 7.76 -8.18
N PHE F 234 -70.03 8.87 -8.62
CA PHE F 234 -69.19 9.93 -9.20
C PHE F 234 -68.42 10.70 -8.13
N VAL F 235 -68.96 10.81 -6.91
CA VAL F 235 -68.18 11.39 -5.82
C VAL F 235 -67.04 10.46 -5.41
N HIS F 236 -67.28 9.15 -5.46
CA HIS F 236 -66.21 8.17 -5.21
C HIS F 236 -65.12 8.26 -6.28
N TYR F 237 -65.52 8.42 -7.53
CA TYR F 237 -64.57 8.63 -8.61
C TYR F 237 -63.78 9.92 -8.44
N LEU F 238 -64.47 11.00 -8.04
CA LEU F 238 -63.79 12.25 -7.76
C LEU F 238 -62.84 12.13 -6.57
N ALA F 239 -63.18 11.28 -5.60
CA ALA F 239 -62.30 11.03 -4.46
C ALA F 239 -61.04 10.32 -4.89
N VAL F 240 -61.16 9.37 -5.82
CA VAL F 240 -59.99 8.69 -6.35
C VAL F 240 -59.14 9.66 -7.19
N VAL F 241 -59.79 10.55 -7.94
CA VAL F 241 -59.08 11.54 -8.75
C VAL F 241 -58.31 12.53 -7.86
N LEU F 242 -58.96 13.05 -6.83
CA LEU F 242 -58.34 14.05 -5.98
C LEU F 242 -57.26 13.44 -5.08
N LEU F 243 -57.55 12.29 -4.48
CA LEU F 243 -56.65 11.77 -3.46
C LEU F 243 -55.53 10.93 -4.02
N GLU F 244 -55.72 10.28 -5.16
CA GLU F 244 -54.73 9.32 -5.63
C GLU F 244 -54.22 9.59 -7.03
N LEU F 245 -55.08 10.08 -7.92
CA LEU F 245 -54.68 10.21 -9.32
C LEU F 245 -54.03 11.54 -9.62
N ARG F 246 -54.19 12.54 -8.76
CA ARG F 246 -53.65 13.87 -9.01
C ARG F 246 -52.13 13.89 -8.95
N GLN F 247 -51.54 13.08 -8.07
CA GLN F 247 -50.11 13.09 -7.86
C GLN F 247 -49.36 12.00 -8.61
N LEU F 248 -50.00 11.33 -9.56
CA LEU F 248 -49.29 10.31 -10.33
C LEU F 248 -48.33 10.93 -11.33
N GLN F 249 -48.76 11.98 -12.02
CA GLN F 249 -47.92 12.67 -12.98
C GLN F 249 -46.84 13.45 -12.24
N PRO F 250 -45.56 13.11 -12.43
CA PRO F 250 -44.49 13.75 -11.65
C PRO F 250 -44.27 15.19 -12.09
N GLN F 251 -44.39 16.11 -11.13
CA GLN F 251 -44.25 17.53 -11.39
C GLN F 251 -42.99 18.15 -10.80
N PHE F 252 -42.48 17.59 -9.71
CA PHE F 252 -41.39 18.19 -8.97
C PHE F 252 -40.34 17.15 -8.65
N THR F 253 -39.10 17.59 -8.55
CA THR F 253 -38.01 16.78 -8.05
C THR F 253 -37.61 17.28 -6.67
N LEU F 254 -37.60 16.37 -5.72
CA LEU F 254 -37.29 16.65 -4.33
C LEU F 254 -35.89 16.13 -4.02
N LYS F 255 -35.03 17.01 -3.57
CA LYS F 255 -33.75 16.62 -2.99
C LYS F 255 -33.94 16.55 -1.48
N VAL F 256 -33.78 15.35 -0.91
CA VAL F 256 -33.96 15.14 0.52
C VAL F 256 -32.60 14.76 1.08
N VAL F 257 -32.10 15.58 2.01
CA VAL F 257 -30.76 15.45 2.57
C VAL F 257 -30.88 15.42 4.08
N ARG F 258 -30.26 14.44 4.74
CA ARG F 258 -30.16 14.53 6.19
C ARG F 258 -29.17 15.61 6.57
N SER F 259 -29.57 16.43 7.55
CA SER F 259 -28.75 17.55 7.98
C SER F 259 -27.50 17.14 8.73
N THR F 260 -27.37 15.88 9.12
CA THR F 260 -26.24 15.42 9.93
C THR F 260 -25.15 14.75 9.10
N ASP F 261 -25.48 13.72 8.33
CA ASP F 261 -24.49 13.00 7.56
C ASP F 261 -24.60 13.22 6.06
N GLY F 262 -25.60 13.94 5.60
CA GLY F 262 -25.71 14.25 4.18
C GLY F 262 -26.11 13.09 3.31
N ALA F 263 -26.81 12.11 3.85
CA ALA F 263 -27.45 11.11 3.00
C ALA F 263 -28.53 11.77 2.17
N SER F 264 -28.42 11.68 0.85
CA SER F 264 -29.29 12.42 -0.06
C SER F 264 -29.95 11.47 -1.03
N ARG F 265 -31.25 11.64 -1.23
CA ARG F 265 -31.96 10.96 -2.31
C ARG F 265 -32.80 11.96 -3.07
N PHE F 266 -33.06 11.67 -4.34
CA PHE F 266 -33.94 12.53 -5.12
C PHE F 266 -35.20 11.74 -5.48
N TYR F 267 -36.31 12.44 -5.56
CA TYR F 267 -37.58 11.82 -5.84
C TYR F 267 -38.36 12.66 -6.84
N ASN F 268 -39.27 12.02 -7.57
CA ASN F 268 -40.28 12.73 -8.35
C ASN F 268 -41.61 12.64 -7.65
N VAL F 269 -42.25 13.80 -7.45
CA VAL F 269 -43.53 13.87 -6.77
C VAL F 269 -44.46 14.67 -7.67
N GLY F 270 -45.77 14.44 -7.50
CA GLY F 270 -46.78 15.15 -8.25
C GLY F 270 -47.34 16.32 -7.49
N HIS F 271 -48.53 16.74 -7.88
CA HIS F 271 -49.22 17.83 -7.19
C HIS F 271 -49.75 17.33 -5.85
N LEU F 272 -49.01 17.64 -4.79
CA LEU F 272 -49.46 17.38 -3.43
C LEU F 272 -49.18 18.62 -2.60
N SER F 273 -49.88 18.72 -1.47
CA SER F 273 -49.56 19.76 -0.50
C SER F 273 -48.25 19.41 0.21
N ILE F 274 -47.74 20.37 0.98
CA ILE F 274 -46.44 20.20 1.63
C ILE F 274 -46.51 19.12 2.72
N GLN F 275 -47.63 19.00 3.41
CA GLN F 275 -47.75 17.98 4.45
C GLN F 275 -47.90 16.58 3.86
N ARG F 276 -48.57 16.45 2.71
CA ARG F 276 -48.69 15.14 2.08
C ARG F 276 -47.38 14.72 1.44
N VAL F 277 -46.65 15.68 0.86
CA VAL F 277 -45.28 15.45 0.41
C VAL F 277 -44.39 15.04 1.56
N ALA F 278 -44.61 15.63 2.74
CA ALA F 278 -43.80 15.30 3.91
C ALA F 278 -44.04 13.88 4.39
N VAL F 279 -45.30 13.44 4.42
CA VAL F 279 -45.61 12.06 4.78
C VAL F 279 -45.08 11.09 3.73
N TRP F 280 -45.15 11.50 2.46
CA TRP F 280 -44.61 10.69 1.36
C TRP F 280 -43.10 10.51 1.49
N ILE F 281 -42.39 11.58 1.86
CA ILE F 281 -40.95 11.52 2.06
C ILE F 281 -40.62 10.69 3.29
N LEU F 282 -41.44 10.75 4.33
CA LEU F 282 -41.18 9.91 5.50
C LEU F 282 -41.43 8.43 5.22
N GLU F 283 -42.35 8.13 4.30
CA GLU F 283 -42.51 6.76 3.86
C GLU F 283 -41.31 6.30 3.03
N LYS F 284 -40.74 7.20 2.23
CA LYS F 284 -39.52 6.85 1.49
C LYS F 284 -38.31 6.78 2.40
N TYR F 285 -38.31 7.52 3.52
CA TYR F 285 -37.12 7.66 4.34
C TYR F 285 -36.77 6.39 5.08
N TYR F 286 -37.78 5.66 5.56
CA TYR F 286 -37.50 4.50 6.39
C TYR F 286 -36.95 3.32 5.62
N HIS F 287 -37.01 3.34 4.29
CA HIS F 287 -36.38 2.28 3.52
C HIS F 287 -35.33 2.78 2.54
N ASP F 288 -35.19 4.09 2.34
CA ASP F 288 -34.21 4.60 1.38
C ASP F 288 -32.92 5.09 2.03
N PHE F 289 -32.99 5.87 3.10
CA PHE F 289 -31.74 6.37 3.65
C PHE F 289 -31.17 5.30 4.57
N PRO F 290 -29.86 5.33 4.83
CA PRO F 290 -29.32 4.53 5.93
C PRO F 290 -29.84 5.03 7.27
N VAL F 291 -29.79 4.15 8.27
CA VAL F 291 -30.28 4.48 9.60
C VAL F 291 -29.40 5.57 10.21
N TYR F 292 -30.02 6.47 10.99
CA TYR F 292 -29.26 7.53 11.61
C TYR F 292 -28.37 6.98 12.71
N ASN F 293 -27.10 7.38 12.69
CA ASN F 293 -26.13 6.93 13.68
C ASN F 293 -25.43 8.14 14.27
N PRO F 294 -25.81 8.56 15.49
CA PRO F 294 -25.12 9.69 16.12
C PRO F 294 -23.71 9.36 16.60
N ALA F 295 -23.33 8.08 16.61
CA ALA F 295 -21.98 7.67 16.92
C ALA F 295 -21.03 7.78 15.74
N LEU F 296 -21.50 8.24 14.58
CA LEU F 296 -20.64 8.46 13.44
C LEU F 296 -20.38 9.94 13.22
N VAL F 332 -6.02 37.09 7.16
CA VAL F 332 -6.09 36.63 8.53
C VAL F 332 -6.63 35.21 8.59
N ILE F 333 -7.87 35.05 8.14
CA ILE F 333 -8.53 33.75 8.22
C ILE F 333 -8.05 32.84 7.08
N ALA F 334 -7.87 33.42 5.89
CA ALA F 334 -7.39 32.63 4.75
C ALA F 334 -5.93 32.24 4.93
N ALA F 335 -5.15 33.05 5.65
CA ALA F 335 -3.77 32.69 5.95
C ALA F 335 -3.70 31.53 6.92
N ALA F 336 -4.58 31.52 7.93
CA ALA F 336 -4.65 30.40 8.85
C ALA F 336 -5.15 29.14 8.15
N ALA F 337 -6.06 29.31 7.18
CA ALA F 337 -6.52 28.16 6.39
C ALA F 337 -5.42 27.60 5.50
N ARG F 338 -4.59 28.48 4.94
CA ARG F 338 -3.44 28.03 4.15
C ARG F 338 -2.40 27.35 5.02
N ARG F 339 -2.20 27.83 6.25
CA ARG F 339 -1.28 27.20 7.19
C ARG F 339 -1.79 25.85 7.65
N ARG F 340 -3.11 25.72 7.83
CA ARG F 340 -3.68 24.46 8.30
C ARG F 340 -3.76 23.43 7.18
N ASP F 341 -4.06 23.87 5.96
CA ASP F 341 -4.17 22.92 4.85
C ASP F 341 -2.80 22.45 4.36
N ASN F 342 -1.73 23.12 4.78
CA ASN F 342 -0.38 22.65 4.47
C ASN F 342 0.21 21.77 5.56
N SER F 343 -0.54 21.50 6.63
CA SER F 343 -0.06 20.71 7.75
C SER F 343 -0.17 19.22 7.42
N HIS F 344 0.01 18.36 8.42
CA HIS F 344 -0.11 16.93 8.22
C HIS F 344 -1.57 16.54 8.04
N ASN F 345 -1.84 15.76 6.99
CA ASN F 345 -3.20 15.37 6.65
C ASN F 345 -3.59 14.19 7.55
N GLU F 346 -3.95 14.53 8.79
CA GLU F 346 -4.24 13.52 9.80
C GLU F 346 -5.52 12.76 9.48
N TYR F 347 -6.52 13.45 8.95
CA TYR F 347 -7.82 12.84 8.69
C TYR F 347 -7.75 11.81 7.56
N TYR F 348 -6.89 12.04 6.58
CA TYR F 348 -6.68 11.07 5.50
C TYR F 348 -6.15 9.74 6.03
N TYR F 349 -5.16 9.80 6.91
CA TYR F 349 -4.59 8.56 7.42
C TYR F 349 -5.46 7.91 8.47
N GLU F 350 -6.21 8.70 9.25
CA GLU F 350 -7.19 8.11 10.15
C GLU F 350 -8.32 7.43 9.39
N GLU F 351 -8.72 8.01 8.25
CA GLU F 351 -9.72 7.39 7.40
C GLU F 351 -9.20 6.10 6.77
N ALA F 352 -7.94 6.09 6.33
CA ALA F 352 -7.37 4.87 5.75
C ALA F 352 -7.20 3.78 6.80
N GLU F 353 -6.80 4.16 8.03
CA GLU F 353 -6.73 3.21 9.13
C GLU F 353 -8.10 2.64 9.48
N HIS F 354 -9.13 3.49 9.47
CA HIS F 354 -10.47 3.01 9.79
C HIS F 354 -11.00 2.08 8.72
N GLU F 355 -10.76 2.39 7.44
CA GLU F 355 -11.20 1.51 6.36
C GLU F 355 -10.46 0.18 6.40
N ARG F 356 -9.16 0.21 6.71
CA ARG F 356 -8.37 -1.01 6.80
C ARG F 356 -8.81 -1.89 7.96
N ARG F 357 -9.07 -1.30 9.13
CA ARG F 357 -9.48 -2.13 10.25
C ARG F 357 -10.92 -2.59 10.11
N VAL F 358 -11.78 -1.83 9.41
CA VAL F 358 -13.12 -2.32 9.12
C VAL F 358 -13.06 -3.50 8.15
N ARG F 359 -12.18 -3.46 7.16
CA ARG F 359 -12.03 -4.60 6.26
C ARG F 359 -11.45 -5.81 6.98
N LYS F 360 -10.54 -5.60 7.95
CA LYS F 360 -9.99 -6.73 8.68
C LYS F 360 -11.01 -7.37 9.61
N ARG F 361 -11.78 -6.55 10.35
CA ARG F 361 -12.84 -7.10 11.20
C ARG F 361 -13.94 -7.73 10.37
N ARG F 362 -14.18 -7.20 9.17
CA ARG F 362 -15.15 -7.79 8.26
C ARG F 362 -14.71 -9.15 7.77
N ALA F 363 -13.41 -9.31 7.47
CA ALA F 363 -12.90 -10.60 7.04
C ALA F 363 -12.95 -11.63 8.17
N ARG F 364 -12.60 -11.20 9.39
CA ARG F 364 -12.76 -12.06 10.56
C ARG F 364 -14.21 -12.48 10.75
N LEU F 365 -15.15 -11.55 10.54
CA LEU F 365 -16.56 -11.86 10.70
C LEU F 365 -17.06 -12.81 9.62
N VAL F 366 -16.59 -12.65 8.39
CA VAL F 366 -17.02 -13.54 7.30
C VAL F 366 -16.53 -14.95 7.54
N VAL F 367 -15.25 -15.10 7.95
CA VAL F 367 -14.71 -16.43 8.27
C VAL F 367 -15.43 -17.03 9.47
N ALA F 368 -15.76 -16.21 10.47
CA ALA F 368 -16.44 -16.69 11.66
C ALA F 368 -17.84 -17.19 11.35
N VAL F 369 -18.59 -16.44 10.52
CA VAL F 369 -19.96 -16.83 10.25
C VAL F 369 -20.01 -18.01 9.27
N GLU F 370 -19.04 -18.13 8.37
CA GLU F 370 -18.94 -19.33 7.52
C GLU F 370 -18.65 -20.57 8.35
N GLU F 371 -17.64 -20.51 9.22
CA GLU F 371 -17.32 -21.65 10.08
C GLU F 371 -18.42 -21.91 11.10
N ALA F 372 -19.22 -20.90 11.41
CA ALA F 372 -20.37 -21.09 12.28
C ALA F 372 -21.48 -21.84 11.56
N PHE F 373 -21.78 -21.47 10.32
CA PHE F 373 -22.89 -22.14 9.63
C PHE F 373 -22.50 -23.52 9.15
N THR F 374 -21.20 -23.82 9.09
CA THR F 374 -20.81 -25.21 8.84
C THR F 374 -20.94 -26.12 10.06
N HIS F 375 -21.42 -25.61 11.20
CA HIS F 375 -21.61 -26.44 12.37
C HIS F 375 -22.99 -27.09 12.42
N ILE F 376 -23.88 -26.80 11.48
CA ILE F 376 -25.21 -27.40 11.47
C ILE F 376 -25.56 -27.86 10.06
N LYS F 377 -26.62 -28.65 9.97
CA LYS F 377 -27.09 -29.24 8.73
C LYS F 377 -28.57 -29.56 8.90
N ARG F 378 -29.30 -29.59 7.79
CA ARG F 378 -30.72 -29.93 7.80
C ARG F 378 -30.93 -31.37 8.26
N LEU F 379 -32.16 -31.68 8.67
CA LEU F 379 -32.52 -33.03 9.04
C LEU F 379 -33.84 -33.43 8.41
N VAL F 390 -32.09 -34.26 16.47
CA VAL F 390 -33.17 -33.28 16.52
C VAL F 390 -32.77 -32.06 17.34
N MET F 391 -32.99 -30.87 16.77
CA MET F 391 -32.60 -29.61 17.37
C MET F 391 -33.36 -28.48 16.70
N ASP F 392 -33.99 -27.62 17.52
CA ASP F 392 -34.78 -26.50 17.03
C ASP F 392 -33.88 -25.47 16.33
N PRO F 393 -34.44 -24.67 15.41
CA PRO F 393 -33.65 -23.58 14.83
C PRO F 393 -33.26 -22.51 15.84
N ARG F 394 -34.05 -22.31 16.89
CA ARG F 394 -33.62 -21.46 17.99
C ARG F 394 -32.43 -22.08 18.72
N GLU F 395 -32.49 -23.39 18.99
CA GLU F 395 -31.38 -24.08 19.65
C GLU F 395 -30.16 -24.17 18.75
N ALA F 396 -30.37 -24.34 17.44
CA ALA F 396 -29.23 -24.39 16.52
C ALA F 396 -28.58 -23.03 16.36
N ALA F 397 -29.40 -21.97 16.33
CA ALA F 397 -28.86 -20.61 16.29
C ALA F 397 -28.10 -20.28 17.55
N GLN F 398 -28.61 -20.69 18.71
CA GLN F 398 -27.92 -20.47 19.97
C GLN F 398 -26.63 -21.29 20.05
N ALA F 399 -26.61 -22.46 19.39
CA ALA F 399 -25.39 -23.26 19.37
C ALA F 399 -24.32 -22.64 18.47
N ILE F 400 -24.70 -22.21 17.27
CA ILE F 400 -23.71 -21.66 16.33
C ILE F 400 -23.42 -20.18 16.58
N PHE F 401 -24.11 -19.54 17.52
CA PHE F 401 -23.79 -18.15 17.83
C PHE F 401 -22.51 -18.04 18.65
N ALA F 402 -22.16 -19.09 19.40
CA ALA F 402 -20.99 -19.02 20.27
C ALA F 402 -19.69 -19.00 19.46
N SER F 403 -19.68 -19.58 18.27
CA SER F 403 -18.51 -19.56 17.41
C SER F 403 -18.40 -18.30 16.57
N MET F 404 -19.32 -17.35 16.73
CA MET F 404 -19.28 -16.13 15.94
C MET F 404 -19.60 -14.87 16.75
N ALA F 405 -19.85 -14.98 18.06
CA ALA F 405 -20.27 -13.83 18.84
C ALA F 405 -19.14 -12.84 19.04
N ARG F 406 -17.90 -13.34 19.11
CA ARG F 406 -16.76 -12.47 19.37
C ARG F 406 -16.42 -11.63 18.14
N ALA F 407 -16.42 -12.24 16.96
CA ALA F 407 -16.13 -11.50 15.74
C ALA F 407 -17.27 -10.57 15.37
N MET F 408 -18.51 -10.97 15.65
CA MET F 408 -19.65 -10.08 15.46
C MET F 408 -19.57 -8.88 16.40
N GLN F 409 -19.19 -9.11 17.66
CA GLN F 409 -19.06 -8.02 18.61
C GLN F 409 -17.93 -7.07 18.23
N LYS F 410 -16.83 -7.62 17.69
CA LYS F 410 -15.73 -6.76 17.25
C LYS F 410 -16.10 -5.95 16.01
N TYR F 411 -16.83 -6.56 15.08
CA TYR F 411 -17.24 -5.82 13.89
C TYR F 411 -18.29 -4.77 14.20
N LEU F 412 -19.19 -5.05 15.14
CA LEU F 412 -20.16 -4.03 15.53
C LEU F 412 -19.54 -2.96 16.41
N ARG F 413 -18.42 -3.24 17.07
CA ARG F 413 -17.71 -2.16 17.75
C ARG F 413 -16.94 -1.29 16.77
N THR F 414 -16.32 -1.89 15.74
CA THR F 414 -15.49 -1.07 14.86
C THR F 414 -16.31 -0.28 13.84
N THR F 415 -17.59 -0.59 13.66
CA THR F 415 -18.44 0.15 12.73
C THR F 415 -19.53 0.93 13.44
N LYS F 416 -19.42 1.06 14.78
CA LYS F 416 -20.31 1.88 15.62
C LYS F 416 -21.77 1.44 15.53
N GLN F 417 -21.98 0.14 15.37
CA GLN F 417 -23.32 -0.43 15.25
C GLN F 417 -23.71 -1.25 16.47
N GLN F 418 -23.26 -0.84 17.65
CA GLN F 418 -23.52 -1.64 18.85
C GLN F 418 -24.99 -1.58 19.31
N PRO F 419 -25.64 -0.43 19.50
CA PRO F 419 -27.01 -0.48 20.01
C PRO F 419 -28.07 -0.85 18.98
N TYR F 420 -27.66 -1.11 17.73
CA TYR F 420 -28.61 -1.55 16.71
C TYR F 420 -28.92 -3.03 16.83
N HIS F 421 -27.98 -3.81 17.36
CA HIS F 421 -28.07 -5.27 17.35
C HIS F 421 -27.84 -5.76 18.78
N THR F 422 -28.91 -6.16 19.45
CA THR F 422 -28.75 -6.88 20.70
C THR F 422 -28.43 -8.34 20.41
N MET F 423 -28.08 -9.08 21.47
CA MET F 423 -27.80 -10.51 21.33
C MET F 423 -29.07 -11.26 20.93
N GLU F 424 -30.21 -10.86 21.46
CA GLU F 424 -31.46 -11.52 21.13
C GLU F 424 -31.87 -11.26 19.69
N SER F 425 -31.59 -10.06 19.18
CA SER F 425 -31.91 -9.76 17.79
C SER F 425 -31.03 -10.55 16.83
N ILE F 426 -29.76 -10.73 17.17
CA ILE F 426 -28.86 -11.52 16.34
C ILE F 426 -29.24 -12.99 16.40
N LEU F 427 -29.71 -13.46 17.57
CA LEU F 427 -30.18 -14.85 17.67
C LEU F 427 -31.46 -15.07 16.87
N GLN F 428 -32.37 -14.10 16.89
CA GLN F 428 -33.60 -14.21 16.09
C GLN F 428 -33.28 -14.15 14.61
N HIS F 429 -32.30 -13.36 14.21
CA HIS F 429 -31.95 -13.30 12.79
C HIS F 429 -31.15 -14.53 12.35
N LEU F 430 -30.39 -15.14 13.26
CA LEU F 430 -29.75 -16.42 12.98
C LEU F 430 -30.77 -17.52 12.79
N GLU F 431 -31.78 -17.57 13.66
CA GLU F 431 -32.87 -18.52 13.54
C GLU F 431 -33.64 -18.29 12.23
N PHE F 432 -33.82 -17.02 11.88
CA PHE F 432 -34.46 -16.65 10.62
C PHE F 432 -33.65 -17.12 9.42
N CYS F 433 -32.33 -16.97 9.46
CA CYS F 433 -31.51 -17.34 8.31
C CYS F 433 -31.37 -18.84 8.16
N ILE F 434 -31.19 -19.57 9.26
CA ILE F 434 -31.06 -21.02 9.13
C ILE F 434 -32.40 -21.69 8.91
N THR F 435 -33.50 -21.03 9.27
CA THR F 435 -34.82 -21.57 8.96
C THR F 435 -35.10 -21.51 7.46
N HIS F 436 -34.76 -20.38 6.81
CA HIS F 436 -35.04 -20.17 5.42
C HIS F 436 -33.86 -20.50 4.51
N ASP F 437 -32.89 -21.28 5.03
CA ASP F 437 -31.75 -21.80 4.27
C ASP F 437 -30.89 -20.70 3.66
N MET F 438 -30.65 -19.65 4.44
CA MET F 438 -29.82 -18.54 4.00
C MET F 438 -28.35 -18.85 4.29
N THR F 439 -27.50 -18.43 3.36
CA THR F 439 -26.05 -18.64 3.46
C THR F 439 -25.46 -17.69 4.52
N PRO F 440 -24.18 -17.84 4.88
CA PRO F 440 -23.56 -16.84 5.77
C PRO F 440 -23.54 -15.42 5.23
N LYS F 441 -23.42 -15.23 3.92
CA LYS F 441 -23.36 -13.87 3.38
C LYS F 441 -24.73 -13.21 3.43
N ALA F 442 -25.79 -13.99 3.22
CA ALA F 442 -27.14 -13.50 3.38
C ALA F 442 -27.50 -13.25 4.84
N PHE F 443 -26.81 -13.90 5.76
CA PHE F 443 -26.92 -13.51 7.16
C PHE F 443 -26.20 -12.18 7.40
N LEU F 444 -25.01 -12.03 6.83
CA LEU F 444 -24.17 -10.89 7.14
C LEU F 444 -24.59 -9.60 6.47
N GLU F 445 -25.45 -9.64 5.45
CA GLU F 445 -25.84 -8.41 4.76
C GLU F 445 -26.59 -7.44 5.68
N ARG F 446 -27.23 -7.94 6.72
CA ARG F 446 -27.85 -7.09 7.73
C ARG F 446 -26.82 -6.36 8.58
N TYR F 447 -25.61 -6.89 8.70
CA TYR F 447 -24.64 -6.40 9.65
C TYR F 447 -23.45 -5.69 9.03
N LEU F 448 -23.13 -5.96 7.75
CA LEU F 448 -21.94 -5.38 7.16
C LEU F 448 -22.14 -3.90 6.85
N ALA F 449 -23.28 -3.56 6.25
CA ALA F 449 -23.63 -2.18 5.99
C ALA F 449 -24.58 -1.68 7.06
N ALA F 450 -24.83 -0.37 7.04
CA ALA F 450 -25.71 0.24 8.03
C ALA F 450 -27.15 -0.17 7.81
N GLY F 451 -27.67 0.03 6.61
CA GLY F 451 -29.03 -0.36 6.31
C GLY F 451 -30.04 0.68 6.78
N PRO F 452 -31.26 0.61 6.28
CA PRO F 452 -32.24 1.64 6.56
C PRO F 452 -32.89 1.50 7.93
N THR F 453 -33.75 2.47 8.24
CA THR F 453 -34.26 2.64 9.60
C THR F 453 -35.32 1.58 9.92
N ILE F 454 -36.10 1.16 8.93
CA ILE F 454 -37.16 0.20 9.19
C ILE F 454 -36.61 -1.21 9.38
N GLN F 455 -35.33 -1.42 9.07
CA GLN F 455 -34.69 -2.71 9.29
C GLN F 455 -34.53 -3.00 10.78
N TYR F 456 -34.62 -1.98 11.62
CA TYR F 456 -34.30 -2.10 13.03
C TYR F 456 -35.56 -2.05 13.89
N HIS F 457 -35.35 -1.98 15.20
CA HIS F 457 -36.43 -2.14 16.16
C HIS F 457 -37.31 -0.89 16.20
N LYS F 458 -38.56 -1.06 16.64
CA LYS F 458 -39.55 0.01 16.59
C LYS F 458 -39.26 1.16 17.54
N GLU F 459 -38.43 0.94 18.57
CA GLU F 459 -38.06 2.03 19.47
C GLU F 459 -37.10 3.01 18.81
N ARG F 460 -36.54 2.66 17.65
CA ARG F 460 -35.59 3.48 16.93
C ARG F 460 -36.23 4.21 15.76
N TRP F 461 -37.45 3.81 15.38
CA TRP F 461 -38.15 4.49 14.29
C TRP F 461 -38.55 5.89 14.70
N LEU F 462 -39.29 6.01 15.82
CA LEU F 462 -39.79 7.26 16.39
C LEU F 462 -40.59 8.06 15.36
N ALA F 463 -41.51 7.37 14.70
CA ALA F 463 -42.29 7.95 13.61
C ALA F 463 -43.34 8.94 14.10
N LYS F 464 -43.65 8.95 15.39
CA LYS F 464 -44.60 9.89 15.98
C LYS F 464 -43.92 11.16 16.48
N GLN F 465 -42.67 11.38 16.10
CA GLN F 465 -41.90 12.50 16.62
C GLN F 465 -41.33 13.36 15.51
N TRP F 466 -41.97 13.36 14.34
CA TRP F 466 -41.53 14.20 13.24
C TRP F 466 -42.20 15.55 13.31
N THR F 467 -41.51 16.57 12.79
CA THR F 467 -41.98 17.94 12.87
C THR F 467 -41.80 18.60 11.52
N LEU F 468 -42.85 19.24 11.01
CA LEU F 468 -42.83 19.83 9.69
C LEU F 468 -42.58 21.33 9.81
N VAL F 469 -41.41 21.76 9.37
CA VAL F 469 -40.96 23.15 9.50
C VAL F 469 -40.94 23.77 8.10
N SER F 470 -41.90 24.64 7.84
CA SER F 470 -42.01 25.27 6.52
C SER F 470 -42.36 26.73 6.69
N GLU F 471 -41.76 27.59 5.87
CA GLU F 471 -42.10 29.00 5.89
C GLU F 471 -43.44 29.26 5.21
N GLU F 472 -43.83 28.39 4.31
CA GLU F 472 -45.13 28.37 3.66
C GLU F 472 -46.14 27.64 4.53
N PRO F 473 -47.39 28.05 4.52
CA PRO F 473 -48.43 27.26 5.19
C PRO F 473 -48.61 25.92 4.47
N VAL F 474 -48.59 24.83 5.24
CA VAL F 474 -48.30 23.51 4.69
C VAL F 474 -49.45 22.88 3.95
N THR F 475 -50.60 23.56 3.86
CA THR F 475 -51.69 23.07 3.03
C THR F 475 -51.58 23.52 1.58
N ASN F 476 -50.60 24.35 1.25
CA ASN F 476 -50.37 24.73 -0.13
C ASN F 476 -49.54 23.69 -0.85
N GLY F 477 -49.75 23.59 -2.15
CA GLY F 477 -48.98 22.69 -2.97
C GLY F 477 -47.55 23.15 -3.14
N LEU F 478 -46.72 22.25 -3.67
CA LEU F 478 -45.33 22.59 -3.91
C LEU F 478 -45.20 23.53 -5.10
N LYS F 479 -44.08 24.25 -5.13
CA LYS F 479 -43.69 25.02 -6.28
C LYS F 479 -42.16 25.05 -6.32
N ASP F 480 -41.62 25.63 -7.38
CA ASP F 480 -40.18 25.66 -7.57
C ASP F 480 -39.53 26.57 -6.54
N GLY F 481 -38.78 25.97 -5.62
CA GLY F 481 -38.08 26.71 -4.57
C GLY F 481 -38.58 26.46 -3.17
N ILE F 482 -39.54 25.56 -2.98
CA ILE F 482 -40.02 25.25 -1.63
C ILE F 482 -38.97 24.43 -0.91
N VAL F 483 -38.55 24.92 0.25
CA VAL F 483 -37.65 24.20 1.13
C VAL F 483 -38.36 24.00 2.46
N PHE F 484 -38.43 22.75 2.91
CA PHE F 484 -38.98 22.50 4.24
C PHE F 484 -38.17 21.44 4.96
N LEU F 485 -38.27 21.48 6.29
CA LEU F 485 -37.54 20.58 7.15
C LEU F 485 -38.50 19.55 7.71
N LEU F 486 -38.04 18.31 7.78
CA LEU F 486 -38.68 17.26 8.55
C LEU F 486 -37.76 17.01 9.73
N LYS F 487 -37.99 17.77 10.80
CA LYS F 487 -37.15 17.68 11.97
C LYS F 487 -37.53 16.50 12.84
N ARG F 488 -36.55 16.06 13.61
CA ARG F 488 -36.70 15.02 14.61
C ARG F 488 -35.80 15.49 15.75
N GLN F 489 -35.79 14.76 16.86
CA GLN F 489 -34.94 15.16 17.98
C GLN F 489 -33.47 14.95 17.67
N ASP F 490 -33.19 14.08 16.70
CA ASP F 490 -31.81 13.69 16.42
C ASP F 490 -31.24 14.44 15.22
N PHE F 491 -32.04 14.62 14.17
CA PHE F 491 -31.56 15.13 12.90
C PHE F 491 -32.68 15.91 12.23
N SER F 492 -32.50 16.23 10.96
CA SER F 492 -33.52 16.92 10.17
C SER F 492 -33.36 16.56 8.71
N LEU F 493 -34.48 16.30 8.05
CA LEU F 493 -34.52 16.04 6.61
C LEU F 493 -34.79 17.37 5.89
N VAL F 494 -33.77 17.91 5.24
CA VAL F 494 -33.91 19.15 4.49
C VAL F 494 -34.39 18.76 3.09
N VAL F 495 -35.52 19.33 2.68
CA VAL F 495 -36.16 18.98 1.42
C VAL F 495 -36.20 20.22 0.55
N SER F 496 -35.56 20.15 -0.62
CA SER F 496 -35.59 21.19 -1.62
C SER F 496 -36.43 20.74 -2.81
N THR F 497 -37.27 21.63 -3.31
CA THR F 497 -38.18 21.33 -4.41
C THR F 497 -37.73 22.09 -5.66
N LYS F 498 -37.59 21.37 -6.76
CA LYS F 498 -37.36 21.98 -8.05
C LYS F 498 -38.42 21.50 -9.03
N LYS F 499 -38.76 22.35 -9.98
CA LYS F 499 -39.75 21.99 -10.99
C LYS F 499 -39.08 21.08 -12.02
N VAL F 500 -39.76 20.00 -12.38
CA VAL F 500 -39.32 19.15 -13.49
C VAL F 500 -39.42 19.99 -14.76
N PRO F 501 -38.35 20.14 -15.52
CA PRO F 501 -38.33 21.12 -16.61
C PRO F 501 -39.16 20.69 -17.80
N PHE F 502 -39.57 21.69 -18.57
CA PHE F 502 -40.30 21.45 -19.81
C PHE F 502 -39.38 20.83 -20.84
N PHE F 503 -39.85 19.79 -21.52
CA PHE F 503 -39.05 19.12 -22.53
C PHE F 503 -39.58 19.46 -23.91
N LYS F 504 -38.68 19.69 -24.86
CA LYS F 504 -39.04 19.81 -26.25
C LYS F 504 -38.28 18.73 -27.00
N LEU F 505 -38.92 17.58 -27.20
CA LEU F 505 -38.35 16.55 -28.04
C LEU F 505 -38.55 16.88 -29.51
N SER F 506 -37.49 16.67 -30.29
CA SER F 506 -37.57 16.66 -31.74
C SER F 506 -37.37 15.23 -32.20
N GLU F 507 -37.79 14.94 -33.43
CA GLU F 507 -37.61 13.61 -34.00
C GLU F 507 -36.57 13.67 -35.09
N GLU F 508 -35.65 12.72 -35.08
CA GLU F 508 -34.62 12.58 -36.10
C GLU F 508 -34.63 11.15 -36.58
N PHE F 509 -34.79 10.95 -37.88
CA PHE F 509 -34.78 9.62 -38.46
C PHE F 509 -33.38 9.31 -38.97
N VAL F 510 -32.86 8.15 -38.57
CA VAL F 510 -31.61 7.64 -39.12
C VAL F 510 -31.91 6.37 -39.89
N ASP F 511 -31.07 6.06 -40.83
CA ASP F 511 -31.20 4.85 -41.60
C ASP F 511 -30.26 3.79 -41.03
N PRO F 512 -30.76 2.59 -40.68
CA PRO F 512 -29.84 1.50 -40.27
C PRO F 512 -28.89 1.06 -41.37
N LYS F 513 -29.23 1.29 -42.64
CA LYS F 513 -28.29 1.10 -43.73
C LYS F 513 -27.18 2.14 -43.73
N SER F 514 -27.45 3.35 -43.21
CA SER F 514 -26.50 4.45 -43.30
C SER F 514 -25.38 4.40 -42.26
N HIS F 515 -25.27 3.32 -41.50
CA HIS F 515 -24.17 3.17 -40.54
C HIS F 515 -23.02 2.47 -41.26
N LYS F 516 -22.12 3.27 -41.83
CA LYS F 516 -20.98 2.76 -42.58
C LYS F 516 -19.69 3.21 -41.92
N PHE F 517 -18.64 2.38 -42.06
CA PHE F 517 -17.44 2.47 -41.25
C PHE F 517 -16.20 2.30 -42.11
N VAL F 518 -15.10 2.88 -41.63
CA VAL F 518 -13.78 2.74 -42.25
C VAL F 518 -12.82 2.21 -41.20
N MET F 519 -11.59 1.92 -41.63
CA MET F 519 -10.57 1.35 -40.76
C MET F 519 -9.58 2.42 -40.26
N ARG F 520 -9.69 3.65 -40.72
CA ARG F 520 -8.71 4.68 -40.40
C ARG F 520 -9.24 5.55 -39.27
N LEU F 521 -8.48 5.59 -38.17
CA LEU F 521 -8.70 6.47 -37.01
C LEU F 521 -10.08 6.27 -36.37
#